data_8PJ0
#
_entry.id   8PJ0
#
_cell.length_a   72.461
_cell.length_b   141.345
_cell.length_c   72.484
_cell.angle_alpha   90
_cell.angle_beta   91.64
_cell.angle_gamma   90
#
_symmetry.space_group_name_H-M   'P 1 21 1'
#
loop_
_entity.id
_entity.type
_entity.pdbx_description
1 polymer '3-oxoacyl-[acyl-carrier-protein] synthase 2'
2 non-polymer 'DIMETHYL SULFOXIDE'
3 non-polymer 'FORMIC ACID'
4 non-polymer ~{N}-(1,5-dimethyl-3-oxidanylidene-2-phenyl-pyrazol-4-yl)-3-methyl-butanamide
5 water water
#
_entity_poly.entity_id   1
_entity_poly.type   'polypeptide(L)'
_entity_poly.pdbx_seq_one_letter_code
;SRRRVVITGMGMLSPLGLDVPSSWEGILAGRSGIAPIEHMDLSAYSTRFGGSVKGFNVEEYLSAKEARKLDLFIQYGLAA
SFQAVRDSGLEVTDANRERIGVSMGSGIGGLTNIENNCRSLFEQGPRRISPFFVPGSIINMVSGFLSIHLGLQGPNYALT
TAATTGTHSIGMAARNIAYGEADVMVAGGSEMAACGLGLGGFGAARALSTRNDEPTRASRPWDRDRDGFVLSDGSGALVL
EELEHARARGARIYAELVGFGMSGDAFHMTAPPEDGAGAARCMKNALRDAGLDPRQVDYINAHGTSTPAGDIAEIAAVKS
VFGEHAHALSMSSTKSMTGHLLGAAGAVEAIFSVLALRDQVAPPTINLDNPDEGCDLDLVAHEAKPRKIDVALSNSFGFG
GTNGTLVFRRFA
;
_entity_poly.pdbx_strand_id   A,B,C,D
#
loop_
_chem_comp.id
_chem_comp.type
_chem_comp.name
_chem_comp.formula
DMS non-polymer 'DIMETHYL SULFOXIDE' 'C2 H6 O S'
FMT non-polymer 'FORMIC ACID' 'C H2 O2'
ZHX non-polymer ~{N}-(1,5-dimethyl-3-oxidanylidene-2-phenyl-pyrazol-4-yl)-3-methyl-butanamide 'C16 H21 N3 O2'
#
# COMPACT_ATOMS: atom_id res chain seq x y z
N SER A 1 20.46 -18.16 28.72
CA SER A 1 20.23 -19.13 29.79
C SER A 1 19.39 -20.31 29.29
N ARG A 2 20.02 -21.09 28.39
CA ARG A 2 19.38 -22.21 27.71
C ARG A 2 20.17 -23.51 27.85
N ARG A 3 19.51 -24.62 27.51
CA ARG A 3 20.04 -25.95 27.76
C ARG A 3 20.88 -26.41 26.58
N ARG A 4 21.80 -27.33 26.86
CA ARG A 4 22.73 -27.83 25.85
C ARG A 4 22.08 -29.01 25.13
N VAL A 5 22.42 -29.16 23.85
CA VAL A 5 21.82 -30.15 22.98
C VAL A 5 22.92 -31.04 22.41
N VAL A 6 22.75 -32.36 22.57
CA VAL A 6 23.72 -33.32 22.10
C VAL A 6 23.05 -34.30 21.13
N ILE A 7 23.88 -34.97 20.32
CA ILE A 7 23.42 -35.97 19.35
C ILE A 7 23.67 -37.36 19.92
N THR A 8 22.58 -38.13 20.11
CA THR A 8 22.69 -39.43 20.74
C THR A 8 22.33 -40.59 19.82
N GLY A 9 21.88 -40.28 18.60
CA GLY A 9 21.49 -41.32 17.65
C GLY A 9 21.46 -40.75 16.24
N MET A 10 21.82 -41.59 15.26
CA MET A 10 21.82 -41.17 13.87
C MET A 10 21.31 -42.32 13.00
N GLY A 11 20.69 -41.96 11.88
CA GLY A 11 20.19 -42.92 10.91
C GLY A 11 20.17 -42.33 9.50
N MET A 12 20.25 -43.22 8.51
CA MET A 12 20.48 -42.78 7.13
C MET A 12 20.11 -43.82 6.07
N LEU A 13 19.54 -43.34 4.96
CA LEU A 13 19.56 -44.04 3.68
C LEU A 13 20.25 -43.08 2.71
N SER A 14 21.21 -43.59 1.93
CA SER A 14 21.87 -42.74 0.96
C SER A 14 22.26 -43.54 -0.28
N PRO A 15 22.72 -42.89 -1.37
CA PRO A 15 23.27 -43.61 -2.51
C PRO A 15 24.52 -44.45 -2.22
N LEU A 16 25.14 -44.25 -1.04
CA LEU A 16 26.30 -45.00 -0.61
C LEU A 16 26.01 -46.14 0.35
N GLY A 17 24.79 -46.21 0.91
CA GLY A 17 24.50 -47.27 1.85
C GLY A 17 23.13 -47.18 2.50
N LEU A 18 22.69 -48.32 3.06
CA LEU A 18 21.38 -48.42 3.69
C LEU A 18 21.38 -48.11 5.18
N ASP A 19 22.50 -47.58 5.67
CA ASP A 19 22.61 -47.14 7.06
C ASP A 19 23.80 -46.19 7.16
N VAL A 20 24.06 -45.70 8.38
CA VAL A 20 25.13 -44.75 8.60
C VAL A 20 26.52 -45.36 8.40
N PRO A 21 26.89 -46.48 9.07
N PRO A 21 26.89 -46.48 9.07
CA PRO A 21 28.24 -47.03 8.90
CA PRO A 21 28.24 -47.03 8.90
C PRO A 21 28.61 -47.35 7.45
C PRO A 21 28.61 -47.35 7.45
N SER A 22 27.67 -47.94 6.71
CA SER A 22 27.93 -48.31 5.32
C SER A 22 28.11 -47.07 4.42
N SER A 23 27.30 -46.04 4.65
CA SER A 23 27.45 -44.76 3.95
C SER A 23 28.79 -44.08 4.24
N TRP A 24 29.14 -44.02 5.53
CA TRP A 24 30.38 -43.39 5.96
C TRP A 24 31.62 -44.11 5.44
N GLU A 25 31.58 -45.45 5.38
CA GLU A 25 32.68 -46.20 4.79
C GLU A 25 32.91 -45.75 3.34
N GLY A 26 31.81 -45.64 2.58
CA GLY A 26 31.87 -45.15 1.22
C GLY A 26 32.44 -43.73 1.13
N ILE A 27 31.97 -42.85 2.03
CA ILE A 27 32.47 -41.48 2.10
C ILE A 27 33.99 -41.47 2.29
N LEU A 28 34.50 -42.19 3.29
CA LEU A 28 35.93 -42.15 3.55
C LEU A 28 36.76 -42.80 2.45
N ALA A 29 36.15 -43.74 1.69
CA ALA A 29 36.83 -44.38 0.58
C ALA A 29 36.75 -43.61 -0.74
N GLY A 30 36.03 -42.48 -0.76
CA GLY A 30 35.89 -41.70 -1.97
C GLY A 30 35.02 -42.36 -3.03
N ARG A 31 34.09 -43.22 -2.59
CA ARG A 31 33.25 -43.97 -3.51
C ARG A 31 32.13 -43.08 -4.03
N SER A 32 31.74 -43.27 -5.28
CA SER A 32 30.56 -42.60 -5.84
C SER A 32 29.33 -43.50 -5.68
N GLY A 33 28.21 -42.85 -5.37
CA GLY A 33 26.91 -43.52 -5.30
C GLY A 33 26.04 -43.24 -6.53
N ILE A 34 26.66 -42.66 -7.58
CA ILE A 34 25.92 -42.18 -8.74
C ILE A 34 25.98 -43.22 -9.86
N ALA A 35 24.82 -43.48 -10.47
CA ALA A 35 24.73 -44.49 -11.52
C ALA A 35 23.54 -44.18 -12.42
N PRO A 36 23.51 -44.76 -13.65
CA PRO A 36 22.30 -44.68 -14.48
C PRO A 36 21.08 -45.13 -13.69
N ILE A 37 19.98 -44.39 -13.81
CA ILE A 37 18.75 -44.71 -13.10
C ILE A 37 18.12 -45.93 -13.76
N GLU A 38 17.67 -46.87 -12.92
CA GLU A 38 17.12 -48.14 -13.39
C GLU A 38 15.60 -48.26 -13.28
N HIS A 39 14.98 -47.44 -12.43
CA HIS A 39 13.59 -47.63 -12.06
C HIS A 39 12.65 -46.92 -13.03
N MET A 40 13.19 -46.14 -13.97
CA MET A 40 12.34 -45.62 -15.05
C MET A 40 13.15 -45.47 -16.32
N ASP A 41 12.41 -45.32 -17.43
CA ASP A 41 12.98 -45.10 -18.75
C ASP A 41 13.20 -43.61 -18.94
N LEU A 42 14.48 -43.19 -18.91
CA LEU A 42 14.83 -41.79 -19.10
C LEU A 42 15.40 -41.48 -20.49
N SER A 43 15.05 -42.31 -21.49
CA SER A 43 15.52 -42.11 -22.85
CA SER A 43 15.52 -42.11 -22.85
C SER A 43 15.20 -40.72 -23.40
N ALA A 44 14.08 -40.14 -22.96
CA ALA A 44 13.63 -38.82 -23.43
C ALA A 44 14.22 -37.64 -22.66
N TYR A 45 15.01 -37.92 -21.61
CA TYR A 45 15.49 -36.87 -20.72
C TYR A 45 16.95 -36.60 -21.03
N SER A 46 17.41 -35.41 -20.67
CA SER A 46 18.80 -35.01 -20.91
C SER A 46 19.74 -35.46 -19.80
N THR A 47 19.16 -35.83 -18.65
CA THR A 47 19.89 -36.46 -17.55
C THR A 47 19.26 -37.80 -17.23
N ARG A 48 20.08 -38.86 -17.23
CA ARG A 48 19.61 -40.23 -17.12
C ARG A 48 20.25 -41.01 -15.98
N PHE A 49 20.91 -40.28 -15.08
CA PHE A 49 21.61 -40.83 -13.93
C PHE A 49 21.28 -40.03 -12.67
N GLY A 50 21.63 -40.61 -11.53
CA GLY A 50 21.42 -39.95 -10.25
C GLY A 50 21.89 -40.86 -9.11
N GLY A 51 21.62 -40.41 -7.89
CA GLY A 51 21.99 -41.16 -6.70
C GLY A 51 20.76 -41.87 -6.15
N SER A 52 20.63 -43.16 -6.47
CA SER A 52 19.51 -43.95 -6.02
C SER A 52 19.87 -44.70 -4.73
N VAL A 53 18.87 -44.99 -3.90
CA VAL A 53 19.02 -45.91 -2.78
C VAL A 53 18.89 -47.31 -3.37
N LYS A 54 19.91 -48.15 -3.18
CA LYS A 54 19.94 -49.48 -3.76
C LYS A 54 19.59 -50.55 -2.73
N GLY A 55 18.60 -51.39 -3.03
CA GLY A 55 18.27 -52.55 -2.23
C GLY A 55 17.50 -52.27 -0.94
N PHE A 56 16.84 -51.10 -0.87
CA PHE A 56 15.99 -50.79 0.26
C PHE A 56 14.87 -51.80 0.46
N ASN A 57 14.72 -52.29 1.69
CA ASN A 57 13.63 -53.18 2.06
C ASN A 57 12.82 -52.52 3.18
N VAL A 58 11.70 -51.90 2.79
CA VAL A 58 10.86 -51.18 3.73
C VAL A 58 10.31 -52.13 4.80
N GLU A 59 10.24 -53.43 4.50
CA GLU A 59 9.68 -54.40 5.42
C GLU A 59 10.60 -54.67 6.62
N GLU A 60 11.84 -54.18 6.58
CA GLU A 60 12.68 -54.12 7.77
C GLU A 60 12.13 -53.15 8.83
N TYR A 61 11.31 -52.19 8.39
CA TYR A 61 10.80 -51.14 9.25
C TYR A 61 9.29 -51.20 9.48
N LEU A 62 8.55 -51.61 8.45
CA LEU A 62 7.10 -51.55 8.43
C LEU A 62 6.53 -52.82 7.83
N SER A 63 5.29 -53.16 8.18
CA SER A 63 4.59 -54.22 7.46
C SER A 63 4.35 -53.78 6.02
N ALA A 64 4.24 -54.76 5.11
CA ALA A 64 3.90 -54.48 3.71
C ALA A 64 2.60 -53.68 3.60
N LYS A 65 1.63 -54.02 4.46
CA LYS A 65 0.33 -53.37 4.49
C LYS A 65 0.43 -51.86 4.75
N GLU A 66 1.16 -51.49 5.81
CA GLU A 66 1.41 -50.09 6.12
C GLU A 66 2.20 -49.39 5.02
N ALA A 67 3.20 -50.08 4.47
CA ALA A 67 4.10 -49.42 3.50
C ALA A 67 3.42 -49.07 2.18
N ARG A 68 2.43 -49.84 1.74
CA ARG A 68 1.79 -49.62 0.42
C ARG A 68 0.99 -48.30 0.41
N LYS A 69 0.73 -47.74 1.58
CA LYS A 69 -0.01 -46.47 1.70
C LYS A 69 0.94 -45.28 1.69
N LEU A 70 2.26 -45.50 1.62
CA LEU A 70 3.20 -44.41 1.82
C LEU A 70 4.12 -44.21 0.61
N ASP A 71 4.26 -42.94 0.19
CA ASP A 71 5.25 -42.57 -0.81
C ASP A 71 6.64 -42.98 -0.33
N LEU A 72 7.53 -43.22 -1.30
CA LEU A 72 8.90 -43.55 -1.00
C LEU A 72 9.59 -42.54 -0.09
N PHE A 73 9.32 -41.23 -0.22
CA PHE A 73 10.04 -40.29 0.62
C PHE A 73 9.65 -40.49 2.09
N ILE A 74 8.42 -40.92 2.34
CA ILE A 74 7.98 -41.20 3.70
C ILE A 74 8.65 -42.49 4.20
N GLN A 75 8.65 -43.52 3.37
CA GLN A 75 9.34 -44.76 3.71
C GLN A 75 10.80 -44.49 4.08
N TYR A 76 11.48 -43.68 3.26
CA TYR A 76 12.88 -43.35 3.53
C TYR A 76 13.04 -42.57 4.83
N GLY A 77 12.17 -41.57 5.06
CA GLY A 77 12.27 -40.77 6.28
C GLY A 77 12.05 -41.61 7.54
N LEU A 78 11.07 -42.51 7.46
CA LEU A 78 10.80 -43.41 8.58
C LEU A 78 11.98 -44.36 8.83
N ALA A 79 12.59 -44.89 7.76
CA ALA A 79 13.73 -45.77 7.92
C ALA A 79 14.87 -45.07 8.67
N ALA A 80 15.22 -43.85 8.25
CA ALA A 80 16.28 -43.12 8.91
C ALA A 80 15.91 -42.78 10.36
N SER A 81 14.65 -42.37 10.59
CA SER A 81 14.15 -42.06 11.92
C SER A 81 14.21 -43.25 12.87
N PHE A 82 13.70 -44.39 12.40
CA PHE A 82 13.75 -45.61 13.20
C PHE A 82 15.18 -46.02 13.54
N GLN A 83 16.10 -45.91 12.56
CA GLN A 83 17.50 -46.19 12.80
C GLN A 83 18.04 -45.28 13.90
N ALA A 84 17.77 -43.96 13.78
CA ALA A 84 18.27 -43.00 14.75
C ALA A 84 17.76 -43.28 16.16
N VAL A 85 16.45 -43.57 16.31
CA VAL A 85 15.89 -43.85 17.63
C VAL A 85 16.49 -45.10 18.26
N ARG A 86 16.63 -46.15 17.45
CA ARG A 86 17.26 -47.40 17.95
C ARG A 86 18.70 -47.11 18.33
N ASP A 87 19.42 -46.38 17.48
CA ASP A 87 20.80 -46.04 17.77
C ASP A 87 20.96 -45.27 19.08
N SER A 88 19.96 -44.43 19.43
CA SER A 88 20.02 -43.64 20.66
C SER A 88 19.82 -44.47 21.93
N GLY A 89 19.15 -45.62 21.81
CA GLY A 89 18.81 -46.44 22.96
C GLY A 89 17.69 -45.91 23.85
N LEU A 90 17.04 -44.81 23.42
CA LEU A 90 15.98 -44.19 24.19
C LEU A 90 14.78 -45.12 24.33
N GLU A 91 14.25 -45.21 25.56
CA GLU A 91 13.02 -45.91 25.85
C GLU A 91 11.91 -44.88 26.07
N VAL A 92 10.86 -44.95 25.24
CA VAL A 92 9.72 -44.05 25.33
C VAL A 92 8.76 -44.59 26.38
N THR A 93 8.36 -43.74 27.35
CA THR A 93 7.46 -44.12 28.43
C THR A 93 6.37 -43.06 28.58
N ASP A 94 5.38 -43.31 29.46
CA ASP A 94 4.39 -42.31 29.78
C ASP A 94 5.01 -41.08 30.43
N ALA A 95 6.13 -41.30 31.14
CA ALA A 95 6.81 -40.22 31.83
C ALA A 95 7.57 -39.29 30.90
N ASN A 96 7.91 -39.73 29.68
CA ASN A 96 8.63 -38.86 28.77
C ASN A 96 8.03 -38.64 27.38
N ARG A 97 6.95 -39.34 27.03
CA ARG A 97 6.46 -39.28 25.66
C ARG A 97 5.99 -37.88 25.24
N GLU A 98 5.50 -37.06 26.19
CA GLU A 98 5.12 -35.69 25.88
C GLU A 98 6.32 -34.78 25.65
N ARG A 99 7.52 -35.27 25.97
CA ARG A 99 8.76 -34.50 25.87
C ARG A 99 9.63 -34.91 24.69
N ILE A 100 9.10 -35.81 23.85
CA ILE A 100 9.79 -36.31 22.67
C ILE A 100 8.97 -35.95 21.43
N GLY A 101 9.57 -35.19 20.51
CA GLY A 101 8.89 -34.80 19.30
C GLY A 101 9.69 -35.14 18.04
N VAL A 102 9.21 -34.60 16.91
CA VAL A 102 9.72 -34.96 15.60
C VAL A 102 9.62 -33.77 14.66
N SER A 103 10.72 -33.55 13.94
CA SER A 103 10.78 -32.56 12.87
C SER A 103 11.58 -33.15 11.72
N MET A 104 10.89 -33.89 10.84
CA MET A 104 11.46 -34.44 9.62
C MET A 104 10.80 -33.71 8.46
N GLY A 105 11.61 -33.14 7.57
CA GLY A 105 11.11 -32.37 6.47
C GLY A 105 11.43 -32.99 5.11
N SER A 106 10.96 -32.30 4.07
CA SER A 106 11.21 -32.68 2.69
C SER A 106 11.06 -31.42 1.83
N GLY A 107 11.83 -31.38 0.74
CA GLY A 107 11.77 -30.27 -0.21
C GLY A 107 10.54 -30.33 -1.12
N ILE A 108 10.29 -31.50 -1.73
CA ILE A 108 9.15 -31.62 -2.62
C ILE A 108 8.16 -32.72 -2.24
N GLY A 109 8.50 -33.59 -1.29
CA GLY A 109 7.55 -34.58 -0.80
C GLY A 109 7.18 -35.63 -1.85
N GLY A 110 5.91 -36.03 -1.89
CA GLY A 110 5.48 -37.27 -2.52
C GLY A 110 5.26 -37.15 -4.04
N LEU A 111 6.30 -36.73 -4.76
CA LEU A 111 6.19 -36.46 -6.19
C LEU A 111 5.84 -37.71 -6.99
N THR A 112 6.44 -38.85 -6.62
CA THR A 112 6.15 -40.11 -7.28
C THR A 112 4.68 -40.47 -7.13
N ASN A 113 4.16 -40.40 -5.89
CA ASN A 113 2.76 -40.70 -5.65
C ASN A 113 1.85 -39.75 -6.43
N ILE A 114 2.21 -38.46 -6.45
CA ILE A 114 1.43 -37.47 -7.16
C ILE A 114 1.38 -37.80 -8.65
N GLU A 115 2.54 -38.11 -9.22
CA GLU A 115 2.64 -38.46 -10.63
C GLU A 115 1.80 -39.68 -10.97
N ASN A 116 1.86 -40.74 -10.14
CA ASN A 116 1.08 -41.94 -10.38
C ASN A 116 -0.43 -41.72 -10.26
N ASN A 117 -0.86 -40.94 -9.27
CA ASN A 117 -2.28 -40.64 -9.09
C ASN A 117 -2.78 -39.72 -10.20
N CYS A 118 -1.90 -38.86 -10.71
CA CYS A 118 -2.24 -37.93 -11.82
C CYS A 118 -2.46 -38.75 -13.11
N ARG A 119 -1.68 -39.82 -13.32
CA ARG A 119 -1.86 -40.69 -14.46
C ARG A 119 -3.23 -41.37 -14.41
N SER A 120 -3.57 -41.93 -13.24
CA SER A 120 -4.87 -42.55 -13.05
C SER A 120 -6.00 -41.55 -13.29
N LEU A 121 -5.85 -40.34 -12.73
CA LEU A 121 -6.85 -39.29 -12.89
C LEU A 121 -7.10 -38.93 -14.36
N PHE A 122 -6.02 -38.72 -15.12
CA PHE A 122 -6.18 -38.32 -16.51
C PHE A 122 -6.69 -39.45 -17.40
N GLU A 123 -6.23 -40.68 -17.14
CA GLU A 123 -6.62 -41.81 -17.97
C GLU A 123 -8.01 -42.33 -17.64
N GLN A 124 -8.38 -42.29 -16.36
CA GLN A 124 -9.56 -43.00 -15.87
C GLN A 124 -10.52 -42.17 -15.01
N GLY A 125 -10.13 -40.95 -14.65
CA GLY A 125 -10.95 -40.08 -13.84
C GLY A 125 -10.65 -40.17 -12.34
N PRO A 126 -11.31 -39.33 -11.52
CA PRO A 126 -10.96 -39.18 -10.11
C PRO A 126 -11.25 -40.39 -9.23
N ARG A 127 -12.18 -41.25 -9.67
CA ARG A 127 -12.52 -42.45 -8.93
C ARG A 127 -11.37 -43.44 -8.80
N ARG A 128 -10.29 -43.27 -9.58
CA ARG A 128 -9.14 -44.15 -9.51
C ARG A 128 -8.05 -43.66 -8.54
N ILE A 129 -8.24 -42.47 -7.97
CA ILE A 129 -7.29 -41.93 -7.00
C ILE A 129 -7.33 -42.74 -5.72
N SER A 130 -6.18 -43.04 -5.13
CA SER A 130 -6.14 -43.80 -3.89
C SER A 130 -6.78 -43.04 -2.71
N PRO A 131 -7.55 -43.73 -1.83
CA PRO A 131 -8.01 -43.14 -0.58
C PRO A 131 -6.88 -42.69 0.35
N PHE A 132 -5.69 -43.30 0.17
CA PHE A 132 -4.53 -42.99 0.96
C PHE A 132 -3.63 -41.93 0.32
N PHE A 133 -4.06 -41.39 -0.84
CA PHE A 133 -3.21 -40.48 -1.59
C PHE A 133 -2.76 -39.29 -0.76
N VAL A 134 -3.69 -38.59 -0.10
CA VAL A 134 -3.30 -37.39 0.63
C VAL A 134 -2.40 -37.70 1.82
N PRO A 135 -2.82 -38.53 2.81
CA PRO A 135 -1.97 -38.79 3.98
C PRO A 135 -0.68 -39.52 3.65
N GLY A 136 -0.64 -40.25 2.53
CA GLY A 136 0.53 -41.00 2.10
C GLY A 136 1.49 -40.19 1.22
N SER A 137 1.18 -38.90 0.99
CA SER A 137 1.98 -38.08 0.10
C SER A 137 2.42 -36.73 0.67
N ILE A 138 1.76 -36.24 1.73
CA ILE A 138 2.08 -34.92 2.23
C ILE A 138 3.31 -34.93 3.13
N ILE A 139 4.02 -33.80 3.17
CA ILE A 139 5.36 -33.75 3.71
C ILE A 139 5.45 -34.03 5.22
N ASN A 140 4.41 -33.64 5.98
CA ASN A 140 4.48 -33.77 7.43
C ASN A 140 4.20 -35.18 7.93
N MET A 141 4.04 -36.13 7.01
CA MET A 141 3.62 -37.50 7.45
C MET A 141 4.81 -38.37 7.89
N VAL A 142 6.05 -37.96 7.62
CA VAL A 142 7.16 -38.63 8.30
C VAL A 142 7.05 -38.39 9.81
N SER A 143 6.93 -37.11 10.18
CA SER A 143 6.69 -36.73 11.57
C SER A 143 5.42 -37.37 12.11
N GLY A 144 4.34 -37.32 11.32
CA GLY A 144 3.07 -37.91 11.72
C GLY A 144 3.18 -39.42 11.99
N PHE A 145 3.61 -40.19 10.98
CA PHE A 145 3.69 -41.63 11.13
C PHE A 145 4.69 -42.08 12.19
N LEU A 146 5.85 -41.40 12.25
CA LEU A 146 6.83 -41.72 13.28
C LEU A 146 6.24 -41.55 14.68
N SER A 147 5.52 -40.44 14.89
CA SER A 147 4.91 -40.18 16.19
C SER A 147 3.90 -41.26 16.54
N ILE A 148 3.12 -41.69 15.55
CA ILE A 148 2.13 -42.72 15.77
C ILE A 148 2.80 -44.05 16.12
N HIS A 149 3.85 -44.41 15.36
CA HIS A 149 4.50 -45.71 15.53
C HIS A 149 5.22 -45.81 16.88
N LEU A 150 5.83 -44.70 17.33
CA LEU A 150 6.63 -44.71 18.56
C LEU A 150 5.95 -44.10 19.79
N GLY A 151 4.74 -43.55 19.61
CA GLY A 151 4.00 -42.95 20.71
C GLY A 151 4.57 -41.61 21.17
N LEU A 152 5.08 -40.81 20.21
CA LEU A 152 5.68 -39.52 20.52
C LEU A 152 4.65 -38.40 20.52
N GLN A 153 4.52 -37.69 21.66
CA GLN A 153 3.48 -36.69 21.81
C GLN A 153 3.98 -35.25 21.91
N GLY A 154 5.29 -35.08 21.73
CA GLY A 154 5.93 -33.77 21.78
C GLY A 154 5.74 -32.98 20.48
N PRO A 155 6.43 -31.83 20.34
CA PRO A 155 6.25 -30.98 19.16
C PRO A 155 6.40 -31.80 17.88
N ASN A 156 5.44 -31.63 16.98
CA ASN A 156 5.29 -32.46 15.79
C ASN A 156 5.11 -31.54 14.58
N TYR A 157 6.15 -31.43 13.76
CA TYR A 157 6.07 -30.54 12.62
C TYR A 157 7.04 -30.92 11.51
N ALA A 158 6.98 -30.17 10.41
CA ALA A 158 7.81 -30.41 9.25
C ALA A 158 8.14 -29.11 8.55
N LEU A 159 9.43 -28.94 8.21
CA LEU A 159 9.93 -27.85 7.41
C LEU A 159 9.98 -28.25 5.95
N THR A 160 9.83 -27.26 5.07
CA THR A 160 10.08 -27.45 3.65
C THR A 160 10.77 -26.18 3.14
N THR A 161 12.10 -26.23 3.04
CA THR A 161 12.90 -25.08 2.63
C THR A 161 13.90 -25.50 1.57
N ALA A 162 13.40 -26.27 0.59
CA ALA A 162 14.19 -26.67 -0.55
C ALA A 162 15.46 -27.39 -0.07
N ALA A 163 16.62 -27.03 -0.62
CA ALA A 163 17.87 -27.71 -0.26
C ALA A 163 18.35 -27.41 1.17
N THR A 164 17.68 -26.50 1.87
CA THR A 164 18.01 -26.16 3.24
C THR A 164 17.21 -26.96 4.26
N THR A 165 16.21 -27.72 3.79
CA THR A 165 15.25 -28.40 4.66
C THR A 165 15.89 -29.17 5.83
N GLY A 166 16.87 -30.02 5.52
CA GLY A 166 17.41 -30.89 6.53
C GLY A 166 18.15 -30.12 7.62
N THR A 167 18.84 -29.05 7.21
CA THR A 167 19.57 -28.19 8.14
C THR A 167 18.60 -27.41 9.04
N HIS A 168 17.57 -26.78 8.46
CA HIS A 168 16.60 -26.04 9.25
C HIS A 168 15.85 -26.97 10.21
N SER A 169 15.57 -28.20 9.73
CA SER A 169 14.81 -29.14 10.55
C SER A 169 15.58 -29.47 11.83
N ILE A 170 16.88 -29.74 11.68
CA ILE A 170 17.74 -30.04 12.82
C ILE A 170 17.93 -28.84 13.74
N GLY A 171 18.23 -27.67 13.17
CA GLY A 171 18.44 -26.47 13.96
C GLY A 171 17.22 -26.05 14.78
N MET A 172 16.04 -26.09 14.16
CA MET A 172 14.82 -25.69 14.87
C MET A 172 14.40 -26.72 15.92
N ALA A 173 14.68 -28.00 15.67
CA ALA A 173 14.50 -29.02 16.68
C ALA A 173 15.40 -28.79 17.89
N ALA A 174 16.65 -28.39 17.64
CA ALA A 174 17.58 -28.03 18.71
C ALA A 174 17.04 -26.87 19.54
N ARG A 175 16.45 -25.87 18.88
CA ARG A 175 15.82 -24.76 19.58
C ARG A 175 14.69 -25.21 20.51
N ASN A 176 13.87 -26.17 20.05
CA ASN A 176 12.81 -26.67 20.89
C ASN A 176 13.40 -27.18 22.21
N ILE A 177 14.52 -27.90 22.11
CA ILE A 177 15.12 -28.53 23.28
C ILE A 177 15.75 -27.48 24.18
N ALA A 178 16.54 -26.57 23.58
CA ALA A 178 17.21 -25.50 24.29
C ALA A 178 16.22 -24.65 25.07
N TYR A 179 15.03 -24.42 24.50
CA TYR A 179 14.08 -23.54 25.14
C TYR A 179 13.09 -24.29 26.03
N GLY A 180 13.23 -25.62 26.15
CA GLY A 180 12.47 -26.39 27.13
C GLY A 180 11.12 -26.94 26.65
N GLU A 181 10.85 -26.82 25.34
CA GLU A 181 9.63 -27.31 24.72
C GLU A 181 9.66 -28.82 24.50
N ALA A 182 10.86 -29.41 24.58
CA ALA A 182 11.06 -30.84 24.40
C ALA A 182 12.40 -31.21 25.02
N ASP A 183 12.55 -32.47 25.43
CA ASP A 183 13.84 -33.00 25.87
C ASP A 183 14.56 -33.80 24.78
N VAL A 184 13.79 -34.32 23.81
CA VAL A 184 14.30 -35.15 22.73
C VAL A 184 13.54 -34.78 21.47
N MET A 185 14.25 -34.67 20.34
CA MET A 185 13.64 -34.47 19.03
C MET A 185 14.34 -35.37 18.02
N VAL A 186 13.54 -36.03 17.17
CA VAL A 186 14.04 -36.73 16.00
C VAL A 186 13.92 -35.73 14.84
N ALA A 187 15.04 -35.43 14.19
CA ALA A 187 15.04 -34.35 13.21
C ALA A 187 15.94 -34.68 12.02
N GLY A 188 15.57 -34.12 10.87
CA GLY A 188 16.30 -34.32 9.62
C GLY A 188 15.39 -34.14 8.40
N GLY A 189 15.62 -34.94 7.36
CA GLY A 189 14.86 -34.85 6.14
C GLY A 189 14.95 -36.06 5.23
N SER A 190 14.05 -36.13 4.25
CA SER A 190 14.04 -37.20 3.27
C SER A 190 13.51 -36.68 1.94
N GLU A 191 13.91 -37.35 0.86
CA GLU A 191 13.56 -36.94 -0.48
C GLU A 191 13.61 -38.14 -1.42
N MET A 192 12.62 -38.20 -2.31
CA MET A 192 12.64 -39.10 -3.44
CA MET A 192 12.64 -39.10 -3.44
C MET A 192 11.95 -38.37 -4.60
N ALA A 193 12.75 -37.57 -5.33
CA ALA A 193 12.22 -36.76 -6.42
C ALA A 193 12.61 -37.32 -7.79
N ALA A 194 13.16 -38.54 -7.80
CA ALA A 194 13.58 -39.19 -9.04
C ALA A 194 12.37 -39.81 -9.74
N CYS A 195 11.55 -38.94 -10.32
CA CYS A 195 10.45 -39.30 -11.20
C CYS A 195 10.51 -38.34 -12.38
N GLY A 196 9.64 -38.55 -13.37
CA GLY A 196 9.59 -37.68 -14.53
C GLY A 196 9.48 -36.20 -14.22
N LEU A 197 8.58 -35.84 -13.28
CA LEU A 197 8.41 -34.45 -12.91
C LEU A 197 9.65 -33.84 -12.28
N GLY A 198 10.36 -34.64 -11.48
CA GLY A 198 11.58 -34.19 -10.83
C GLY A 198 12.73 -33.98 -11.81
N LEU A 199 13.10 -35.05 -12.53
CA LEU A 199 14.16 -34.98 -13.53
C LEU A 199 13.80 -33.95 -14.61
N GLY A 200 12.53 -33.97 -15.04
CA GLY A 200 12.06 -33.04 -16.05
C GLY A 200 12.04 -31.59 -15.57
N GLY A 201 11.57 -31.37 -14.33
CA GLY A 201 11.52 -30.04 -13.74
C GLY A 201 12.89 -29.40 -13.56
N PHE A 202 13.84 -30.12 -12.96
CA PHE A 202 15.20 -29.60 -12.86
C PHE A 202 15.91 -29.52 -14.22
N GLY A 203 15.65 -30.49 -15.10
CA GLY A 203 16.17 -30.43 -16.46
C GLY A 203 15.68 -29.21 -17.25
N ALA A 204 14.39 -28.87 -17.10
CA ALA A 204 13.81 -27.74 -17.81
C ALA A 204 14.54 -26.45 -17.45
N ALA A 205 15.03 -26.38 -16.21
CA ALA A 205 15.80 -25.24 -15.71
C ALA A 205 17.29 -25.34 -16.08
N ARG A 206 17.68 -26.45 -16.74
CA ARG A 206 19.06 -26.70 -17.13
C ARG A 206 20.00 -26.71 -15.92
N ALA A 207 19.47 -27.14 -14.77
CA ALA A 207 20.19 -27.12 -13.51
C ALA A 207 21.02 -28.39 -13.26
N LEU A 208 20.71 -29.49 -13.96
CA LEU A 208 21.33 -30.78 -13.71
C LEU A 208 22.54 -30.98 -14.61
N SER A 209 23.58 -31.66 -14.08
CA SER A 209 24.62 -32.20 -14.93
C SER A 209 24.03 -33.12 -15.99
N THR A 210 24.60 -33.08 -17.20
CA THR A 210 24.20 -33.92 -18.32
C THR A 210 25.35 -34.82 -18.75
N ARG A 211 26.24 -35.16 -17.82
CA ARG A 211 27.40 -35.98 -18.11
C ARG A 211 27.01 -37.46 -18.03
N ASN A 212 26.15 -37.88 -18.96
CA ASN A 212 25.57 -39.22 -18.94
C ASN A 212 26.59 -40.34 -19.20
N ASP A 213 27.65 -40.00 -19.93
CA ASP A 213 28.71 -40.93 -20.30
C ASP A 213 29.60 -41.35 -19.11
N GLU A 214 29.70 -40.49 -18.10
CA GLU A 214 30.50 -40.76 -16.92
C GLU A 214 29.78 -40.28 -15.66
N PRO A 215 28.67 -40.94 -15.23
CA PRO A 215 27.89 -40.47 -14.10
C PRO A 215 28.70 -40.24 -12.82
N THR A 216 29.72 -41.07 -12.56
CA THR A 216 30.46 -40.95 -11.32
C THR A 216 31.38 -39.72 -11.27
N ARG A 217 31.62 -39.12 -12.45
CA ARG A 217 32.41 -37.89 -12.57
C ARG A 217 31.55 -36.63 -12.70
N ALA A 218 30.22 -36.78 -12.68
CA ALA A 218 29.32 -35.66 -12.94
C ALA A 218 29.34 -34.60 -11.84
N SER A 219 29.24 -35.05 -10.60
CA SER A 219 29.25 -34.18 -9.43
C SER A 219 30.68 -33.83 -9.07
N ARG A 220 31.08 -32.58 -9.35
CA ARG A 220 32.46 -32.17 -9.23
C ARG A 220 32.53 -30.74 -8.68
N PRO A 221 32.17 -30.56 -7.39
CA PRO A 221 32.13 -29.25 -6.75
C PRO A 221 33.46 -28.50 -6.89
N TRP A 222 33.39 -27.24 -7.32
CA TRP A 222 34.51 -26.32 -7.50
C TRP A 222 35.43 -26.65 -8.66
N ASP A 223 35.14 -27.72 -9.42
CA ASP A 223 35.93 -28.07 -10.59
C ASP A 223 35.49 -27.21 -11.77
N ARG A 224 36.45 -26.79 -12.61
CA ARG A 224 36.13 -25.85 -13.66
C ARG A 224 35.20 -26.40 -14.74
N ASP A 225 35.06 -27.74 -14.82
CA ASP A 225 34.19 -28.38 -15.80
C ASP A 225 32.87 -28.88 -15.22
N ARG A 226 32.50 -28.39 -14.03
CA ARG A 226 31.19 -28.68 -13.46
C ARG A 226 30.09 -28.13 -14.36
N ASP A 227 28.94 -28.82 -14.39
CA ASP A 227 27.83 -28.44 -15.25
C ASP A 227 26.45 -28.68 -14.63
N GLY A 228 26.39 -28.58 -13.30
CA GLY A 228 25.14 -28.63 -12.58
C GLY A 228 25.13 -29.80 -11.60
N PHE A 229 24.05 -29.86 -10.80
CA PHE A 229 24.01 -30.80 -9.70
C PHE A 229 23.53 -32.17 -10.18
N VAL A 230 23.73 -33.16 -9.29
CA VAL A 230 23.29 -34.52 -9.51
C VAL A 230 22.16 -34.80 -8.53
N LEU A 231 21.03 -35.28 -9.05
CA LEU A 231 19.85 -35.54 -8.26
C LEU A 231 19.97 -36.86 -7.50
N SER A 232 19.80 -36.80 -6.18
CA SER A 232 19.94 -37.99 -5.35
C SER A 232 18.79 -38.11 -4.35
N ASP A 233 18.66 -39.33 -3.83
CA ASP A 233 17.53 -39.75 -3.02
C ASP A 233 18.04 -40.26 -1.67
N GLY A 234 17.18 -40.17 -0.67
CA GLY A 234 17.44 -40.79 0.61
C GLY A 234 16.98 -39.95 1.81
N SER A 235 17.65 -40.14 2.94
CA SER A 235 17.18 -39.61 4.21
C SER A 235 18.28 -39.61 5.27
N GLY A 236 18.19 -38.63 6.16
CA GLY A 236 19.03 -38.56 7.34
C GLY A 236 18.15 -38.14 8.52
N ALA A 237 18.42 -38.76 9.68
CA ALA A 237 17.75 -38.41 10.92
C ALA A 237 18.72 -38.44 12.09
N LEU A 238 18.52 -37.50 13.03
CA LEU A 238 19.33 -37.43 14.22
CA LEU A 238 19.34 -37.43 14.23
C LEU A 238 18.40 -37.40 15.44
N VAL A 239 18.80 -38.09 16.50
CA VAL A 239 18.17 -37.90 17.80
C VAL A 239 18.98 -36.80 18.52
N LEU A 240 18.32 -35.65 18.69
CA LEU A 240 18.83 -34.55 19.48
CA LEU A 240 18.83 -34.55 19.48
C LEU A 240 18.27 -34.70 20.89
N GLU A 241 19.08 -34.39 21.91
CA GLU A 241 18.69 -34.66 23.29
C GLU A 241 19.31 -33.62 24.22
N GLU A 242 18.54 -33.15 25.20
CA GLU A 242 19.07 -32.26 26.21
C GLU A 242 20.17 -32.98 26.98
N LEU A 243 21.26 -32.28 27.28
CA LEU A 243 22.46 -32.91 27.83
C LEU A 243 22.26 -33.66 29.16
N GLU A 244 21.62 -33.02 30.15
CA GLU A 244 21.38 -33.69 31.42
C GLU A 244 20.49 -34.94 31.29
N HIS A 245 19.49 -34.85 30.40
CA HIS A 245 18.62 -35.97 30.08
C HIS A 245 19.44 -37.15 29.54
N ALA A 246 20.36 -36.86 28.62
CA ALA A 246 21.25 -37.86 28.02
C ALA A 246 22.17 -38.46 29.09
N ARG A 247 22.80 -37.60 29.88
CA ARG A 247 23.68 -38.04 30.95
C ARG A 247 22.98 -38.92 31.97
N ALA A 248 21.72 -38.56 32.32
CA ALA A 248 21.00 -39.28 33.35
C ALA A 248 20.71 -40.72 32.97
N ARG A 249 20.49 -41.00 31.67
CA ARG A 249 20.20 -42.35 31.21
C ARG A 249 21.42 -43.07 30.65
N GLY A 250 22.61 -42.45 30.75
CA GLY A 250 23.84 -43.05 30.28
C GLY A 250 23.94 -43.15 28.75
N ALA A 251 23.39 -42.15 28.06
CA ALA A 251 23.41 -42.15 26.61
C ALA A 251 24.83 -42.02 26.06
N ARG A 252 25.07 -42.66 24.91
CA ARG A 252 26.29 -42.45 24.15
CA ARG A 252 26.28 -42.46 24.15
C ARG A 252 26.12 -41.16 23.37
N ILE A 253 27.02 -40.20 23.61
CA ILE A 253 26.96 -38.90 22.96
C ILE A 253 27.97 -38.86 21.81
N TYR A 254 27.50 -38.55 20.60
CA TYR A 254 28.39 -38.43 19.45
C TYR A 254 29.11 -37.08 19.39
N ALA A 255 28.37 -36.00 19.69
CA ALA A 255 28.86 -34.65 19.57
C ALA A 255 27.82 -33.70 20.13
N GLU A 256 28.20 -32.42 20.26
CA GLU A 256 27.30 -31.40 20.76
C GLU A 256 26.91 -30.49 19.60
N LEU A 257 25.62 -30.14 19.56
CA LEU A 257 25.11 -29.19 18.60
CA LEU A 257 25.11 -29.19 18.60
C LEU A 257 25.10 -27.82 19.29
N VAL A 258 26.07 -26.97 18.91
CA VAL A 258 26.33 -25.75 19.64
C VAL A 258 25.80 -24.48 18.96
N GLY A 259 25.61 -24.53 17.64
CA GLY A 259 25.15 -23.35 16.92
C GLY A 259 24.24 -23.65 15.73
N PHE A 260 23.32 -22.72 15.52
CA PHE A 260 22.40 -22.76 14.39
C PHE A 260 22.18 -21.33 13.92
N GLY A 261 22.42 -21.09 12.62
CA GLY A 261 22.19 -19.78 12.04
C GLY A 261 21.29 -19.89 10.80
N MET A 262 20.58 -18.79 10.54
CA MET A 262 19.71 -18.70 9.35
C MET A 262 19.84 -17.32 8.73
N SER A 263 19.65 -17.22 7.43
CA SER A 263 19.56 -15.94 6.76
C SER A 263 18.77 -16.11 5.47
N GLY A 264 18.40 -14.97 4.88
CA GLY A 264 17.91 -14.92 3.51
C GLY A 264 18.82 -14.05 2.65
N ASP A 265 19.08 -14.50 1.42
CA ASP A 265 19.82 -13.68 0.46
C ASP A 265 19.05 -12.42 0.04
N ALA A 266 17.72 -12.56 -0.09
CA ALA A 266 16.89 -11.55 -0.72
C ALA A 266 17.47 -11.08 -2.06
N PHE A 267 17.84 -12.05 -2.91
CA PHE A 267 18.54 -11.76 -4.16
C PHE A 267 17.81 -12.31 -5.38
N HIS A 268 17.68 -13.64 -5.48
CA HIS A 268 17.12 -14.29 -6.67
C HIS A 268 16.45 -15.60 -6.27
N MET A 269 15.47 -16.02 -7.08
CA MET A 269 14.68 -17.21 -6.77
C MET A 269 15.49 -18.50 -6.77
N THR A 270 16.56 -18.57 -7.59
CA THR A 270 17.37 -19.79 -7.67
C THR A 270 18.88 -19.61 -7.61
N ALA A 271 19.38 -18.44 -7.99
CA ALA A 271 20.80 -18.17 -8.00
C ALA A 271 21.22 -17.44 -6.73
N PRO A 272 22.40 -17.75 -6.16
CA PRO A 272 22.93 -17.01 -5.01
C PRO A 272 23.60 -15.75 -5.53
N PRO A 273 23.78 -14.71 -4.67
CA PRO A 273 24.62 -13.57 -5.05
C PRO A 273 26.05 -14.08 -5.26
N GLU A 274 26.76 -13.49 -6.21
CA GLU A 274 28.10 -13.93 -6.56
C GLU A 274 29.08 -13.91 -5.39
N ASP A 275 28.89 -12.97 -4.46
CA ASP A 275 29.74 -12.85 -3.29
C ASP A 275 29.30 -13.71 -2.09
N GLY A 276 28.19 -14.45 -2.23
CA GLY A 276 27.68 -15.29 -1.15
C GLY A 276 27.38 -14.52 0.15
N ALA A 277 26.96 -13.27 0.03
CA ALA A 277 26.76 -12.42 1.20
C ALA A 277 25.77 -13.03 2.20
N GLY A 278 24.68 -13.62 1.69
CA GLY A 278 23.71 -14.25 2.55
C GLY A 278 24.27 -15.46 3.30
N ALA A 279 25.05 -16.28 2.59
CA ALA A 279 25.73 -17.41 3.20
C ALA A 279 26.71 -16.94 4.28
N ALA A 280 27.43 -15.84 4.03
CA ALA A 280 28.34 -15.28 5.02
C ALA A 280 27.61 -14.89 6.30
N ARG A 281 26.49 -14.15 6.17
CA ARG A 281 25.70 -13.73 7.31
C ARG A 281 25.22 -14.95 8.10
N CYS A 282 24.81 -15.99 7.38
CA CYS A 282 24.29 -17.20 7.98
C CYS A 282 25.36 -17.92 8.82
N MET A 283 26.55 -18.08 8.25
CA MET A 283 27.65 -18.72 8.96
C MET A 283 28.03 -17.91 10.20
N LYS A 284 28.10 -16.58 10.06
CA LYS A 284 28.42 -15.73 11.21
C LYS A 284 27.35 -15.84 12.30
N ASN A 285 26.07 -15.90 11.89
CA ASN A 285 24.99 -16.07 12.84
C ASN A 285 25.12 -17.38 13.62
N ALA A 286 25.52 -18.46 12.91
CA ALA A 286 25.70 -19.77 13.53
C ALA A 286 26.87 -19.76 14.52
N LEU A 287 27.97 -19.12 14.13
CA LEU A 287 29.14 -19.03 15.00
C LEU A 287 28.87 -18.19 16.25
N ARG A 288 28.16 -17.07 16.06
CA ARG A 288 27.75 -16.24 17.18
C ARG A 288 26.83 -17.01 18.13
N ASP A 289 25.91 -17.79 17.56
CA ASP A 289 25.01 -18.63 18.34
C ASP A 289 25.79 -19.63 19.20
N ALA A 290 26.89 -20.15 18.63
CA ALA A 290 27.73 -21.12 19.31
C ALA A 290 28.76 -20.52 20.26
N GLY A 291 28.88 -19.18 20.26
CA GLY A 291 29.91 -18.53 21.04
C GLY A 291 31.33 -18.88 20.57
N LEU A 292 31.48 -19.04 19.25
CA LEU A 292 32.77 -19.40 18.66
C LEU A 292 33.28 -18.30 17.73
N ASP A 293 34.61 -18.14 17.73
CA ASP A 293 35.30 -17.32 16.75
C ASP A 293 35.52 -18.15 15.50
N PRO A 294 35.53 -17.53 14.29
CA PRO A 294 35.84 -18.26 13.06
C PRO A 294 37.08 -19.15 13.15
N ARG A 295 38.11 -18.68 13.86
CA ARG A 295 39.35 -19.43 13.96
C ARG A 295 39.25 -20.75 14.71
N GLN A 296 38.13 -21.00 15.40
CA GLN A 296 37.93 -22.27 16.10
C GLN A 296 37.32 -23.35 15.20
N VAL A 297 36.94 -23.00 13.97
CA VAL A 297 36.39 -23.95 13.03
C VAL A 297 37.52 -24.70 12.33
N ASP A 298 37.42 -26.04 12.33
CA ASP A 298 38.41 -26.91 11.70
C ASP A 298 37.95 -27.55 10.39
N TYR A 299 36.66 -27.86 10.31
CA TYR A 299 36.09 -28.55 9.15
C TYR A 299 34.75 -27.93 8.76
N ILE A 300 34.59 -27.67 7.46
CA ILE A 300 33.32 -27.28 6.87
C ILE A 300 32.86 -28.35 5.89
N ASN A 301 31.67 -28.91 6.16
CA ASN A 301 30.96 -29.67 5.16
C ASN A 301 30.14 -28.66 4.34
N ALA A 302 30.68 -28.32 3.16
CA ALA A 302 30.08 -27.32 2.30
C ALA A 302 28.75 -27.80 1.73
N HIS A 303 27.95 -26.85 1.26
CA HIS A 303 26.74 -27.21 0.49
C HIS A 303 27.27 -27.78 -0.84
N GLY A 304 28.15 -27.06 -1.53
CA GLY A 304 28.91 -27.65 -2.67
C GLY A 304 28.14 -28.47 -3.69
N THR A 305 27.17 -27.90 -4.38
CA THR A 305 26.26 -28.69 -5.27
C THR A 305 26.83 -29.04 -6.65
N SER A 306 27.95 -28.42 -7.06
CA SER A 306 28.50 -28.60 -8.39
C SER A 306 27.76 -27.76 -9.43
N THR A 307 27.16 -26.64 -8.99
CA THR A 307 26.58 -25.67 -9.92
C THR A 307 27.61 -24.57 -10.17
N PRO A 308 27.64 -23.97 -11.37
CA PRO A 308 28.55 -22.85 -11.65
C PRO A 308 28.52 -21.73 -10.61
N ALA A 309 27.36 -21.10 -10.40
CA ALA A 309 27.27 -19.95 -9.51
C ALA A 309 27.39 -20.30 -8.03
N GLY A 310 26.74 -21.39 -7.64
CA GLY A 310 26.65 -21.75 -6.24
C GLY A 310 28.00 -22.02 -5.59
N ASP A 311 28.82 -22.84 -6.26
CA ASP A 311 30.08 -23.28 -5.68
C ASP A 311 31.02 -22.11 -5.40
N ILE A 312 31.11 -21.17 -6.34
CA ILE A 312 32.02 -20.04 -6.16
C ILE A 312 31.51 -19.05 -5.12
N ALA A 313 30.18 -18.83 -5.07
CA ALA A 313 29.59 -18.01 -4.01
C ALA A 313 29.93 -18.52 -2.61
N GLU A 314 29.96 -19.84 -2.42
CA GLU A 314 30.25 -20.42 -1.12
C GLU A 314 31.72 -20.21 -0.72
N ILE A 315 32.63 -20.31 -1.71
CA ILE A 315 34.03 -19.96 -1.48
C ILE A 315 34.15 -18.51 -1.04
N ALA A 316 33.47 -17.59 -1.75
CA ALA A 316 33.54 -16.18 -1.41
C ALA A 316 33.07 -15.95 0.02
N ALA A 317 31.95 -16.59 0.39
CA ALA A 317 31.37 -16.44 1.71
C ALA A 317 32.33 -16.93 2.79
N VAL A 318 32.96 -18.09 2.56
CA VAL A 318 33.93 -18.63 3.51
C VAL A 318 35.15 -17.71 3.67
N LYS A 319 35.67 -17.17 2.56
CA LYS A 319 36.78 -16.23 2.63
C LYS A 319 36.40 -14.98 3.42
N SER A 320 35.17 -14.50 3.22
CA SER A 320 34.67 -13.33 3.94
CA SER A 320 34.67 -13.33 3.94
C SER A 320 34.58 -13.58 5.44
N VAL A 321 33.97 -14.70 5.84
CA VAL A 321 33.79 -15.01 7.26
C VAL A 321 35.10 -15.35 7.96
N PHE A 322 35.94 -16.15 7.31
CA PHE A 322 37.07 -16.78 7.99
C PHE A 322 38.40 -16.06 7.77
N GLY A 323 38.47 -15.17 6.78
CA GLY A 323 39.69 -14.43 6.50
C GLY A 323 40.87 -15.36 6.23
N GLU A 324 42.02 -15.07 6.86
CA GLU A 324 43.21 -15.89 6.69
C GLU A 324 42.98 -17.35 7.12
N HIS A 325 42.11 -17.53 8.13
CA HIS A 325 41.81 -18.86 8.65
C HIS A 325 41.13 -19.73 7.60
N ALA A 326 40.57 -19.13 6.55
CA ALA A 326 39.97 -19.89 5.46
C ALA A 326 40.97 -20.86 4.85
N HIS A 327 42.26 -20.53 4.97
CA HIS A 327 43.35 -21.33 4.40
C HIS A 327 43.90 -22.33 5.41
N ALA A 328 43.38 -22.36 6.66
CA ALA A 328 43.80 -23.32 7.68
C ALA A 328 42.79 -24.45 7.90
N LEU A 329 41.50 -24.11 7.81
CA LEU A 329 40.43 -25.08 7.93
C LEU A 329 40.44 -25.98 6.70
N SER A 330 39.74 -27.11 6.81
CA SER A 330 39.49 -27.98 5.68
C SER A 330 38.00 -27.88 5.35
N MET A 331 37.70 -27.83 4.06
CA MET A 331 36.30 -27.74 3.59
C MET A 331 36.09 -28.74 2.45
N SER A 332 35.06 -29.56 2.56
CA SER A 332 34.78 -30.50 1.48
C SER A 332 33.29 -30.61 1.22
N SER A 333 32.97 -31.02 -0.02
CA SER A 333 31.61 -31.34 -0.40
C SER A 333 31.48 -32.83 -0.62
N THR A 334 30.71 -33.48 0.26
CA THR A 334 30.41 -34.88 0.12
C THR A 334 29.37 -35.14 -0.98
N LYS A 335 28.76 -34.06 -1.52
CA LYS A 335 27.92 -34.21 -2.70
C LYS A 335 28.71 -34.69 -3.92
N SER A 336 30.04 -34.49 -3.90
CA SER A 336 30.90 -35.07 -4.91
C SER A 336 30.68 -36.58 -5.05
N MET A 337 30.34 -37.23 -3.95
CA MET A 337 30.09 -38.66 -3.88
C MET A 337 28.62 -39.08 -3.83
N THR A 338 27.81 -38.35 -3.05
CA THR A 338 26.42 -38.69 -2.82
C THR A 338 25.45 -38.06 -3.80
N GLY A 339 25.92 -37.04 -4.52
CA GLY A 339 25.04 -36.09 -5.19
C GLY A 339 24.21 -35.27 -4.20
N HIS A 340 23.20 -34.58 -4.75
CA HIS A 340 22.41 -33.61 -4.01
C HIS A 340 21.10 -34.28 -3.58
N LEU A 341 20.98 -34.57 -2.28
CA LEU A 341 19.80 -35.23 -1.74
C LEU A 341 18.67 -34.24 -1.42
N LEU A 342 18.80 -33.00 -1.90
CA LEU A 342 17.73 -32.01 -1.83
C LEU A 342 17.34 -31.79 -0.37
N GLY A 343 16.08 -32.03 -0.02
CA GLY A 343 15.63 -31.82 1.35
C GLY A 343 16.33 -32.68 2.41
N ALA A 344 16.94 -33.80 1.97
CA ALA A 344 17.72 -34.65 2.86
C ALA A 344 19.21 -34.28 2.93
N ALA A 345 19.68 -33.37 2.06
CA ALA A 345 21.10 -33.09 1.97
C ALA A 345 21.65 -32.61 3.31
N GLY A 346 20.98 -31.64 3.94
CA GLY A 346 21.45 -31.10 5.20
C GLY A 346 21.46 -32.12 6.34
N ALA A 347 20.56 -33.09 6.26
CA ALA A 347 20.47 -34.13 7.29
C ALA A 347 21.61 -35.14 7.18
N VAL A 348 21.85 -35.67 5.97
CA VAL A 348 22.96 -36.61 5.81
C VAL A 348 24.30 -35.90 6.03
N GLU A 349 24.39 -34.63 5.65
CA GLU A 349 25.62 -33.88 5.80
C GLU A 349 25.90 -33.47 7.24
N ALA A 350 24.83 -33.30 8.05
CA ALA A 350 25.00 -33.12 9.48
C ALA A 350 25.58 -34.39 10.10
N ILE A 351 25.07 -35.55 9.68
CA ILE A 351 25.63 -36.83 10.13
C ILE A 351 27.10 -36.97 9.74
N PHE A 352 27.45 -36.64 8.48
CA PHE A 352 28.84 -36.70 8.06
C PHE A 352 29.74 -35.74 8.86
N SER A 353 29.21 -34.57 9.25
CA SER A 353 29.94 -33.62 10.06
C SER A 353 30.21 -34.16 11.47
N VAL A 354 29.21 -34.81 12.06
CA VAL A 354 29.37 -35.46 13.36
C VAL A 354 30.41 -36.58 13.31
N LEU A 355 30.38 -37.39 12.25
CA LEU A 355 31.34 -38.49 12.12
C LEU A 355 32.75 -37.99 11.83
N ALA A 356 32.88 -36.84 11.16
CA ALA A 356 34.19 -36.24 10.99
C ALA A 356 34.81 -35.88 12.35
N LEU A 357 33.96 -35.42 13.28
CA LEU A 357 34.37 -35.16 14.67
C LEU A 357 34.74 -36.45 15.40
N ARG A 358 33.90 -37.48 15.25
CA ARG A 358 34.15 -38.75 15.90
C ARG A 358 35.47 -39.37 15.44
N ASP A 359 35.72 -39.34 14.13
CA ASP A 359 36.83 -40.07 13.55
C ASP A 359 38.06 -39.22 13.23
N GLN A 360 37.94 -37.89 13.44
CA GLN A 360 39.02 -36.95 13.19
C GLN A 360 39.55 -37.11 11.77
N VAL A 361 38.64 -36.99 10.81
CA VAL A 361 38.96 -37.12 9.39
C VAL A 361 38.01 -36.22 8.60
N ALA A 362 38.60 -35.46 7.67
CA ALA A 362 37.86 -34.64 6.74
C ALA A 362 37.55 -35.48 5.51
N PRO A 363 36.27 -35.72 5.18
CA PRO A 363 35.91 -36.43 3.95
C PRO A 363 36.41 -35.72 2.70
N PRO A 364 36.66 -36.44 1.59
CA PRO A 364 37.15 -35.81 0.37
C PRO A 364 36.09 -35.08 -0.45
N THR A 365 36.54 -34.10 -1.25
CA THR A 365 35.81 -33.69 -2.44
C THR A 365 36.40 -34.48 -3.61
N ILE A 366 35.73 -35.58 -4.01
CA ILE A 366 36.18 -36.29 -5.20
C ILE A 366 35.88 -35.47 -6.46
N ASN A 367 36.53 -35.87 -7.56
CA ASN A 367 36.38 -35.28 -8.88
C ASN A 367 36.93 -33.85 -9.02
N LEU A 368 37.67 -33.38 -8.01
CA LEU A 368 38.17 -32.00 -8.03
C LEU A 368 39.51 -31.98 -8.78
N ASP A 369 39.42 -32.22 -10.09
CA ASP A 369 40.56 -32.39 -10.94
C ASP A 369 41.26 -31.06 -11.22
N ASN A 370 40.47 -30.03 -11.51
CA ASN A 370 40.98 -28.73 -11.89
C ASN A 370 40.17 -27.64 -11.16
N PRO A 371 40.56 -27.25 -9.92
CA PRO A 371 39.86 -26.20 -9.18
C PRO A 371 39.71 -24.93 -10.01
N ASP A 372 38.52 -24.33 -9.94
CA ASP A 372 38.21 -23.16 -10.73
C ASP A 372 38.88 -21.93 -10.13
N GLU A 373 38.81 -20.79 -10.84
CA GLU A 373 39.40 -19.54 -10.38
C GLU A 373 38.96 -19.21 -8.96
N GLY A 374 39.92 -18.94 -8.09
CA GLY A 374 39.65 -18.57 -6.71
C GLY A 374 39.30 -19.71 -5.75
N CYS A 375 39.27 -20.95 -6.25
CA CYS A 375 38.92 -22.11 -5.43
C CYS A 375 40.21 -22.74 -4.87
N ASP A 376 40.93 -21.97 -4.06
CA ASP A 376 42.29 -22.25 -3.69
C ASP A 376 42.43 -22.57 -2.20
N LEU A 377 41.31 -22.94 -1.57
CA LEU A 377 41.32 -23.41 -0.19
C LEU A 377 41.70 -24.89 -0.15
N ASP A 378 41.85 -25.40 1.08
CA ASP A 378 41.96 -26.82 1.30
C ASP A 378 40.58 -27.45 1.14
N LEU A 379 40.31 -27.92 -0.08
CA LEU A 379 39.01 -28.51 -0.42
C LEU A 379 39.07 -30.04 -0.35
N VAL A 380 40.12 -30.55 0.31
CA VAL A 380 40.28 -31.98 0.54
C VAL A 380 40.09 -32.76 -0.77
N ALA A 381 40.74 -32.30 -1.84
CA ALA A 381 40.58 -32.93 -3.14
C ALA A 381 40.97 -34.41 -3.09
N HIS A 382 40.07 -35.27 -3.61
CA HIS A 382 40.37 -36.64 -4.03
C HIS A 382 40.36 -37.66 -2.88
N GLU A 383 41.10 -37.38 -1.81
CA GLU A 383 41.34 -38.33 -0.73
C GLU A 383 41.01 -37.76 0.66
N ALA A 384 40.44 -38.61 1.52
CA ALA A 384 40.16 -38.23 2.89
C ALA A 384 41.43 -37.76 3.60
N LYS A 385 41.28 -36.79 4.50
CA LYS A 385 42.40 -36.22 5.21
C LYS A 385 42.21 -36.33 6.73
N PRO A 386 42.88 -37.29 7.40
CA PRO A 386 42.99 -37.28 8.86
C PRO A 386 43.56 -35.95 9.35
N ARG A 387 42.91 -35.36 10.36
CA ARG A 387 43.37 -34.12 10.93
C ARG A 387 42.57 -33.83 12.21
N LYS A 388 43.05 -32.86 13.00
CA LYS A 388 42.38 -32.43 14.20
C LYS A 388 41.11 -31.68 13.81
N ILE A 389 39.98 -32.13 14.37
CA ILE A 389 38.69 -31.47 14.16
C ILE A 389 37.97 -31.37 15.50
N ASP A 390 37.91 -30.15 16.06
CA ASP A 390 37.16 -29.88 17.27
C ASP A 390 35.79 -29.30 16.97
N VAL A 391 35.69 -28.58 15.85
CA VAL A 391 34.48 -27.87 15.47
C VAL A 391 34.24 -28.11 13.97
N ALA A 392 33.01 -28.54 13.66
CA ALA A 392 32.61 -28.82 12.29
C ALA A 392 31.33 -28.03 11.97
N LEU A 393 31.33 -27.37 10.81
CA LEU A 393 30.24 -26.52 10.38
C LEU A 393 29.65 -27.12 9.11
N SER A 394 28.31 -27.12 9.00
CA SER A 394 27.60 -27.67 7.85
C SER A 394 26.64 -26.63 7.27
N ASN A 395 26.81 -26.35 5.97
CA ASN A 395 26.01 -25.35 5.26
C ASN A 395 24.96 -25.97 4.35
N SER A 396 23.77 -25.34 4.29
CA SER A 396 22.80 -25.62 3.26
C SER A 396 22.18 -24.31 2.77
N PHE A 397 22.04 -24.20 1.45
CA PHE A 397 21.46 -23.03 0.82
C PHE A 397 20.41 -23.55 -0.15
N GLY A 398 19.33 -22.80 -0.33
CA GLY A 398 18.23 -23.32 -1.11
C GLY A 398 17.52 -22.27 -1.96
N PHE A 399 16.71 -22.74 -2.92
CA PHE A 399 15.86 -21.86 -3.69
C PHE A 399 15.11 -20.89 -2.79
N GLY A 400 14.93 -19.65 -3.27
CA GLY A 400 14.39 -18.56 -2.48
C GLY A 400 15.43 -17.77 -1.68
N GLY A 401 16.70 -18.17 -1.82
CA GLY A 401 17.79 -17.55 -1.08
C GLY A 401 17.83 -17.94 0.40
N THR A 402 17.27 -19.11 0.73
CA THR A 402 17.10 -19.47 2.13
C THR A 402 18.31 -20.28 2.61
N ASN A 403 18.94 -19.80 3.68
CA ASN A 403 20.23 -20.32 4.14
C ASN A 403 20.16 -20.84 5.57
N GLY A 404 20.89 -21.92 5.82
CA GLY A 404 21.03 -22.50 7.16
C GLY A 404 22.45 -23.02 7.40
N THR A 405 22.95 -22.83 8.62
CA THR A 405 24.23 -23.39 9.04
C THR A 405 24.10 -24.03 10.42
N LEU A 406 24.65 -25.25 10.55
CA LEU A 406 24.79 -25.92 11.83
C LEU A 406 26.26 -25.98 12.24
N VAL A 407 26.49 -25.87 13.56
CA VAL A 407 27.82 -25.99 14.12
C VAL A 407 27.79 -27.07 15.19
N PHE A 408 28.62 -28.08 14.98
CA PHE A 408 28.84 -29.17 15.93
C PHE A 408 30.23 -29.08 16.54
N ARG A 409 30.35 -29.56 17.77
CA ARG A 409 31.66 -29.56 18.46
C ARG A 409 31.87 -30.88 19.21
N ARG A 410 33.14 -31.28 19.36
CA ARG A 410 33.44 -32.49 20.13
C ARG A 410 32.91 -32.32 21.55
N PHE A 411 32.41 -33.40 22.13
CA PHE A 411 31.79 -33.24 23.46
C PHE A 411 32.63 -33.78 24.61
N ALA A 412 33.05 -32.90 25.52
CA ALA A 412 33.61 -33.31 26.79
C ALA A 412 32.74 -32.83 28.00
N SER B 1 13.24 -13.31 30.79
CA SER B 1 13.86 -14.15 29.78
C SER B 1 13.65 -13.61 28.37
N ARG B 2 12.38 -13.49 27.96
CA ARG B 2 12.06 -13.28 26.55
C ARG B 2 11.16 -12.08 26.26
N ARG B 3 11.17 -11.68 25.00
CA ARG B 3 10.58 -10.43 24.57
C ARG B 3 9.12 -10.66 24.19
N ARG B 4 8.33 -9.59 24.26
CA ARG B 4 6.91 -9.65 23.95
C ARG B 4 6.69 -9.45 22.46
N VAL B 5 5.65 -10.10 21.93
CA VAL B 5 5.37 -10.11 20.52
C VAL B 5 3.96 -9.55 20.29
N VAL B 6 3.85 -8.56 19.41
CA VAL B 6 2.56 -7.96 19.09
C VAL B 6 2.29 -8.06 17.60
N ILE B 7 1.01 -7.90 17.23
CA ILE B 7 0.55 -7.94 15.85
C ILE B 7 0.34 -6.52 15.35
N THR B 8 1.09 -6.13 14.31
CA THR B 8 1.04 -4.76 13.82
C THR B 8 0.48 -4.64 12.41
N GLY B 9 0.22 -5.77 11.74
CA GLY B 9 -0.30 -5.76 10.39
C GLY B 9 -0.94 -7.10 10.05
N MET B 10 -2.00 -7.07 9.23
CA MET B 10 -2.67 -8.28 8.83
C MET B 10 -3.09 -8.16 7.36
N GLY B 11 -3.16 -9.31 6.69
CA GLY B 11 -3.57 -9.39 5.30
C GLY B 11 -4.22 -10.72 4.98
N MET B 12 -5.09 -10.75 3.97
CA MET B 12 -5.93 -11.90 3.72
C MET B 12 -6.51 -11.96 2.31
N LEU B 13 -6.59 -13.18 1.77
CA LEU B 13 -7.52 -13.52 0.70
C LEU B 13 -8.37 -14.66 1.24
N SER B 14 -9.70 -14.56 1.09
CA SER B 14 -10.56 -15.64 1.54
C SER B 14 -11.78 -15.77 0.65
N PRO B 15 -12.60 -16.84 0.82
CA PRO B 15 -13.86 -16.95 0.10
C PRO B 15 -14.88 -15.84 0.41
N LEU B 16 -14.62 -15.05 1.47
CA LEU B 16 -15.48 -13.94 1.86
C LEU B 16 -14.98 -12.56 1.41
N GLY B 17 -13.75 -12.46 0.93
CA GLY B 17 -13.24 -11.16 0.53
C GLY B 17 -11.77 -11.15 0.11
N LEU B 18 -11.39 -10.08 -0.62
CA LEU B 18 -10.04 -9.94 -1.14
C LEU B 18 -9.11 -9.18 -0.21
N ASP B 19 -9.56 -8.93 1.02
CA ASP B 19 -8.74 -8.31 2.05
C ASP B 19 -9.36 -8.62 3.41
N VAL B 20 -8.75 -8.10 4.46
CA VAL B 20 -9.20 -8.35 5.82
C VAL B 20 -10.55 -7.71 6.11
N PRO B 21 -10.74 -6.37 5.92
N PRO B 21 -10.75 -6.38 5.92
CA PRO B 21 -12.02 -5.74 6.26
CA PRO B 21 -12.02 -5.74 6.26
C PRO B 21 -13.22 -6.37 5.55
C PRO B 21 -13.22 -6.37 5.55
N SER B 22 -13.08 -6.69 4.26
CA SER B 22 -14.17 -7.28 3.49
C SER B 22 -14.52 -8.70 3.98
N SER B 23 -13.49 -9.49 4.31
CA SER B 23 -13.69 -10.81 4.89
C SER B 23 -14.38 -10.76 6.26
N TRP B 24 -13.90 -9.86 7.12
CA TRP B 24 -14.44 -9.70 8.45
C TRP B 24 -15.90 -9.22 8.45
N GLU B 25 -16.25 -8.33 7.51
CA GLU B 25 -17.64 -7.91 7.36
C GLU B 25 -18.53 -9.11 7.07
N GLY B 26 -18.08 -9.98 6.16
CA GLY B 26 -18.78 -11.22 5.86
C GLY B 26 -18.92 -12.13 7.07
N ILE B 27 -17.81 -12.28 7.82
CA ILE B 27 -17.81 -13.06 9.05
C ILE B 27 -18.87 -12.57 10.02
N LEU B 28 -18.88 -11.26 10.32
CA LEU B 28 -19.83 -10.75 11.30
C LEU B 28 -21.28 -10.80 10.81
N ALA B 29 -21.47 -10.82 9.48
CA ALA B 29 -22.81 -10.90 8.90
C ALA B 29 -23.32 -12.34 8.74
N GLY B 30 -22.49 -13.33 9.05
CA GLY B 30 -22.88 -14.72 8.91
C GLY B 30 -22.98 -15.17 7.45
N ARG B 31 -22.22 -14.51 6.57
CA ARG B 31 -22.29 -14.79 5.14
C ARG B 31 -21.49 -16.05 4.82
N SER B 32 -21.97 -16.83 3.85
CA SER B 32 -21.20 -17.96 3.35
C SER B 32 -20.37 -17.55 2.14
N GLY B 33 -19.15 -18.08 2.06
CA GLY B 33 -18.29 -17.91 0.91
C GLY B 33 -18.25 -19.13 -0.01
N ILE B 34 -19.16 -20.08 0.22
CA ILE B 34 -19.14 -21.36 -0.46
C ILE B 34 -20.10 -21.37 -1.65
N ALA B 35 -19.63 -21.88 -2.79
CA ALA B 35 -20.44 -21.90 -4.00
C ALA B 35 -19.94 -22.99 -4.94
N PRO B 36 -20.76 -23.40 -5.95
CA PRO B 36 -20.28 -24.31 -6.99
C PRO B 36 -18.99 -23.77 -7.61
N ILE B 37 -18.02 -24.65 -7.81
CA ILE B 37 -16.73 -24.27 -8.38
C ILE B 37 -16.92 -23.98 -9.86
N GLU B 38 -16.32 -22.88 -10.32
CA GLU B 38 -16.49 -22.42 -11.70
C GLU B 38 -15.29 -22.66 -12.61
N HIS B 39 -14.11 -22.85 -12.01
CA HIS B 39 -12.86 -22.82 -12.76
C HIS B 39 -12.51 -24.21 -13.31
N MET B 40 -13.27 -25.25 -12.95
CA MET B 40 -13.11 -26.53 -13.62
C MET B 40 -14.43 -27.28 -13.69
N ASP B 41 -14.45 -28.31 -14.56
CA ASP B 41 -15.58 -29.19 -14.73
C ASP B 41 -15.50 -30.31 -13.70
N LEU B 42 -16.37 -30.25 -12.68
CA LEU B 42 -16.41 -31.29 -11.65
C LEU B 42 -17.57 -32.28 -11.80
N SER B 43 -18.06 -32.45 -13.03
CA SER B 43 -19.16 -33.37 -13.31
CA SER B 43 -19.16 -33.37 -13.31
C SER B 43 -18.88 -34.79 -12.82
N ALA B 44 -17.61 -35.21 -12.86
CA ALA B 44 -17.21 -36.55 -12.47
C ALA B 44 -16.92 -36.74 -10.97
N TYR B 45 -17.02 -35.64 -10.20
CA TYR B 45 -16.61 -35.66 -8.81
C TYR B 45 -17.86 -35.70 -7.95
N SER B 46 -17.69 -36.19 -6.72
CA SER B 46 -18.80 -36.29 -5.77
C SER B 46 -19.00 -34.99 -4.98
N THR B 47 -18.00 -34.11 -5.00
CA THR B 47 -18.08 -32.77 -4.46
C THR B 47 -17.76 -31.76 -5.56
N ARG B 48 -18.68 -30.80 -5.78
CA ARG B 48 -18.60 -29.88 -6.90
C ARG B 48 -18.62 -28.41 -6.49
N PHE B 49 -18.43 -28.17 -5.18
CA PHE B 49 -18.46 -26.85 -4.60
C PHE B 49 -17.27 -26.67 -3.65
N GLY B 50 -17.03 -25.42 -3.26
CA GLY B 50 -15.98 -25.09 -2.32
C GLY B 50 -15.91 -23.59 -2.09
N GLY B 51 -14.89 -23.16 -1.35
CA GLY B 51 -14.66 -21.75 -1.06
C GLY B 51 -13.58 -21.20 -1.96
N SER B 52 -13.98 -20.52 -3.05
CA SER B 52 -13.05 -19.95 -3.99
C SER B 52 -12.77 -18.49 -3.64
N VAL B 53 -11.58 -18.00 -4.00
CA VAL B 53 -11.30 -16.58 -4.00
C VAL B 53 -11.89 -16.01 -5.28
N LYS B 54 -12.78 -15.02 -5.15
CA LYS B 54 -13.50 -14.47 -6.29
C LYS B 54 -12.92 -13.12 -6.69
N GLY B 55 -12.55 -12.98 -7.97
CA GLY B 55 -12.10 -11.72 -8.53
C GLY B 55 -10.69 -11.27 -8.15
N PHE B 56 -9.83 -12.20 -7.72
CA PHE B 56 -8.44 -11.89 -7.45
C PHE B 56 -7.72 -11.34 -8.67
N ASN B 57 -7.02 -10.21 -8.49
CA ASN B 57 -6.18 -9.62 -9.51
C ASN B 57 -4.75 -9.55 -9.00
N VAL B 58 -3.93 -10.53 -9.44
CA VAL B 58 -2.55 -10.63 -9.00
C VAL B 58 -1.76 -9.38 -9.41
N GLU B 59 -2.22 -8.69 -10.45
CA GLU B 59 -1.50 -7.52 -10.95
C GLU B 59 -1.60 -6.31 -10.01
N GLU B 60 -2.46 -6.38 -8.99
CA GLU B 60 -2.40 -5.43 -7.89
C GLU B 60 -1.13 -5.56 -7.06
N TYR B 61 -0.49 -6.75 -7.12
CA TYR B 61 0.67 -7.05 -6.30
C TYR B 61 1.96 -7.24 -7.10
N LEU B 62 1.83 -7.81 -8.31
CA LEU B 62 2.97 -8.24 -9.11
C LEU B 62 2.75 -7.88 -10.56
N SER B 63 3.83 -7.70 -11.34
CA SER B 63 3.68 -7.62 -12.78
C SER B 63 3.14 -8.94 -13.33
N ALA B 64 2.47 -8.88 -14.49
CA ALA B 64 2.00 -10.07 -15.18
C ALA B 64 3.15 -11.05 -15.45
N LYS B 65 4.32 -10.49 -15.81
CA LYS B 65 5.52 -11.24 -16.11
C LYS B 65 5.97 -12.12 -14.95
N GLU B 66 6.10 -11.51 -13.77
CA GLU B 66 6.45 -12.22 -12.55
C GLU B 66 5.38 -13.24 -12.17
N ALA B 67 4.10 -12.85 -12.26
CA ALA B 67 3.01 -13.70 -11.78
C ALA B 67 2.87 -15.00 -12.57
N ARG B 68 3.20 -14.96 -13.87
CA ARG B 68 3.05 -16.15 -14.75
C ARG B 68 3.98 -17.30 -14.34
N LYS B 69 4.99 -17.01 -13.54
CA LYS B 69 5.94 -18.05 -13.09
C LYS B 69 5.50 -18.67 -11.78
N LEU B 70 4.36 -18.24 -11.22
CA LEU B 70 4.01 -18.65 -9.87
C LEU B 70 2.65 -19.35 -9.78
N ASP B 71 2.63 -20.49 -9.08
CA ASP B 71 1.37 -21.15 -8.77
C ASP B 71 0.46 -20.21 -8.00
N LEU B 72 -0.85 -20.43 -8.13
CA LEU B 72 -1.84 -19.65 -7.40
C LEU B 72 -1.58 -19.60 -5.90
N PHE B 73 -1.11 -20.68 -5.26
CA PHE B 73 -0.96 -20.61 -3.81
C PHE B 73 0.15 -19.61 -3.45
N ILE B 74 1.15 -19.45 -4.33
CA ILE B 74 2.19 -18.46 -4.09
C ILE B 74 1.64 -17.06 -4.31
N GLN B 75 0.89 -16.88 -5.40
CA GLN B 75 0.25 -15.59 -5.65
C GLN B 75 -0.61 -15.18 -4.46
N TYR B 76 -1.41 -16.10 -3.93
CA TYR B 76 -2.25 -15.81 -2.78
C TYR B 76 -1.42 -15.47 -1.54
N GLY B 77 -0.36 -16.25 -1.27
CA GLY B 77 0.46 -15.99 -0.09
C GLY B 77 1.14 -14.62 -0.17
N LEU B 78 1.63 -14.28 -1.35
CA LEU B 78 2.24 -12.98 -1.55
C LEU B 78 1.24 -11.84 -1.39
N ALA B 79 0.01 -12.01 -1.89
CA ALA B 79 -1.01 -10.98 -1.74
C ALA B 79 -1.27 -10.69 -0.26
N ALA B 80 -1.47 -11.75 0.53
CA ALA B 80 -1.74 -11.57 1.95
C ALA B 80 -0.53 -10.95 2.65
N SER B 81 0.68 -11.40 2.31
CA SER B 81 1.92 -10.88 2.89
C SER B 81 2.13 -9.39 2.59
N PHE B 82 1.96 -9.03 1.32
CA PHE B 82 2.07 -7.63 0.94
C PHE B 82 1.05 -6.75 1.67
N GLN B 83 -0.20 -7.24 1.79
CA GLN B 83 -1.22 -6.53 2.52
C GLN B 83 -0.77 -6.30 3.97
N ALA B 84 -0.30 -7.39 4.61
CA ALA B 84 0.11 -7.31 6.01
C ALA B 84 1.25 -6.31 6.22
N VAL B 85 2.27 -6.33 5.36
CA VAL B 85 3.40 -5.41 5.48
C VAL B 85 2.97 -3.96 5.31
N ARG B 86 2.14 -3.72 4.32
CA ARG B 86 1.62 -2.34 4.09
C ARG B 86 0.77 -1.91 5.30
N ASP B 87 -0.06 -2.81 5.83
CA ASP B 87 -0.91 -2.51 6.99
C ASP B 87 -0.05 -2.16 8.20
N SER B 88 1.13 -2.78 8.33
CA SER B 88 1.98 -2.51 9.47
C SER B 88 2.66 -1.14 9.44
N GLY B 89 2.82 -0.58 8.23
CA GLY B 89 3.54 0.67 8.05
C GLY B 89 5.06 0.59 8.19
N LEU B 90 5.60 -0.63 8.33
CA LEU B 90 7.03 -0.84 8.51
C LEU B 90 7.80 -0.40 7.27
N GLU B 91 8.89 0.33 7.51
CA GLU B 91 9.82 0.70 6.46
C GLU B 91 11.09 -0.15 6.60
N VAL B 92 11.41 -0.91 5.54
CA VAL B 92 12.57 -1.78 5.53
C VAL B 92 13.79 -0.97 5.14
N THR B 93 14.86 -1.01 5.95
CA THR B 93 16.10 -0.27 5.70
C THR B 93 17.30 -1.21 5.87
N ASP B 94 18.51 -0.70 5.56
CA ASP B 94 19.73 -1.47 5.81
C ASP B 94 19.91 -1.75 7.30
N ALA B 95 19.40 -0.84 8.14
CA ALA B 95 19.53 -0.97 9.57
C ALA B 95 18.64 -2.06 10.16
N ASN B 96 17.56 -2.46 9.47
CA ASN B 96 16.69 -3.50 10.02
C ASN B 96 16.43 -4.71 9.13
N ARG B 97 16.91 -4.73 7.88
CA ARG B 97 16.52 -5.79 6.96
C ARG B 97 16.99 -7.18 7.40
N GLU B 98 18.13 -7.25 8.11
CA GLU B 98 18.61 -8.52 8.65
C GLU B 98 17.77 -9.02 9.84
N ARG B 99 16.89 -8.15 10.36
CA ARG B 99 16.07 -8.44 11.53
C ARG B 99 14.61 -8.72 11.18
N ILE B 100 14.31 -8.75 9.88
CA ILE B 100 12.97 -9.02 9.37
C ILE B 100 12.98 -10.28 8.52
N GLY B 101 12.17 -11.27 8.94
CA GLY B 101 12.09 -12.52 8.20
C GLY B 101 10.67 -12.89 7.81
N VAL B 102 10.52 -14.14 7.35
CA VAL B 102 9.28 -14.63 6.79
C VAL B 102 9.12 -16.12 7.05
N SER B 103 7.91 -16.48 7.49
CA SER B 103 7.51 -17.87 7.64
C SER B 103 6.07 -18.01 7.15
N MET B 104 5.91 -18.22 5.84
CA MET B 104 4.63 -18.47 5.21
C MET B 104 4.65 -19.93 4.74
N GLY B 105 3.66 -20.70 5.16
CA GLY B 105 3.61 -22.11 4.84
C GLY B 105 2.44 -22.50 3.95
N SER B 106 2.37 -23.79 3.65
CA SER B 106 1.29 -24.37 2.88
C SER B 106 1.21 -25.86 3.20
N GLY B 107 0.00 -26.41 3.13
CA GLY B 107 -0.20 -27.84 3.34
C GLY B 107 0.20 -28.70 2.15
N ILE B 108 -0.26 -28.34 0.94
CA ILE B 108 0.07 -29.12 -0.24
C ILE B 108 0.81 -28.34 -1.33
N GLY B 109 0.84 -26.99 -1.24
CA GLY B 109 1.63 -26.23 -2.19
C GLY B 109 1.03 -26.26 -3.60
N GLY B 110 1.90 -26.33 -4.63
CA GLY B 110 1.54 -25.99 -5.99
C GLY B 110 0.88 -27.14 -6.77
N LEU B 111 -0.23 -27.64 -6.23
CA LEU B 111 -0.91 -28.80 -6.81
C LEU B 111 -1.42 -28.53 -8.22
N THR B 112 -1.97 -27.32 -8.45
CA THR B 112 -2.44 -26.93 -9.76
C THR B 112 -1.30 -26.96 -10.77
N ASN B 113 -0.16 -26.32 -10.42
CA ASN B 113 0.99 -26.31 -11.31
C ASN B 113 1.48 -27.73 -11.58
N ILE B 114 1.53 -28.56 -10.54
CA ILE B 114 1.98 -29.93 -10.69
C ILE B 114 1.08 -30.68 -11.67
N GLU B 115 -0.24 -30.55 -11.47
CA GLU B 115 -1.21 -31.20 -12.33
C GLU B 115 -1.07 -30.77 -13.79
N ASN B 116 -0.90 -29.46 -14.05
CA ASN B 116 -0.74 -28.97 -15.40
C ASN B 116 0.56 -29.43 -16.07
N ASN B 117 1.67 -29.44 -15.32
CA ASN B 117 2.94 -29.89 -15.85
C ASN B 117 2.93 -31.40 -16.09
N CYS B 118 2.18 -32.13 -15.27
CA CYS B 118 2.06 -33.60 -15.40
C CYS B 118 1.24 -33.94 -16.65
N ARG B 119 0.26 -33.10 -17.03
CA ARG B 119 -0.48 -33.29 -18.26
C ARG B 119 0.43 -33.12 -19.47
N SER B 120 1.23 -32.03 -19.47
CA SER B 120 2.19 -31.80 -20.53
C SER B 120 3.19 -32.95 -20.63
N LEU B 121 3.70 -33.41 -19.48
CA LEU B 121 4.65 -34.51 -19.44
C LEU B 121 4.11 -35.78 -20.07
N PHE B 122 2.89 -36.17 -19.69
CA PHE B 122 2.30 -37.40 -20.21
C PHE B 122 1.91 -37.31 -21.68
N GLU B 123 1.39 -36.15 -22.09
CA GLU B 123 0.93 -35.97 -23.45
C GLU B 123 2.08 -35.75 -24.44
N GLN B 124 3.12 -35.03 -24.00
CA GLN B 124 4.14 -34.53 -24.90
C GLN B 124 5.59 -34.80 -24.48
N GLY B 125 5.79 -35.32 -23.26
CA GLY B 125 7.13 -35.60 -22.77
C GLY B 125 7.72 -34.47 -21.93
N PRO B 126 8.91 -34.69 -21.36
CA PRO B 126 9.48 -33.77 -20.37
C PRO B 126 9.91 -32.41 -20.94
N ARG B 127 10.04 -32.29 -22.27
CA ARG B 127 10.46 -31.02 -22.93
C ARG B 127 9.42 -29.90 -22.79
N ARG B 128 8.18 -30.23 -22.47
CA ARG B 128 7.10 -29.21 -22.38
C ARG B 128 6.95 -28.72 -20.93
N ILE B 129 7.72 -29.29 -20.01
CA ILE B 129 7.69 -28.85 -18.58
C ILE B 129 8.27 -27.45 -18.51
N SER B 130 7.64 -26.55 -17.77
CA SER B 130 8.15 -25.19 -17.62
C SER B 130 9.51 -25.11 -16.94
N PRO B 131 10.45 -24.26 -17.40
CA PRO B 131 11.68 -23.97 -16.65
C PRO B 131 11.44 -23.39 -15.25
N PHE B 132 10.26 -22.77 -15.07
CA PHE B 132 9.88 -22.19 -13.79
C PHE B 132 9.08 -23.15 -12.91
N PHE B 133 8.89 -24.40 -13.37
CA PHE B 133 8.03 -25.32 -12.65
C PHE B 133 8.45 -25.50 -11.19
N VAL B 134 9.73 -25.80 -10.95
CA VAL B 134 10.16 -26.08 -9.60
C VAL B 134 10.06 -24.85 -8.70
N PRO B 135 10.74 -23.71 -9.01
CA PRO B 135 10.68 -22.56 -8.11
C PRO B 135 9.30 -21.91 -8.00
N GLY B 136 8.45 -22.13 -9.00
CA GLY B 136 7.11 -21.58 -9.02
C GLY B 136 6.06 -22.49 -8.37
N SER B 137 6.50 -23.63 -7.82
CA SER B 137 5.57 -24.60 -7.25
C SER B 137 5.90 -25.06 -5.82
N ILE B 138 7.15 -24.87 -5.38
CA ILE B 138 7.54 -25.41 -4.08
C ILE B 138 7.09 -24.48 -2.94
N ILE B 139 6.84 -25.09 -1.77
CA ILE B 139 6.13 -24.41 -0.71
C ILE B 139 6.87 -23.20 -0.11
N ASN B 140 8.20 -23.23 -0.11
CA ASN B 140 8.96 -22.15 0.58
C ASN B 140 9.11 -20.90 -0.28
N MET B 141 8.47 -20.87 -1.44
CA MET B 141 8.70 -19.72 -2.36
C MET B 141 7.81 -18.51 -2.02
N VAL B 142 6.79 -18.67 -1.18
CA VAL B 142 6.14 -17.48 -0.65
C VAL B 142 7.15 -16.68 0.18
N SER B 143 7.79 -17.38 1.14
CA SER B 143 8.87 -16.80 1.91
C SER B 143 10.00 -16.31 1.02
N GLY B 144 10.40 -17.14 0.06
CA GLY B 144 11.47 -16.77 -0.87
C GLY B 144 11.15 -15.51 -1.67
N PHE B 145 10.03 -15.51 -2.41
CA PHE B 145 9.71 -14.36 -3.25
C PHE B 145 9.42 -13.10 -2.43
N LEU B 146 8.73 -13.24 -1.28
CA LEU B 146 8.47 -12.08 -0.44
C LEU B 146 9.78 -11.44 0.00
N SER B 147 10.74 -12.28 0.42
CA SER B 147 12.03 -11.76 0.88
C SER B 147 12.75 -11.02 -0.24
N ILE B 148 12.66 -11.56 -1.46
CA ILE B 148 13.31 -10.94 -2.60
C ILE B 148 12.65 -9.60 -2.91
N HIS B 149 11.31 -9.57 -2.91
CA HIS B 149 10.58 -8.37 -3.30
C HIS B 149 10.77 -7.23 -2.30
N LEU B 150 10.83 -7.56 -1.01
CA LEU B 150 10.92 -6.55 0.04
C LEU B 150 12.32 -6.34 0.64
N GLY B 151 13.29 -7.16 0.22
CA GLY B 151 14.65 -7.07 0.73
C GLY B 151 14.82 -7.57 2.16
N LEU B 152 14.07 -8.63 2.52
CA LEU B 152 14.09 -9.19 3.86
C LEU B 152 15.20 -10.25 3.99
N GLN B 153 16.12 -10.04 4.94
CA GLN B 153 17.28 -10.92 5.08
C GLN B 153 17.30 -11.74 6.37
N GLY B 154 16.23 -11.66 7.15
CA GLY B 154 16.09 -12.38 8.40
C GLY B 154 15.69 -13.83 8.16
N PRO B 155 15.36 -14.59 9.24
CA PRO B 155 15.04 -16.00 9.12
C PRO B 155 13.97 -16.22 8.06
N ASN B 156 14.25 -17.17 7.17
CA ASN B 156 13.45 -17.40 5.96
C ASN B 156 13.15 -18.89 5.87
N TYR B 157 11.91 -19.26 6.14
CA TYR B 157 11.53 -20.66 6.13
C TYR B 157 10.04 -20.86 5.89
N ALA B 158 9.64 -22.13 5.82
CA ALA B 158 8.25 -22.51 5.58
C ALA B 158 7.93 -23.81 6.32
N LEU B 159 6.78 -23.81 6.99
CA LEU B 159 6.20 -24.99 7.63
C LEU B 159 5.24 -25.67 6.64
N THR B 160 5.08 -26.98 6.78
CA THR B 160 4.02 -27.73 6.11
C THR B 160 3.52 -28.78 7.09
N THR B 161 2.43 -28.48 7.79
CA THR B 161 1.86 -29.34 8.81
C THR B 161 0.36 -29.49 8.58
N ALA B 162 0.00 -29.73 7.32
CA ALA B 162 -1.38 -30.00 6.95
C ALA B 162 -2.27 -28.86 7.44
N ALA B 163 -3.41 -29.17 8.08
CA ALA B 163 -4.33 -28.14 8.52
C ALA B 163 -3.81 -27.28 9.68
N THR B 164 -2.65 -27.65 10.25
CA THR B 164 -2.05 -26.88 11.33
C THR B 164 -1.03 -25.85 10.84
N THR B 165 -0.73 -25.87 9.53
CA THR B 165 0.35 -25.06 8.97
C THR B 165 0.34 -23.60 9.39
N GLY B 166 -0.81 -22.95 9.25
CA GLY B 166 -0.88 -21.52 9.48
C GLY B 166 -0.63 -21.17 10.95
N THR B 167 -1.14 -22.02 11.85
CA THR B 167 -0.94 -21.82 13.29
C THR B 167 0.53 -22.02 13.68
N HIS B 168 1.15 -23.11 13.22
CA HIS B 168 2.55 -23.37 13.52
C HIS B 168 3.44 -22.28 12.94
N SER B 169 3.09 -21.80 11.74
CA SER B 169 3.91 -20.78 11.08
C SER B 169 3.96 -19.51 11.92
N ILE B 170 2.79 -19.09 12.44
CA ILE B 170 2.72 -17.90 13.27
C ILE B 170 3.39 -18.10 14.62
N GLY B 171 3.13 -19.23 15.28
CA GLY B 171 3.75 -19.52 16.57
C GLY B 171 5.26 -19.58 16.54
N MET B 172 5.83 -20.27 15.54
CA MET B 172 7.28 -20.39 15.45
C MET B 172 7.95 -19.09 15.05
N ALA B 173 7.26 -18.28 14.25
CA ALA B 173 7.73 -16.93 13.95
C ALA B 173 7.77 -16.06 15.21
N ALA B 174 6.76 -16.20 16.08
CA ALA B 174 6.74 -15.51 17.35
C ALA B 174 7.93 -15.91 18.22
N ARG B 175 8.28 -17.21 18.21
CA ARG B 175 9.45 -17.70 18.91
C ARG B 175 10.74 -17.06 18.43
N ASN B 176 10.87 -16.89 17.10
CA ASN B 176 12.05 -16.25 16.57
C ASN B 176 12.22 -14.87 17.22
N ILE B 177 11.10 -14.14 17.34
CA ILE B 177 11.16 -12.78 17.84
C ILE B 177 11.45 -12.77 19.35
N ALA B 178 10.72 -13.61 20.09
CA ALA B 178 10.89 -13.74 21.53
C ALA B 178 12.32 -14.08 21.89
N TYR B 179 12.97 -14.92 21.08
CA TYR B 179 14.31 -15.37 21.40
C TYR B 179 15.40 -14.49 20.79
N GLY B 180 15.02 -13.44 20.06
CA GLY B 180 15.97 -12.44 19.60
C GLY B 180 16.61 -12.70 18.23
N GLU B 181 16.10 -13.71 17.51
CA GLU B 181 16.57 -14.06 16.18
C GLU B 181 16.04 -13.13 15.11
N ALA B 182 14.99 -12.37 15.45
CA ALA B 182 14.38 -11.41 14.54
C ALA B 182 13.59 -10.40 15.38
N ASP B 183 13.39 -9.19 14.84
CA ASP B 183 12.51 -8.21 15.44
C ASP B 183 11.13 -8.18 14.81
N VAL B 184 11.04 -8.65 13.54
CA VAL B 184 9.80 -8.65 12.78
C VAL B 184 9.76 -9.94 11.96
N MET B 185 8.58 -10.57 11.89
CA MET B 185 8.35 -11.71 11.02
C MET B 185 7.00 -11.56 10.34
N VAL B 186 6.97 -11.85 9.03
CA VAL B 186 5.71 -12.01 8.32
C VAL B 186 5.40 -13.50 8.35
N ALA B 187 4.24 -13.87 8.88
CA ALA B 187 3.92 -15.28 9.08
C ALA B 187 2.47 -15.59 8.80
N GLY B 188 2.23 -16.85 8.39
CA GLY B 188 0.89 -17.33 8.08
C GLY B 188 0.95 -18.49 7.08
N GLY B 189 -0.04 -18.55 6.19
CA GLY B 189 -0.10 -19.61 5.21
C GLY B 189 -1.02 -19.34 4.03
N SER B 190 -0.90 -20.16 2.99
CA SER B 190 -1.73 -20.06 1.81
C SER B 190 -1.96 -21.43 1.20
N GLU B 191 -3.08 -21.56 0.48
CA GLU B 191 -3.46 -22.81 -0.11
C GLU B 191 -4.35 -22.57 -1.34
N MET B 192 -4.11 -23.36 -2.38
CA MET B 192 -5.00 -23.47 -3.51
CA MET B 192 -5.01 -23.46 -3.51
C MET B 192 -4.95 -24.92 -3.98
N ALA B 193 -5.79 -25.76 -3.35
CA ALA B 193 -5.80 -27.18 -3.67
C ALA B 193 -7.02 -27.59 -4.48
N ALA B 194 -7.77 -26.60 -4.96
CA ALA B 194 -8.98 -26.84 -5.75
C ALA B 194 -8.60 -27.16 -7.20
N CYS B 195 -8.09 -28.39 -7.38
CA CYS B 195 -7.82 -28.97 -8.68
C CYS B 195 -8.31 -30.41 -8.59
N GLY B 196 -8.26 -31.14 -9.71
CA GLY B 196 -8.66 -32.53 -9.74
C GLY B 196 -8.01 -33.41 -8.67
N LEU B 197 -6.68 -33.28 -8.51
CA LEU B 197 -5.97 -34.06 -7.52
C LEU B 197 -6.42 -33.76 -6.11
N GLY B 198 -6.73 -32.48 -5.82
CA GLY B 198 -7.17 -32.08 -4.50
C GLY B 198 -8.58 -32.57 -4.17
N LEU B 199 -9.55 -32.19 -5.01
CA LEU B 199 -10.93 -32.63 -4.83
C LEU B 199 -11.02 -34.16 -4.90
N GLY B 200 -10.28 -34.75 -5.85
CA GLY B 200 -10.26 -36.19 -6.00
C GLY B 200 -9.60 -36.92 -4.83
N GLY B 201 -8.47 -36.38 -4.37
CA GLY B 201 -7.74 -36.94 -3.23
C GLY B 201 -8.53 -36.93 -1.92
N PHE B 202 -9.11 -35.77 -1.56
CA PHE B 202 -9.98 -35.73 -0.40
C PHE B 202 -11.29 -36.49 -0.58
N GLY B 203 -11.85 -36.45 -1.79
CA GLY B 203 -13.01 -37.27 -2.12
C GLY B 203 -12.77 -38.77 -2.00
N ALA B 204 -11.60 -39.25 -2.43
CA ALA B 204 -11.27 -40.66 -2.37
C ALA B 204 -11.30 -41.15 -0.92
N ALA B 205 -10.95 -40.26 0.01
CA ALA B 205 -10.99 -40.54 1.44
C ALA B 205 -12.38 -40.33 2.05
N ARG B 206 -13.34 -39.88 1.23
CA ARG B 206 -14.70 -39.60 1.65
C ARG B 206 -14.74 -38.56 2.79
N ALA B 207 -13.78 -37.64 2.76
CA ALA B 207 -13.61 -36.65 3.81
C ALA B 207 -14.44 -35.37 3.58
N LEU B 208 -14.86 -35.13 2.35
CA LEU B 208 -15.53 -33.90 1.97
C LEU B 208 -17.05 -34.03 2.10
N SER B 209 -17.72 -32.95 2.52
CA SER B 209 -19.15 -32.86 2.33
C SER B 209 -19.53 -33.05 0.87
N THR B 210 -20.67 -33.74 0.65
CA THR B 210 -21.21 -33.98 -0.68
C THR B 210 -22.58 -33.32 -0.82
N ARG B 211 -22.82 -32.24 -0.07
CA ARG B 211 -24.11 -31.56 -0.08
C ARG B 211 -24.14 -30.57 -1.26
N ASN B 212 -24.11 -31.10 -2.48
CA ASN B 212 -24.01 -30.28 -3.67
C ASN B 212 -25.23 -29.40 -3.96
N ASP B 213 -26.40 -29.85 -3.46
CA ASP B 213 -27.66 -29.15 -3.64
C ASP B 213 -27.76 -27.86 -2.85
N GLU B 214 -27.04 -27.78 -1.72
CA GLU B 214 -27.05 -26.60 -0.87
C GLU B 214 -25.65 -26.30 -0.35
N PRO B 215 -24.72 -25.83 -1.22
CA PRO B 215 -23.33 -25.61 -0.80
C PRO B 215 -23.16 -24.73 0.43
N THR B 216 -24.01 -23.71 0.61
CA THR B 216 -23.84 -22.79 1.72
C THR B 216 -24.22 -23.40 3.06
N ARG B 217 -24.94 -24.53 3.03
CA ARG B 217 -25.31 -25.29 4.22
C ARG B 217 -24.40 -26.49 4.49
N ALA B 218 -23.39 -26.71 3.64
CA ALA B 218 -22.56 -27.90 3.74
C ALA B 218 -21.68 -27.92 4.98
N SER B 219 -21.00 -26.80 5.24
CA SER B 219 -20.10 -26.66 6.37
C SER B 219 -20.91 -26.31 7.62
N ARG B 220 -21.07 -27.28 8.51
CA ARG B 220 -21.96 -27.13 9.66
C ARG B 220 -21.33 -27.77 10.89
N PRO B 221 -20.26 -27.14 11.42
CA PRO B 221 -19.53 -27.66 12.58
C PRO B 221 -20.46 -27.93 13.77
N TRP B 222 -20.32 -29.15 14.34
CA TRP B 222 -21.06 -29.62 15.51
C TRP B 222 -22.54 -29.92 15.26
N ASP B 223 -23.01 -29.73 14.03
CA ASP B 223 -24.39 -30.05 13.67
C ASP B 223 -24.51 -31.56 13.40
N ARG B 224 -25.63 -32.16 13.82
CA ARG B 224 -25.74 -33.60 13.75
C ARG B 224 -25.80 -34.14 12.32
N ASP B 225 -26.08 -33.28 11.32
CA ASP B 225 -26.13 -33.68 9.93
C ASP B 225 -24.89 -33.29 9.12
N ARG B 226 -23.79 -32.95 9.81
CA ARG B 226 -22.53 -32.71 9.14
C ARG B 226 -22.05 -33.98 8.44
N ASP B 227 -21.35 -33.80 7.32
CA ASP B 227 -20.89 -34.92 6.49
C ASP B 227 -19.52 -34.69 5.86
N GLY B 228 -18.68 -33.91 6.54
CA GLY B 228 -17.30 -33.71 6.12
C GLY B 228 -17.02 -32.25 5.83
N PHE B 229 -15.74 -31.95 5.56
CA PHE B 229 -15.31 -30.56 5.46
C PHE B 229 -15.56 -30.02 4.05
N VAL B 230 -15.46 -28.69 3.95
CA VAL B 230 -15.59 -27.98 2.69
C VAL B 230 -14.21 -27.43 2.33
N LEU B 231 -13.77 -27.72 1.11
CA LEU B 231 -12.45 -27.31 0.64
C LEU B 231 -12.46 -25.84 0.21
N SER B 232 -11.55 -25.07 0.78
CA SER B 232 -11.47 -23.64 0.50
C SER B 232 -10.05 -23.19 0.25
N ASP B 233 -9.95 -22.02 -0.38
CA ASP B 233 -8.72 -21.48 -0.92
C ASP B 233 -8.47 -20.11 -0.30
N GLY B 234 -7.19 -19.72 -0.26
CA GLY B 234 -6.81 -18.37 0.10
C GLY B 234 -5.57 -18.30 0.97
N SER B 235 -5.48 -17.25 1.79
CA SER B 235 -4.25 -16.92 2.49
C SER B 235 -4.50 -15.95 3.64
N GLY B 236 -3.66 -16.09 4.66
CA GLY B 236 -3.60 -15.13 5.75
C GLY B 236 -2.15 -14.87 6.09
N ALA B 237 -1.83 -13.60 6.40
CA ALA B 237 -0.51 -13.21 6.86
C ALA B 237 -0.62 -12.18 7.97
N LEU B 238 0.31 -12.29 8.94
CA LEU B 238 0.41 -11.33 10.03
C LEU B 238 1.83 -10.80 10.11
N VAL B 239 1.97 -9.50 10.40
CA VAL B 239 3.24 -8.93 10.81
C VAL B 239 3.31 -9.04 12.33
N LEU B 240 4.22 -9.92 12.80
CA LEU B 240 4.57 -10.04 14.20
C LEU B 240 5.78 -9.15 14.45
N GLU B 241 5.81 -8.49 15.62
CA GLU B 241 6.82 -7.50 15.89
C GLU B 241 7.14 -7.47 17.39
N GLU B 242 8.43 -7.37 17.71
CA GLU B 242 8.83 -7.19 19.11
C GLU B 242 8.23 -5.88 19.64
N LEU B 243 7.73 -5.90 20.89
CA LEU B 243 6.96 -4.80 21.43
C LEU B 243 7.69 -3.46 21.46
N GLU B 244 8.92 -3.42 21.98
CA GLU B 244 9.67 -2.16 22.03
C GLU B 244 9.97 -1.60 20.64
N HIS B 245 10.25 -2.50 19.68
CA HIS B 245 10.45 -2.12 18.29
C HIS B 245 9.21 -1.43 17.74
N ALA B 246 8.03 -2.01 18.01
CA ALA B 246 6.75 -1.46 17.58
C ALA B 246 6.50 -0.10 18.23
N ARG B 247 6.69 -0.03 19.55
CA ARG B 247 6.51 1.21 20.29
C ARG B 247 7.43 2.32 19.81
N ALA B 248 8.69 1.97 19.48
CA ALA B 248 9.66 2.99 19.09
C ALA B 248 9.28 3.68 17.78
N ARG B 249 8.63 2.96 16.86
CA ARG B 249 8.26 3.54 15.58
C ARG B 249 6.80 4.00 15.53
N GLY B 250 6.09 3.92 16.67
CA GLY B 250 4.71 4.36 16.76
C GLY B 250 3.73 3.45 16.02
N ALA B 251 4.01 2.15 16.02
CA ALA B 251 3.17 1.20 15.32
C ALA B 251 1.79 1.10 15.95
N ARG B 252 0.80 0.87 15.10
CA ARG B 252 -0.55 0.58 15.60
C ARG B 252 -0.55 -0.90 15.96
N ILE B 253 -0.89 -1.24 17.20
CA ILE B 253 -0.87 -2.60 17.69
C ILE B 253 -2.31 -3.12 17.75
N TYR B 254 -2.57 -4.25 17.10
CA TYR B 254 -3.89 -4.87 17.13
C TYR B 254 -4.13 -5.68 18.40
N ALA B 255 -3.10 -6.44 18.83
CA ALA B 255 -3.22 -7.37 19.94
C ALA B 255 -1.84 -7.93 20.23
N GLU B 256 -1.75 -8.65 21.35
CA GLU B 256 -0.49 -9.28 21.76
C GLU B 256 -0.63 -10.78 21.58
N LEU B 257 0.44 -11.38 21.04
CA LEU B 257 0.53 -12.83 20.89
CA LEU B 257 0.53 -12.83 20.89
C LEU B 257 1.27 -13.33 22.12
N VAL B 258 0.52 -13.95 23.05
CA VAL B 258 1.05 -14.27 24.36
C VAL B 258 1.38 -15.74 24.55
N GLY B 259 0.76 -16.63 23.77
CA GLY B 259 1.01 -18.06 23.93
C GLY B 259 0.99 -18.86 22.63
N PHE B 260 1.82 -19.89 22.60
CA PHE B 260 1.86 -20.84 21.51
C PHE B 260 2.12 -22.22 22.08
N GLY B 261 1.25 -23.19 21.74
CA GLY B 261 1.41 -24.55 22.20
C GLY B 261 1.38 -25.53 21.01
N MET B 262 2.04 -26.65 21.20
CA MET B 262 2.06 -27.72 20.18
C MET B 262 1.95 -29.08 20.88
N SER B 263 1.39 -30.05 20.18
CA SER B 263 1.40 -31.42 20.65
C SER B 263 1.21 -32.35 19.45
N GLY B 264 1.45 -33.63 19.70
CA GLY B 264 1.04 -34.70 18.80
C GLY B 264 0.07 -35.66 19.48
N ASP B 265 -0.95 -36.08 18.74
CA ASP B 265 -1.87 -37.10 19.23
C ASP B 265 -1.18 -38.45 19.40
N ALA B 266 -0.26 -38.78 18.47
CA ALA B 266 0.29 -40.13 18.36
C ALA B 266 -0.81 -41.18 18.35
N PHE B 267 -1.84 -40.98 17.52
CA PHE B 267 -3.01 -41.84 17.50
C PHE B 267 -3.30 -42.43 16.12
N HIS B 268 -3.59 -41.58 15.12
CA HIS B 268 -4.00 -42.04 13.80
C HIS B 268 -3.59 -41.02 12.74
N MET B 269 -3.41 -41.50 11.51
CA MET B 269 -2.92 -40.65 10.41
C MET B 269 -3.89 -39.53 10.04
N THR B 270 -5.21 -39.74 10.21
CA THR B 270 -6.20 -38.74 9.84
C THR B 270 -7.27 -38.43 10.89
N ALA B 271 -7.58 -39.40 11.75
CA ALA B 271 -8.62 -39.24 12.74
C ALA B 271 -8.03 -38.81 14.08
N PRO B 272 -8.72 -37.92 14.84
CA PRO B 272 -8.27 -37.57 16.18
C PRO B 272 -8.76 -38.64 17.15
N PRO B 273 -8.15 -38.76 18.35
CA PRO B 273 -8.73 -39.61 19.38
C PRO B 273 -10.08 -39.00 19.78
N GLU B 274 -11.04 -39.87 20.11
CA GLU B 274 -12.39 -39.40 20.41
C GLU B 274 -12.48 -38.41 21.57
N ASP B 275 -11.56 -38.53 22.53
CA ASP B 275 -11.50 -37.62 23.66
C ASP B 275 -10.70 -36.34 23.42
N GLY B 276 -10.09 -36.20 22.23
CA GLY B 276 -9.30 -35.02 21.91
C GLY B 276 -8.13 -34.76 22.86
N ALA B 277 -7.53 -35.84 23.40
CA ALA B 277 -6.49 -35.73 24.40
C ALA B 277 -5.30 -34.90 23.92
N GLY B 278 -4.91 -35.09 22.66
CA GLY B 278 -3.81 -34.32 22.09
C GLY B 278 -4.12 -32.83 21.99
N ALA B 279 -5.35 -32.52 21.57
CA ALA B 279 -5.81 -31.14 21.51
C ALA B 279 -5.84 -30.50 22.90
N ALA B 280 -6.26 -31.27 23.91
CA ALA B 280 -6.25 -30.79 25.29
C ALA B 280 -4.83 -30.42 25.75
N ARG B 281 -3.86 -31.32 25.52
CA ARG B 281 -2.48 -31.06 25.91
C ARG B 281 -1.97 -29.80 25.22
N CYS B 282 -2.33 -29.64 23.95
CA CYS B 282 -1.90 -28.51 23.14
C CYS B 282 -2.43 -27.18 23.69
N MET B 283 -3.72 -27.14 24.00
CA MET B 283 -4.33 -25.94 24.56
C MET B 283 -3.70 -25.61 25.91
N LYS B 284 -3.48 -26.62 26.76
CA LYS B 284 -2.85 -26.38 28.05
C LYS B 284 -1.43 -25.87 27.89
N ASN B 285 -0.68 -26.41 26.92
CA ASN B 285 0.67 -25.94 26.64
C ASN B 285 0.66 -24.47 26.24
N ALA B 286 -0.32 -24.06 25.42
CA ALA B 286 -0.44 -22.69 24.96
C ALA B 286 -0.78 -21.75 26.12
N LEU B 287 -1.70 -22.18 26.99
CA LEU B 287 -2.09 -21.37 28.13
C LEU B 287 -0.95 -21.22 29.14
N ARG B 288 -0.21 -22.31 29.37
CA ARG B 288 0.96 -22.26 30.23
C ARG B 288 2.03 -21.33 29.67
N ASP B 289 2.21 -21.39 28.34
CA ASP B 289 3.14 -20.51 27.65
C ASP B 289 2.78 -19.03 27.85
N ALA B 290 1.46 -18.76 27.87
CA ALA B 290 0.94 -17.41 28.04
C ALA B 290 0.84 -16.95 29.50
N GLY B 291 1.10 -17.86 30.44
CA GLY B 291 0.91 -17.55 31.84
C GLY B 291 -0.55 -17.25 32.20
N LEU B 292 -1.48 -17.97 31.55
CA LEU B 292 -2.90 -17.80 31.77
C LEU B 292 -3.55 -19.06 32.34
N ASP B 293 -4.54 -18.83 33.20
CA ASP B 293 -5.43 -19.88 33.67
C ASP B 293 -6.54 -20.06 32.64
N PRO B 294 -7.08 -21.28 32.45
CA PRO B 294 -8.21 -21.49 31.55
C PRO B 294 -9.35 -20.50 31.73
N ARG B 295 -9.62 -20.10 32.98
CA ARG B 295 -10.72 -19.18 33.27
C ARG B 295 -10.55 -17.77 32.71
N GLN B 296 -9.35 -17.43 32.23
CA GLN B 296 -9.12 -16.12 31.63
C GLN B 296 -9.43 -16.10 30.13
N VAL B 297 -9.76 -17.25 29.54
CA VAL B 297 -10.11 -17.33 28.12
C VAL B 297 -11.58 -16.97 27.95
N ASP B 298 -11.85 -16.04 27.01
CA ASP B 298 -13.20 -15.58 26.71
C ASP B 298 -13.75 -16.10 25.39
N TYR B 299 -12.87 -16.27 24.39
CA TYR B 299 -13.26 -16.69 23.06
C TYR B 299 -12.29 -17.74 22.50
N ILE B 300 -12.85 -18.82 21.94
CA ILE B 300 -12.11 -19.80 21.20
C ILE B 300 -12.60 -19.82 19.74
N ASN B 301 -11.66 -19.53 18.82
CA ASN B 301 -11.88 -19.84 17.43
C ASN B 301 -11.46 -21.29 17.22
N ALA B 302 -12.46 -22.18 17.18
CA ALA B 302 -12.24 -23.60 17.07
C ALA B 302 -11.67 -23.98 15.71
N HIS B 303 -11.07 -25.16 15.65
CA HIS B 303 -10.67 -25.71 14.33
C HIS B 303 -11.98 -26.04 13.61
N GLY B 304 -12.89 -26.80 14.26
CA GLY B 304 -14.28 -26.94 13.76
C GLY B 304 -14.49 -27.22 12.28
N THR B 305 -13.99 -28.33 11.76
CA THR B 305 -13.99 -28.58 10.30
C THR B 305 -15.31 -29.07 9.72
N SER B 306 -16.26 -29.51 10.57
CA SER B 306 -17.49 -30.11 10.12
C SER B 306 -17.29 -31.58 9.73
N THR B 307 -16.29 -32.24 10.33
CA THR B 307 -16.13 -33.69 10.19
C THR B 307 -16.80 -34.38 11.38
N PRO B 308 -17.35 -35.60 11.21
CA PRO B 308 -17.94 -36.33 12.33
C PRO B 308 -17.04 -36.45 13.56
N ALA B 309 -15.86 -37.06 13.41
CA ALA B 309 -14.99 -37.32 14.54
C ALA B 309 -14.31 -36.06 15.11
N GLY B 310 -13.86 -35.20 14.20
CA GLY B 310 -13.08 -34.04 14.60
C GLY B 310 -13.83 -33.09 15.52
N ASP B 311 -15.07 -32.74 15.13
CA ASP B 311 -15.81 -31.72 15.84
C ASP B 311 -16.07 -32.13 17.29
N ILE B 312 -16.45 -33.40 17.51
CA ILE B 312 -16.76 -33.87 18.84
C ILE B 312 -15.50 -33.99 19.71
N ALA B 313 -14.38 -34.43 19.13
CA ALA B 313 -13.11 -34.47 19.83
C ALA B 313 -12.72 -33.11 20.39
N GLU B 314 -12.96 -32.03 19.63
CA GLU B 314 -12.59 -30.69 20.05
C GLU B 314 -13.46 -30.21 21.23
N ILE B 315 -14.75 -30.55 21.21
CA ILE B 315 -15.62 -30.30 22.35
C ILE B 315 -15.08 -31.00 23.59
N ALA B 316 -14.74 -32.30 23.45
CA ALA B 316 -14.24 -33.05 24.59
C ALA B 316 -12.99 -32.40 25.16
N ALA B 317 -12.07 -31.99 24.27
CA ALA B 317 -10.81 -31.37 24.67
C ALA B 317 -11.06 -30.07 25.43
N VAL B 318 -11.99 -29.24 24.93
CA VAL B 318 -12.33 -27.99 25.59
C VAL B 318 -12.95 -28.22 26.96
N LYS B 319 -13.84 -29.21 27.08
CA LYS B 319 -14.43 -29.53 28.37
C LYS B 319 -13.36 -30.00 29.37
N SER B 320 -12.39 -30.79 28.87
CA SER B 320 -11.30 -31.28 29.70
CA SER B 320 -11.30 -31.28 29.70
C SER B 320 -10.43 -30.14 30.23
N VAL B 321 -10.02 -29.23 29.34
CA VAL B 321 -9.14 -28.15 29.72
C VAL B 321 -9.84 -27.10 30.58
N PHE B 322 -11.06 -26.73 30.22
CA PHE B 322 -11.72 -25.56 30.79
C PHE B 322 -12.68 -25.87 31.92
N GLY B 323 -13.08 -27.13 32.06
CA GLY B 323 -14.00 -27.53 33.12
C GLY B 323 -15.32 -26.75 33.05
N GLU B 324 -15.78 -26.27 34.19
CA GLU B 324 -17.03 -25.50 34.23
C GLU B 324 -16.95 -24.24 33.39
N HIS B 325 -15.75 -23.66 33.27
CA HIS B 325 -15.55 -22.45 32.48
C HIS B 325 -15.84 -22.68 31.00
N ALA B 326 -15.86 -23.95 30.55
CA ALA B 326 -16.21 -24.28 29.18
C ALA B 326 -17.59 -23.73 28.82
N HIS B 327 -18.44 -23.56 29.85
CA HIS B 327 -19.81 -23.08 29.67
C HIS B 327 -19.91 -21.55 29.80
N ALA B 328 -18.80 -20.86 30.12
CA ALA B 328 -18.78 -19.40 30.22
C ALA B 328 -18.14 -18.72 29.00
N LEU B 329 -17.10 -19.33 28.46
CA LEU B 329 -16.47 -18.85 27.24
C LEU B 329 -17.41 -19.03 26.06
N SER B 330 -17.09 -18.32 24.97
CA SER B 330 -17.76 -18.52 23.70
C SER B 330 -16.78 -19.19 22.75
N MET B 331 -17.28 -20.15 22.00
CA MET B 331 -16.45 -20.89 21.02
C MET B 331 -17.19 -20.94 19.69
N SER B 332 -16.51 -20.56 18.62
CA SER B 332 -17.14 -20.64 17.29
C SER B 332 -16.20 -21.15 16.21
N SER B 333 -16.76 -21.76 15.19
CA SER B 333 -16.01 -22.12 14.01
C SER B 333 -16.40 -21.24 12.84
N THR B 334 -15.46 -20.40 12.41
CA THR B 334 -15.67 -19.58 11.23
C THR B 334 -15.55 -20.39 9.94
N LYS B 335 -15.13 -21.67 10.03
CA LYS B 335 -15.20 -22.54 8.87
C LYS B 335 -16.63 -22.81 8.43
N SER B 336 -17.61 -22.59 9.33
CA SER B 336 -19.00 -22.63 8.95
C SER B 336 -19.30 -21.72 7.75
N MET B 337 -18.56 -20.60 7.67
CA MET B 337 -18.69 -19.60 6.62
C MET B 337 -17.62 -19.66 5.52
N THR B 338 -16.37 -19.86 5.93
CA THR B 338 -15.23 -19.83 5.01
C THR B 338 -14.89 -21.18 4.38
N GLY B 339 -15.41 -22.26 4.97
CA GLY B 339 -14.87 -23.60 4.76
C GLY B 339 -13.45 -23.73 5.30
N HIS B 340 -12.80 -24.84 4.91
CA HIS B 340 -11.51 -25.24 5.45
C HIS B 340 -10.42 -24.82 4.46
N LEU B 341 -9.65 -23.78 4.82
CA LEU B 341 -8.59 -23.27 3.97
C LEU B 341 -7.27 -24.04 4.14
N LEU B 342 -7.33 -25.20 4.78
CA LEU B 342 -6.21 -26.14 4.86
C LEU B 342 -5.02 -25.42 5.49
N GLY B 343 -3.89 -25.34 4.77
CA GLY B 343 -2.70 -24.71 5.33
C GLY B 343 -2.86 -23.23 5.67
N ALA B 344 -3.87 -22.57 5.08
CA ALA B 344 -4.18 -21.19 5.41
C ALA B 344 -5.20 -21.03 6.54
N ALA B 345 -5.83 -22.13 6.98
CA ALA B 345 -6.92 -22.01 7.94
C ALA B 345 -6.46 -21.32 9.23
N GLY B 346 -5.33 -21.77 9.78
CA GLY B 346 -4.82 -21.21 11.02
C GLY B 346 -4.43 -19.74 10.92
N ALA B 347 -4.02 -19.31 9.71
CA ALA B 347 -3.63 -17.93 9.48
C ALA B 347 -4.84 -17.00 9.42
N VAL B 348 -5.85 -17.36 8.62
CA VAL B 348 -7.04 -16.51 8.57
C VAL B 348 -7.78 -16.53 9.91
N GLU B 349 -7.75 -17.67 10.61
CA GLU B 349 -8.43 -17.77 11.88
C GLU B 349 -7.70 -17.05 13.02
N ALA B 350 -6.37 -16.93 12.91
CA ALA B 350 -5.62 -16.07 13.82
C ALA B 350 -6.04 -14.61 13.63
N ILE B 351 -6.18 -14.18 12.38
CA ILE B 351 -6.68 -12.84 12.08
C ILE B 351 -8.09 -12.62 12.64
N PHE B 352 -9.00 -13.59 12.43
CA PHE B 352 -10.33 -13.47 13.00
C PHE B 352 -10.33 -13.39 14.52
N SER B 353 -9.41 -14.11 15.17
CA SER B 353 -9.26 -14.06 16.62
C SER B 353 -8.80 -12.69 17.12
N VAL B 354 -7.84 -12.09 16.40
CA VAL B 354 -7.38 -10.74 16.69
C VAL B 354 -8.50 -9.71 16.52
N LEU B 355 -9.31 -9.84 15.46
CA LEU B 355 -10.41 -8.91 15.23
C LEU B 355 -11.56 -9.09 16.23
N ALA B 356 -11.74 -10.32 16.73
CA ALA B 356 -12.69 -10.53 17.80
C ALA B 356 -12.31 -9.73 19.05
N LEU B 357 -11.00 -9.65 19.32
CA LEU B 357 -10.47 -8.83 20.40
C LEU B 357 -10.65 -7.34 20.11
N ARG B 358 -10.34 -6.92 18.88
CA ARG B 358 -10.49 -5.52 18.51
C ARG B 358 -11.94 -5.05 18.64
N ASP B 359 -12.87 -5.86 18.16
CA ASP B 359 -14.26 -5.45 18.03
C ASP B 359 -15.18 -5.95 19.15
N GLN B 360 -14.64 -6.78 20.05
CA GLN B 360 -15.38 -7.34 21.18
C GLN B 360 -16.65 -8.02 20.69
N VAL B 361 -16.46 -8.97 19.77
CA VAL B 361 -17.55 -9.72 19.18
C VAL B 361 -17.04 -11.12 18.84
N ALA B 362 -17.84 -12.12 19.22
CA ALA B 362 -17.59 -13.51 18.89
C ALA B 362 -18.28 -13.79 17.56
N PRO B 363 -17.53 -14.16 16.50
CA PRO B 363 -18.15 -14.56 15.23
C PRO B 363 -19.08 -15.76 15.39
N PRO B 364 -20.11 -15.92 14.53
CA PRO B 364 -21.02 -17.05 14.64
C PRO B 364 -20.47 -18.37 14.10
N THR B 365 -21.03 -19.48 14.61
CA THR B 365 -21.05 -20.73 13.87
C THR B 365 -22.38 -20.79 13.12
N ILE B 366 -22.38 -20.46 11.83
CA ILE B 366 -23.59 -20.61 11.04
C ILE B 366 -23.87 -22.10 10.80
N ASN B 367 -25.09 -22.38 10.37
CA ASN B 367 -25.59 -23.71 10.04
C ASN B 367 -25.73 -24.66 11.21
N LEU B 368 -25.63 -24.16 12.46
CA LEU B 368 -25.68 -25.01 13.64
C LEU B 368 -27.14 -25.18 14.05
N ASP B 369 -27.88 -25.90 13.20
CA ASP B 369 -29.31 -26.05 13.33
C ASP B 369 -29.67 -26.99 14.47
N ASN B 370 -28.94 -28.11 14.55
CA ASN B 370 -29.23 -29.16 15.52
C ASN B 370 -27.91 -29.66 16.12
N PRO B 371 -27.41 -29.01 17.20
CA PRO B 371 -26.16 -29.46 17.85
C PRO B 371 -26.20 -30.94 18.19
N ASP B 372 -25.08 -31.62 17.94
CA ASP B 372 -24.99 -33.06 18.14
C ASP B 372 -24.86 -33.35 19.63
N GLU B 373 -24.93 -34.65 19.99
CA GLU B 373 -24.81 -35.08 21.37
C GLU B 373 -23.56 -34.50 22.03
N GLY B 374 -23.74 -33.88 23.19
CA GLY B 374 -22.65 -33.31 23.96
C GLY B 374 -22.11 -31.96 23.47
N CYS B 375 -22.69 -31.41 22.39
CA CYS B 375 -22.24 -30.13 21.84
C CYS B 375 -23.08 -28.99 22.41
N ASP B 376 -22.96 -28.82 23.74
CA ASP B 376 -23.89 -28.02 24.53
C ASP B 376 -23.23 -26.78 25.11
N LEU B 377 -22.09 -26.38 24.52
CA LEU B 377 -21.42 -25.15 24.90
C LEU B 377 -22.06 -23.97 24.17
N ASP B 378 -21.60 -22.77 24.52
CA ASP B 378 -21.93 -21.58 23.76
C ASP B 378 -21.10 -21.60 22.46
N LEU B 379 -21.71 -22.13 21.40
CA LEU B 379 -21.06 -22.26 20.11
C LEU B 379 -21.45 -21.12 19.17
N VAL B 380 -22.02 -20.05 19.75
CA VAL B 380 -22.37 -18.84 19.02
C VAL B 380 -23.17 -19.20 17.76
N ALA B 381 -24.19 -20.05 17.93
CA ALA B 381 -24.96 -20.50 16.79
C ALA B 381 -25.61 -19.33 16.05
N HIS B 382 -25.44 -19.30 14.72
CA HIS B 382 -26.25 -18.53 13.77
C HIS B 382 -25.84 -17.06 13.66
N GLU B 383 -25.75 -16.36 14.80
CA GLU B 383 -25.56 -14.92 14.83
C GLU B 383 -24.37 -14.49 15.69
N ALA B 384 -23.62 -13.48 15.23
CA ALA B 384 -22.52 -12.92 16.00
C ALA B 384 -22.99 -12.47 17.37
N LYS B 385 -22.09 -12.60 18.37
CA LYS B 385 -22.40 -12.24 19.74
C LYS B 385 -21.41 -11.21 20.30
N PRO B 386 -21.79 -9.92 20.37
CA PRO B 386 -21.04 -8.94 21.14
C PRO B 386 -20.85 -9.41 22.58
N ARG B 387 -19.61 -9.33 23.08
CA ARG B 387 -19.31 -9.71 24.45
C ARG B 387 -17.88 -9.27 24.80
N LYS B 388 -17.57 -9.33 26.09
CA LYS B 388 -16.22 -9.01 26.57
C LYS B 388 -15.27 -10.12 26.14
N ILE B 389 -14.19 -9.73 25.46
CA ILE B 389 -13.15 -10.66 25.05
C ILE B 389 -11.78 -10.03 25.35
N ASP B 390 -11.10 -10.55 26.38
CA ASP B 390 -9.75 -10.13 26.74
C ASP B 390 -8.72 -11.10 26.19
N VAL B 391 -9.11 -12.38 26.08
CA VAL B 391 -8.21 -13.44 25.64
C VAL B 391 -8.96 -14.30 24.61
N ALA B 392 -8.30 -14.51 23.46
CA ALA B 392 -8.83 -15.33 22.39
C ALA B 392 -7.82 -16.41 22.03
N LEU B 393 -8.32 -17.64 21.90
CA LEU B 393 -7.51 -18.81 21.62
C LEU B 393 -7.93 -19.37 20.26
N SER B 394 -6.96 -19.78 19.43
CA SER B 394 -7.22 -20.34 18.11
C SER B 394 -6.55 -21.70 17.95
N ASN B 395 -7.35 -22.71 17.61
CA ASN B 395 -6.88 -24.08 17.45
C ASN B 395 -6.73 -24.51 15.99
N SER B 396 -5.70 -25.30 15.70
CA SER B 396 -5.61 -26.03 14.45
C SER B 396 -5.08 -27.43 14.72
N PHE B 397 -5.70 -28.43 14.07
CA PHE B 397 -5.32 -29.82 14.19
C PHE B 397 -5.19 -30.35 12.77
N GLY B 398 -4.26 -31.29 12.56
CA GLY B 398 -4.00 -31.72 11.21
C GLY B 398 -3.67 -33.20 11.09
N PHE B 399 -3.71 -33.70 9.86
CA PHE B 399 -3.25 -35.04 9.56
C PHE B 399 -1.88 -35.32 10.20
N GLY B 400 -1.71 -36.55 10.68
CA GLY B 400 -0.55 -36.94 11.47
C GLY B 400 -0.72 -36.72 12.97
N GLY B 401 -1.90 -36.21 13.38
CA GLY B 401 -2.17 -35.88 14.77
C GLY B 401 -1.44 -34.63 15.26
N THR B 402 -1.10 -33.73 14.33
CA THR B 402 -0.27 -32.59 14.67
C THR B 402 -1.15 -31.39 15.07
N ASN B 403 -0.90 -30.86 16.27
CA ASN B 403 -1.76 -29.88 16.89
C ASN B 403 -1.02 -28.58 17.20
N GLY B 404 -1.72 -27.47 17.05
CA GLY B 404 -1.20 -26.15 17.37
C GLY B 404 -2.29 -25.26 17.97
N THR B 405 -1.92 -24.46 18.97
CA THR B 405 -2.82 -23.46 19.54
C THR B 405 -2.09 -22.13 19.71
N LEU B 406 -2.75 -21.03 19.30
CA LEU B 406 -2.29 -19.68 19.57
C LEU B 406 -3.20 -18.98 20.57
N VAL B 407 -2.60 -18.16 21.44
CA VAL B 407 -3.33 -17.35 22.39
C VAL B 407 -2.97 -15.89 22.17
N PHE B 408 -4.00 -15.09 21.88
CA PHE B 408 -3.90 -13.64 21.76
C PHE B 408 -4.60 -12.96 22.92
N ARG B 409 -4.11 -11.77 23.27
CA ARG B 409 -4.69 -10.99 24.39
C ARG B 409 -4.79 -9.51 23.99
N ARG B 410 -5.80 -8.82 24.53
CA ARG B 410 -5.91 -7.38 24.28
C ARG B 410 -4.61 -6.71 24.77
N PHE B 411 -4.18 -5.68 24.06
CA PHE B 411 -2.90 -5.04 24.44
C PHE B 411 -3.05 -3.67 25.10
N ALA B 412 -2.65 -3.57 26.35
CA ALA B 412 -2.47 -2.28 27.00
C ALA B 412 -0.99 -2.03 27.42
N SER C 1 -29.81 43.57 -7.98
CA SER C 1 -29.84 42.42 -8.88
C SER C 1 -28.57 42.37 -9.75
N ARG C 2 -28.42 41.22 -10.43
CA ARG C 2 -27.16 40.91 -11.17
C ARG C 2 -27.30 40.78 -12.68
N ARG C 3 -26.16 40.69 -13.35
CA ARG C 3 -26.11 40.68 -14.80
C ARG C 3 -26.15 39.24 -15.33
N ARG C 4 -26.59 39.09 -16.59
CA ARG C 4 -26.71 37.77 -17.18
C ARG C 4 -25.38 37.37 -17.84
N VAL C 5 -25.11 36.07 -17.83
CA VAL C 5 -23.84 35.55 -18.32
C VAL C 5 -24.09 34.55 -19.45
N VAL C 6 -23.42 34.76 -20.58
CA VAL C 6 -23.58 33.89 -21.74
C VAL C 6 -22.23 33.33 -22.16
N ILE C 7 -22.27 32.24 -22.95
CA ILE C 7 -21.08 31.58 -23.47
C ILE C 7 -20.86 31.99 -24.92
N THR C 8 -19.72 32.61 -25.21
CA THR C 8 -19.47 33.12 -26.55
C THR C 8 -18.30 32.47 -27.27
N GLY C 9 -17.59 31.57 -26.58
CA GLY C 9 -16.44 30.89 -27.16
C GLY C 9 -16.10 29.65 -26.36
N MET C 10 -15.64 28.60 -27.04
CA MET C 10 -15.28 27.35 -26.37
C MET C 10 -14.03 26.77 -27.02
N GLY C 11 -13.25 26.04 -26.21
CA GLY C 11 -12.03 25.40 -26.68
C GLY C 11 -11.74 24.15 -25.86
N MET C 12 -11.02 23.20 -26.48
CA MET C 12 -10.87 21.88 -25.89
C MET C 12 -9.69 21.10 -26.46
N LEU C 13 -9.01 20.33 -25.58
CA LEU C 13 -8.21 19.18 -25.96
C LEU C 13 -8.82 18.00 -25.20
N SER C 14 -9.07 16.90 -25.91
CA SER C 14 -9.62 15.72 -25.24
C SER C 14 -9.09 14.44 -25.88
N PRO C 15 -9.36 13.27 -25.25
CA PRO C 15 -9.06 11.99 -25.90
C PRO C 15 -9.79 11.72 -27.22
N LEU C 16 -10.82 12.53 -27.53
CA LEU C 16 -11.59 12.40 -28.76
C LEU C 16 -11.20 13.40 -29.85
N GLY C 17 -10.39 14.40 -29.53
CA GLY C 17 -10.01 15.38 -30.54
C GLY C 17 -9.21 16.56 -30.01
N LEU C 18 -8.56 17.28 -30.93
CA LEU C 18 -7.69 18.40 -30.60
C LEU C 18 -8.42 19.74 -30.62
N ASP C 19 -9.76 19.70 -30.72
CA ASP C 19 -10.57 20.90 -30.65
C ASP C 19 -12.00 20.48 -30.31
N VAL C 20 -12.90 21.46 -30.21
CA VAL C 20 -14.28 21.20 -29.84
C VAL C 20 -15.05 20.41 -30.91
N PRO C 21 -15.10 20.86 -32.19
N PRO C 21 -15.10 20.86 -32.19
CA PRO C 21 -15.87 20.15 -33.20
CA PRO C 21 -15.87 20.15 -33.20
C PRO C 21 -15.47 18.68 -33.37
C PRO C 21 -15.47 18.68 -33.37
N SER C 22 -14.16 18.40 -33.36
CA SER C 22 -13.67 17.03 -33.52
C SER C 22 -14.05 16.15 -32.33
N SER C 23 -13.97 16.70 -31.11
CA SER C 23 -14.39 16.00 -29.91
C SER C 23 -15.89 15.72 -29.89
N TRP C 24 -16.68 16.73 -30.24
CA TRP C 24 -18.13 16.60 -30.28
C TRP C 24 -18.62 15.60 -31.33
N GLU C 25 -17.96 15.55 -32.49
CA GLU C 25 -18.26 14.54 -33.49
C GLU C 25 -18.11 13.14 -32.91
N GLY C 26 -16.99 12.92 -32.19
CA GLY C 26 -16.73 11.67 -31.51
C GLY C 26 -17.81 11.35 -30.48
N ILE C 27 -18.18 12.36 -29.67
CA ILE C 27 -19.23 12.21 -28.69
C ILE C 27 -20.54 11.74 -29.32
N LEU C 28 -20.99 12.42 -30.37
CA LEU C 28 -22.26 12.05 -30.99
C LEU C 28 -22.20 10.69 -31.69
N ALA C 29 -21.01 10.26 -32.11
CA ALA C 29 -20.83 8.97 -32.75
C ALA C 29 -20.63 7.81 -31.77
N GLY C 30 -20.55 8.10 -30.47
CA GLY C 30 -20.32 7.06 -29.46
C GLY C 30 -18.92 6.48 -29.50
N ARG C 31 -17.96 7.27 -29.99
CA ARG C 31 -16.59 6.80 -30.16
C ARG C 31 -15.88 6.84 -28.80
N SER C 32 -15.00 5.87 -28.56
CA SER C 32 -14.14 5.89 -27.38
C SER C 32 -12.81 6.55 -27.70
N GLY C 33 -12.32 7.33 -26.73
CA GLY C 33 -10.99 7.92 -26.81
C GLY C 33 -9.96 7.21 -25.96
N ILE C 34 -10.31 6.00 -25.49
CA ILE C 34 -9.49 5.25 -24.56
C ILE C 34 -8.65 4.21 -25.29
N ALA C 35 -7.36 4.16 -24.97
CA ALA C 35 -6.43 3.26 -25.64
C ALA C 35 -5.25 2.97 -24.73
N PRO C 36 -4.48 1.88 -24.99
CA PRO C 36 -3.22 1.67 -24.30
C PRO C 36 -2.36 2.92 -24.34
N ILE C 37 -1.75 3.26 -23.20
CA ILE C 37 -0.92 4.44 -23.09
C ILE C 37 0.39 4.17 -23.83
N GLU C 38 0.83 5.15 -24.63
CA GLU C 38 2.02 4.98 -25.44
C GLU C 38 3.26 5.70 -24.95
N HIS C 39 3.09 6.75 -24.14
CA HIS C 39 4.16 7.68 -23.81
C HIS C 39 4.98 7.19 -22.61
N MET C 40 4.57 6.11 -21.95
CA MET C 40 5.42 5.47 -20.97
C MET C 40 5.19 3.95 -20.98
N ASP C 41 6.16 3.23 -20.38
CA ASP C 41 6.10 1.79 -20.32
C ASP C 41 5.35 1.39 -19.04
N LEU C 42 4.09 0.94 -19.20
CA LEU C 42 3.27 0.53 -18.07
C LEU C 42 3.18 -0.98 -17.90
N SER C 43 4.15 -1.73 -18.45
CA SER C 43 4.19 -3.18 -18.32
CA SER C 43 4.20 -3.18 -18.32
C SER C 43 4.08 -3.66 -16.87
N ALA C 44 4.64 -2.88 -15.93
CA ALA C 44 4.63 -3.22 -14.51
C ALA C 44 3.41 -2.74 -13.73
N TYR C 45 2.46 -2.08 -14.40
CA TYR C 45 1.32 -1.48 -13.72
C TYR C 45 0.08 -2.36 -13.95
N SER C 46 -0.93 -2.15 -13.09
CA SER C 46 -2.17 -2.91 -13.17
C SER C 46 -3.18 -2.26 -14.11
N THR C 47 -2.98 -0.98 -14.42
CA THR C 47 -3.75 -0.24 -15.41
C THR C 47 -2.77 0.34 -16.43
N ARG C 48 -3.00 0.02 -17.72
CA ARG C 48 -2.04 0.31 -18.78
C ARG C 48 -2.65 1.09 -19.94
N PHE C 49 -3.87 1.59 -19.71
CA PHE C 49 -4.61 2.36 -20.69
C PHE C 49 -5.18 3.62 -20.05
N GLY C 50 -5.65 4.54 -20.91
CA GLY C 50 -6.27 5.78 -20.47
C GLY C 50 -6.66 6.62 -21.67
N GLY C 51 -7.12 7.85 -21.39
CA GLY C 51 -7.51 8.78 -22.44
C GLY C 51 -6.42 9.81 -22.63
N SER C 52 -5.58 9.60 -23.65
CA SER C 52 -4.50 10.52 -23.97
C SER C 52 -4.94 11.53 -25.02
N VAL C 53 -4.34 12.73 -24.99
CA VAL C 53 -4.45 13.65 -26.11
C VAL C 53 -3.48 13.18 -27.20
N LYS C 54 -3.99 12.92 -28.39
CA LYS C 54 -3.20 12.32 -29.46
C LYS C 54 -2.83 13.37 -30.51
N GLY C 55 -1.52 13.49 -30.78
CA GLY C 55 -1.03 14.40 -31.81
C GLY C 55 -1.03 15.88 -31.46
N PHE C 56 -1.08 16.22 -30.17
CA PHE C 56 -0.96 17.61 -29.74
C PHE C 56 0.35 18.24 -30.20
N ASN C 57 0.25 19.41 -30.83
CA ASN C 57 1.42 20.18 -31.23
C ASN C 57 1.35 21.54 -30.54
N VAL C 58 2.14 21.68 -29.46
CA VAL C 58 2.13 22.90 -28.67
C VAL C 58 2.60 24.09 -29.51
N GLU C 59 3.38 23.81 -30.57
CA GLU C 59 3.91 24.88 -31.40
C GLU C 59 2.85 25.56 -32.27
N GLU C 60 1.64 25.00 -32.33
CA GLU C 60 0.49 25.72 -32.88
C GLU C 60 0.10 26.91 -32.01
N TYR C 61 0.49 26.89 -30.72
CA TYR C 61 0.09 27.91 -29.77
C TYR C 61 1.25 28.75 -29.25
N LEU C 62 2.42 28.11 -29.06
CA LEU C 62 3.55 28.70 -28.36
C LEU C 62 4.83 28.40 -29.13
N SER C 63 5.83 29.27 -28.98
CA SER C 63 7.17 28.95 -29.44
C SER C 63 7.72 27.77 -28.64
N ALA C 64 8.66 27.04 -29.22
CA ALA C 64 9.34 25.95 -28.53
C ALA C 64 9.99 26.43 -27.23
N LYS C 65 10.56 27.65 -27.28
CA LYS C 65 11.22 28.29 -26.16
C LYS C 65 10.29 28.47 -24.96
N GLU C 66 9.11 29.04 -25.20
CA GLU C 66 8.12 29.21 -24.15
C GLU C 66 7.60 27.87 -23.64
N ALA C 67 7.28 26.94 -24.54
CA ALA C 67 6.66 25.67 -24.12
C ALA C 67 7.56 24.80 -23.24
N ARG C 68 8.88 24.84 -23.44
CA ARG C 68 9.78 23.90 -22.71
C ARG C 68 9.84 24.24 -21.22
N LYS C 69 9.41 25.44 -20.84
CA LYS C 69 9.37 25.83 -19.43
C LYS C 69 8.05 25.41 -18.77
N LEU C 70 7.11 24.84 -19.52
CA LEU C 70 5.77 24.63 -18.99
C LEU C 70 5.37 23.16 -18.97
N ASP C 71 4.81 22.74 -17.83
CA ASP C 71 4.24 21.40 -17.73
C ASP C 71 3.16 21.21 -18.78
N LEU C 72 2.96 19.95 -19.19
CA LEU C 72 1.92 19.63 -20.13
C LEU C 72 0.53 20.13 -19.70
N PHE C 73 0.19 20.14 -18.41
CA PHE C 73 -1.15 20.57 -18.05
C PHE C 73 -1.33 22.06 -18.35
N ILE C 74 -0.24 22.84 -18.27
CA ILE C 74 -0.30 24.25 -18.61
C ILE C 74 -0.41 24.40 -20.14
N GLN C 75 0.40 23.65 -20.89
CA GLN C 75 0.30 23.66 -22.33
C GLN C 75 -1.13 23.35 -22.78
N TYR C 76 -1.73 22.32 -22.20
CA TYR C 76 -3.10 21.96 -22.54
C TYR C 76 -4.10 23.06 -22.19
N GLY C 77 -3.96 23.65 -20.99
CA GLY C 77 -4.89 24.70 -20.57
C GLY C 77 -4.79 25.92 -21.48
N LEU C 78 -3.56 26.28 -21.85
CA LEU C 78 -3.37 27.39 -22.78
C LEU C 78 -3.95 27.10 -24.16
N ALA C 79 -3.80 25.86 -24.66
CA ALA C 79 -4.35 25.51 -25.97
C ALA C 79 -5.87 25.70 -25.97
N ALA C 80 -6.56 25.17 -24.94
CA ALA C 80 -8.00 25.31 -24.86
C ALA C 80 -8.42 26.77 -24.72
N SER C 81 -7.69 27.53 -23.88
CA SER C 81 -7.98 28.95 -23.67
C SER C 81 -7.81 29.79 -24.93
N PHE C 82 -6.70 29.57 -25.64
CA PHE C 82 -6.49 30.27 -26.91
C PHE C 82 -7.59 29.96 -27.92
N GLN C 83 -7.99 28.67 -28.01
CA GLN C 83 -9.09 28.27 -28.88
C GLN C 83 -10.36 29.02 -28.51
N ALA C 84 -10.70 29.03 -27.21
CA ALA C 84 -11.93 29.67 -26.75
C ALA C 84 -11.94 31.17 -27.08
N VAL C 85 -10.83 31.88 -26.83
CA VAL C 85 -10.76 33.30 -27.13
C VAL C 85 -10.92 33.59 -28.62
N ARG C 86 -10.22 32.81 -29.45
CA ARG C 86 -10.32 32.92 -30.90
C ARG C 86 -11.76 32.64 -31.35
N ASP C 87 -12.37 31.58 -30.81
CA ASP C 87 -13.75 31.24 -31.11
C ASP C 87 -14.74 32.36 -30.77
N SER C 88 -14.46 33.12 -29.69
CA SER C 88 -15.35 34.19 -29.26
C SER C 88 -15.33 35.41 -30.17
N GLY C 89 -14.21 35.60 -30.88
CA GLY C 89 -14.01 36.78 -31.71
C GLY C 89 -13.71 38.08 -30.96
N LEU C 90 -13.54 37.98 -29.63
CA LEU C 90 -13.25 39.14 -28.80
C LEU C 90 -11.93 39.79 -29.18
N GLU C 91 -11.93 41.11 -29.29
CA GLU C 91 -10.72 41.89 -29.49
C GLU C 91 -10.37 42.59 -28.18
N VAL C 92 -9.18 42.31 -27.64
CA VAL C 92 -8.72 42.89 -26.39
C VAL C 92 -8.08 44.24 -26.70
N THR C 93 -8.52 45.30 -26.00
CA THR C 93 -8.02 46.66 -26.19
C THR C 93 -7.72 47.29 -24.83
N ASP C 94 -7.14 48.49 -24.84
CA ASP C 94 -6.93 49.25 -23.60
C ASP C 94 -8.25 49.59 -22.93
N ALA C 95 -9.31 49.74 -23.75
CA ALA C 95 -10.62 50.06 -23.24
C ALA C 95 -11.30 48.90 -22.51
N ASN C 96 -10.90 47.65 -22.75
CA ASN C 96 -11.54 46.54 -22.08
C ASN C 96 -10.63 45.54 -21.34
N ARG C 97 -9.30 45.69 -21.42
CA ARG C 97 -8.41 44.67 -20.89
C ARG C 97 -8.52 44.51 -19.37
N GLU C 98 -8.87 45.59 -18.65
CA GLU C 98 -9.08 45.50 -17.22
C GLU C 98 -10.37 44.76 -16.85
N ARG C 99 -11.23 44.50 -17.85
CA ARG C 99 -12.52 43.88 -17.64
C ARG C 99 -12.56 42.42 -18.10
N ILE C 100 -11.41 41.90 -18.51
CA ILE C 100 -11.28 40.53 -18.97
C ILE C 100 -10.31 39.76 -18.07
N GLY C 101 -10.78 38.68 -17.46
CA GLY C 101 -9.97 37.89 -16.56
C GLY C 101 -9.94 36.41 -16.93
N VAL C 102 -9.37 35.60 -16.03
CA VAL C 102 -9.12 34.20 -16.29
C VAL C 102 -9.22 33.41 -14.98
N SER C 103 -9.91 32.28 -15.07
CA SER C 103 -9.99 31.30 -14.01
C SER C 103 -9.90 29.90 -14.62
N MET C 104 -8.68 29.43 -14.83
CA MET C 104 -8.40 28.09 -15.32
C MET C 104 -7.75 27.34 -14.15
N GLY C 105 -8.31 26.17 -13.82
CA GLY C 105 -7.82 25.40 -12.70
C GLY C 105 -7.25 24.05 -13.08
N SER C 106 -6.79 23.32 -12.07
CA SER C 106 -6.30 21.97 -12.23
C SER C 106 -6.43 21.26 -10.89
N GLY C 107 -6.66 19.94 -10.94
CA GLY C 107 -6.76 19.12 -9.74
C GLY C 107 -5.42 18.81 -9.10
N ILE C 108 -4.46 18.35 -9.90
CA ILE C 108 -3.15 18.01 -9.34
C ILE C 108 -1.98 18.75 -9.99
N GLY C 109 -2.22 19.47 -11.10
CA GLY C 109 -1.19 20.31 -11.66
C GLY C 109 0.00 19.55 -12.23
N GLY C 110 1.22 20.08 -12.03
CA GLY C 110 2.38 19.73 -12.82
C GLY C 110 3.12 18.48 -12.37
N LEU C 111 2.40 17.36 -12.29
CA LEU C 111 2.97 16.14 -11.73
C LEU C 111 4.16 15.61 -12.52
N THR C 112 4.08 15.69 -13.86
CA THR C 112 5.16 15.24 -14.73
C THR C 112 6.41 16.06 -14.44
N ASN C 113 6.27 17.39 -14.40
CA ASN C 113 7.40 18.25 -14.13
C ASN C 113 7.99 17.98 -12.75
N ILE C 114 7.11 17.78 -11.76
CA ILE C 114 7.55 17.49 -10.41
C ILE C 114 8.36 16.21 -10.38
N GLU C 115 7.84 15.17 -11.04
CA GLU C 115 8.53 13.88 -11.10
C GLU C 115 9.90 14.00 -11.75
N ASN C 116 10.01 14.74 -12.87
CA ASN C 116 11.30 14.92 -13.53
C ASN C 116 12.31 15.72 -12.70
N ASN C 117 11.84 16.77 -12.01
CA ASN C 117 12.72 17.56 -11.18
C ASN C 117 13.14 16.80 -9.92
N CYS C 118 12.27 15.95 -9.41
CA CYS C 118 12.65 15.07 -8.28
C CYS C 118 13.76 14.11 -8.71
N ARG C 119 13.64 13.54 -9.90
CA ARG C 119 14.67 12.63 -10.38
C ARG C 119 16.03 13.33 -10.38
N SER C 120 16.08 14.55 -10.95
CA SER C 120 17.31 15.33 -10.95
C SER C 120 17.80 15.59 -9.52
N LEU C 121 16.87 15.99 -8.63
CA LEU C 121 17.21 16.26 -7.24
C LEU C 121 17.84 15.05 -6.54
N PHE C 122 17.23 13.88 -6.69
CA PHE C 122 17.71 12.69 -5.99
C PHE C 122 19.02 12.16 -6.58
N GLU C 123 19.15 12.23 -7.91
CA GLU C 123 20.31 11.68 -8.58
C GLU C 123 21.51 12.62 -8.50
N GLN C 124 21.25 13.94 -8.56
CA GLN C 124 22.32 14.92 -8.74
C GLN C 124 22.32 16.10 -7.76
N GLY C 125 21.27 16.21 -6.93
CA GLY C 125 21.19 17.27 -5.94
C GLY C 125 20.38 18.48 -6.42
N PRO C 126 20.16 19.48 -5.54
CA PRO C 126 19.19 20.54 -5.81
C PRO C 126 19.59 21.50 -6.93
N ARG C 127 20.89 21.63 -7.20
CA ARG C 127 21.33 22.52 -8.26
C ARG C 127 20.91 22.07 -9.66
N ARG C 128 20.40 20.83 -9.80
CA ARG C 128 19.90 20.35 -11.09
C ARG C 128 18.41 20.61 -11.31
N ILE C 129 17.73 21.16 -10.29
CA ILE C 129 16.34 21.59 -10.43
C ILE C 129 16.30 22.79 -11.38
N SER C 130 15.31 22.79 -12.29
CA SER C 130 15.18 23.87 -13.25
C SER C 130 14.84 25.20 -12.58
N PRO C 131 15.43 26.32 -13.04
CA PRO C 131 14.99 27.66 -12.62
C PRO C 131 13.52 27.95 -12.92
N PHE C 132 12.96 27.25 -13.91
CA PHE C 132 11.58 27.40 -14.32
C PHE C 132 10.65 26.39 -13.65
N PHE C 133 11.18 25.57 -12.73
CA PHE C 133 10.39 24.52 -12.12
C PHE C 133 9.12 25.05 -11.46
N VAL C 134 9.26 26.08 -10.61
CA VAL C 134 8.10 26.56 -9.86
C VAL C 134 7.09 27.21 -10.80
N PRO C 135 7.44 28.28 -11.57
CA PRO C 135 6.45 28.92 -12.42
C PRO C 135 5.90 28.06 -13.56
N GLY C 136 6.64 27.02 -13.94
CA GLY C 136 6.21 26.10 -14.98
C GLY C 136 5.40 24.89 -14.48
N SER C 137 5.15 24.85 -13.16
CA SER C 137 4.48 23.70 -12.57
C SER C 137 3.27 24.02 -11.69
N ILE C 138 3.17 25.25 -11.21
CA ILE C 138 2.10 25.59 -10.28
C ILE C 138 0.79 25.86 -11.02
N ILE C 139 -0.33 25.60 -10.33
CA ILE C 139 -1.61 25.47 -10.98
C ILE C 139 -2.13 26.79 -11.58
N ASN C 140 -1.77 27.90 -10.97
CA ASN C 140 -2.32 29.21 -11.40
C ASN C 140 -1.61 29.76 -12.65
N MET C 141 -0.68 28.99 -13.22
CA MET C 141 0.10 29.57 -14.36
C MET C 141 -0.63 29.46 -15.70
N VAL C 142 -1.70 28.66 -15.82
CA VAL C 142 -2.53 28.77 -17.02
C VAL C 142 -3.13 30.18 -17.06
N SER C 143 -3.79 30.57 -15.96
CA SER C 143 -4.31 31.94 -15.82
C SER C 143 -3.20 32.99 -15.99
N GLY C 144 -2.06 32.74 -15.33
CA GLY C 144 -0.93 33.66 -15.41
C GLY C 144 -0.43 33.85 -16.84
N PHE C 145 -0.03 32.75 -17.49
CA PHE C 145 0.53 32.85 -18.84
C PHE C 145 -0.50 33.36 -19.87
N LEU C 146 -1.76 32.92 -19.76
CA LEU C 146 -2.79 33.40 -20.67
C LEU C 146 -2.92 34.91 -20.55
N SER C 147 -2.95 35.42 -19.32
CA SER C 147 -3.10 36.85 -19.11
C SER C 147 -1.94 37.62 -19.70
N ILE C 148 -0.73 37.07 -19.55
CA ILE C 148 0.45 37.71 -20.12
C ILE C 148 0.40 37.72 -21.66
N HIS C 149 0.01 36.59 -22.25
CA HIS C 149 0.02 36.44 -23.70
C HIS C 149 -1.02 37.32 -24.38
N LEU C 150 -2.19 37.48 -23.74
CA LEU C 150 -3.30 38.22 -24.32
C LEU C 150 -3.51 39.61 -23.74
N GLY C 151 -2.74 39.99 -22.72
CA GLY C 151 -2.87 41.29 -22.09
C GLY C 151 -4.12 41.45 -21.22
N LEU C 152 -4.52 40.38 -20.54
CA LEU C 152 -5.72 40.38 -19.71
C LEU C 152 -5.42 40.84 -18.28
N GLN C 153 -6.08 41.92 -17.83
CA GLN C 153 -5.77 42.51 -16.55
C GLN C 153 -6.89 42.41 -15.51
N GLY C 154 -7.94 41.66 -15.85
CA GLY C 154 -9.06 41.42 -14.94
C GLY C 154 -8.73 40.37 -13.89
N PRO C 155 -9.74 39.93 -13.10
CA PRO C 155 -9.54 38.95 -12.05
C PRO C 155 -8.80 37.74 -12.59
N ASN C 156 -7.75 37.35 -11.86
CA ASN C 156 -6.81 36.34 -12.30
C ASN C 156 -6.59 35.34 -11.17
N TYR C 157 -7.13 34.13 -11.33
CA TYR C 157 -7.03 33.14 -10.27
C TYR C 157 -7.20 31.71 -10.77
N ALA C 158 -7.06 30.74 -9.84
CA ALA C 158 -7.18 29.33 -10.15
C ALA C 158 -7.78 28.57 -8.98
N LEU C 159 -8.73 27.70 -9.30
CA LEU C 159 -9.34 26.76 -8.39
C LEU C 159 -8.61 25.41 -8.47
N THR C 160 -8.58 24.69 -7.36
CA THR C 160 -8.12 23.32 -7.33
C THR C 160 -9.05 22.56 -6.36
N THR C 161 -10.04 21.87 -6.93
CA THR C 161 -11.03 21.13 -6.15
C THR C 161 -11.19 19.74 -6.76
N ALA C 162 -10.05 19.10 -7.05
CA ALA C 162 -10.06 17.73 -7.51
C ALA C 162 -10.96 17.59 -8.75
N ALA C 163 -11.83 16.58 -8.80
CA ALA C 163 -12.68 16.37 -9.96
C ALA C 163 -13.76 17.42 -10.17
N THR C 164 -13.91 18.35 -9.21
CA THR C 164 -14.90 19.42 -9.32
C THR C 164 -14.31 20.70 -9.91
N THR C 165 -12.98 20.72 -10.10
CA THR C 165 -12.26 21.93 -10.47
C THR C 165 -12.88 22.69 -11.64
N GLY C 166 -13.16 21.99 -12.74
CA GLY C 166 -13.60 22.66 -13.95
C GLY C 166 -14.96 23.33 -13.77
N THR C 167 -15.85 22.68 -13.00
CA THR C 167 -17.16 23.20 -12.72
C THR C 167 -17.08 24.43 -11.81
N HIS C 168 -16.30 24.35 -10.72
CA HIS C 168 -16.15 25.47 -9.81
C HIS C 168 -15.50 26.65 -10.54
N SER C 169 -14.55 26.35 -11.42
CA SER C 169 -13.82 27.41 -12.12
C SER C 169 -14.79 28.24 -12.98
N ILE C 170 -15.66 27.55 -13.71
CA ILE C 170 -16.65 28.20 -14.55
C ILE C 170 -17.72 28.95 -13.73
N GLY C 171 -18.25 28.30 -12.69
CA GLY C 171 -19.26 28.92 -11.84
C GLY C 171 -18.78 30.19 -11.15
N MET C 172 -17.56 30.16 -10.59
CA MET C 172 -17.05 31.31 -9.89
C MET C 172 -16.66 32.45 -10.84
N ALA C 173 -16.23 32.10 -12.05
CA ALA C 173 -16.01 33.09 -13.10
C ALA C 173 -17.32 33.78 -13.49
N ALA C 174 -18.42 33.01 -13.56
CA ALA C 174 -19.72 33.58 -13.81
C ALA C 174 -20.13 34.58 -12.74
N ARG C 175 -19.84 34.25 -11.48
CA ARG C 175 -20.08 35.16 -10.36
C ARG C 175 -19.33 36.48 -10.53
N ASN C 176 -18.07 36.43 -10.97
CA ASN C 176 -17.32 37.66 -11.17
C ASN C 176 -18.06 38.58 -12.12
N ILE C 177 -18.62 37.99 -13.20
CA ILE C 177 -19.25 38.80 -14.23
C ILE C 177 -20.59 39.33 -13.72
N ALA C 178 -21.38 38.45 -13.09
CA ALA C 178 -22.66 38.85 -12.52
C ALA C 178 -22.54 39.98 -11.51
N TYR C 179 -21.44 39.97 -10.73
CA TYR C 179 -21.20 40.95 -9.68
C TYR C 179 -20.56 42.24 -10.21
N GLY C 180 -20.12 42.24 -11.48
CA GLY C 180 -19.56 43.43 -12.09
C GLY C 180 -18.04 43.59 -11.94
N GLU C 181 -17.37 42.55 -11.45
CA GLU C 181 -15.91 42.53 -11.33
C GLU C 181 -15.21 42.30 -12.67
N ALA C 182 -15.97 41.81 -13.66
CA ALA C 182 -15.44 41.57 -14.98
C ALA C 182 -16.60 41.55 -15.97
N ASP C 183 -16.31 41.85 -17.24
CA ASP C 183 -17.28 41.66 -18.32
C ASP C 183 -17.07 40.36 -19.08
N VAL C 184 -15.84 39.80 -19.01
CA VAL C 184 -15.46 38.60 -19.73
C VAL C 184 -14.52 37.80 -18.83
N MET C 185 -14.69 36.47 -18.81
CA MET C 185 -13.79 35.57 -18.13
C MET C 185 -13.54 34.36 -19.02
N VAL C 186 -12.27 33.95 -19.12
CA VAL C 186 -11.92 32.67 -19.69
C VAL C 186 -11.81 31.69 -18.52
N ALA C 187 -12.60 30.61 -18.57
CA ALA C 187 -12.72 29.73 -17.43
C ALA C 187 -12.83 28.27 -17.84
N GLY C 188 -12.34 27.39 -16.96
CA GLY C 188 -12.33 25.96 -17.19
C GLY C 188 -11.21 25.27 -16.40
N GLY C 189 -10.65 24.21 -17.00
CA GLY C 189 -9.58 23.49 -16.34
C GLY C 189 -8.76 22.60 -17.28
N SER C 190 -7.64 22.11 -16.76
CA SER C 190 -6.76 21.22 -17.51
C SER C 190 -6.07 20.25 -16.57
N GLU C 191 -5.67 19.10 -17.12
CA GLU C 191 -5.06 18.04 -16.34
C GLU C 191 -4.18 17.18 -17.24
N MET C 192 -3.02 16.83 -16.71
CA MET C 192 -2.17 15.81 -17.29
CA MET C 192 -2.17 15.80 -17.30
C MET C 192 -1.51 15.09 -16.13
N ALA C 193 -2.21 14.07 -15.60
CA ALA C 193 -1.71 13.29 -14.49
C ALA C 193 -1.21 11.92 -14.93
N ALA C 194 -1.10 11.69 -16.25
CA ALA C 194 -0.63 10.40 -16.74
C ALA C 194 0.90 10.32 -16.70
N CYS C 195 1.42 10.16 -15.48
CA CYS C 195 2.82 9.85 -15.24
C CYS C 195 2.83 8.76 -14.17
N GLY C 196 4.02 8.25 -13.82
CA GLY C 196 4.12 7.20 -12.81
C GLY C 196 3.42 7.53 -11.48
N LEU C 197 3.65 8.76 -10.98
CA LEU C 197 3.00 9.20 -9.75
C LEU C 197 1.48 9.21 -9.82
N GLY C 198 0.96 9.62 -10.98
CA GLY C 198 -0.49 9.70 -11.15
C GLY C 198 -1.14 8.33 -11.28
N LEU C 199 -0.69 7.52 -12.26
CA LEU C 199 -1.19 6.16 -12.43
C LEU C 199 -0.95 5.35 -11.17
N GLY C 200 0.24 5.51 -10.57
CA GLY C 200 0.58 4.81 -9.34
C GLY C 200 -0.27 5.25 -8.15
N GLY C 201 -0.49 6.57 -8.01
CA GLY C 201 -1.30 7.12 -6.94
C GLY C 201 -2.76 6.64 -6.95
N PHE C 202 -3.42 6.75 -8.10
CA PHE C 202 -4.77 6.22 -8.24
C PHE C 202 -4.85 4.70 -8.18
N GLY C 203 -3.84 4.03 -8.77
CA GLY C 203 -3.74 2.58 -8.68
C GLY C 203 -3.58 2.07 -7.26
N ALA C 204 -2.75 2.76 -6.45
CA ALA C 204 -2.49 2.35 -5.08
C ALA C 204 -3.79 2.33 -4.28
N ALA C 205 -4.70 3.25 -4.63
CA ALA C 205 -6.02 3.34 -4.02
C ALA C 205 -7.03 2.36 -4.62
N ARG C 206 -6.61 1.60 -5.65
CA ARG C 206 -7.46 0.63 -6.33
C ARG C 206 -8.70 1.28 -6.92
N ALA C 207 -8.55 2.53 -7.37
CA ALA C 207 -9.64 3.32 -7.89
C ALA C 207 -9.87 3.16 -9.39
N LEU C 208 -8.85 2.66 -10.11
CA LEU C 208 -8.87 2.63 -11.57
C LEU C 208 -9.44 1.31 -12.08
N SER C 209 -10.19 1.37 -13.19
CA SER C 209 -10.45 0.16 -13.96
C SER C 209 -9.15 -0.55 -14.33
N THR C 210 -9.20 -1.89 -14.33
CA THR C 210 -8.08 -2.74 -14.71
C THR C 210 -8.43 -3.60 -15.92
N ARG C 211 -9.38 -3.13 -16.74
CA ARG C 211 -9.85 -3.89 -17.89
C ARG C 211 -8.92 -3.65 -19.08
N ASN C 212 -7.68 -4.11 -18.95
CA ASN C 212 -6.64 -3.87 -19.94
C ASN C 212 -6.87 -4.58 -21.28
N ASP C 213 -7.61 -5.69 -21.26
CA ASP C 213 -7.92 -6.47 -22.44
C ASP C 213 -8.89 -5.77 -23.40
N GLU C 214 -9.73 -4.90 -22.87
CA GLU C 214 -10.71 -4.16 -23.66
C GLU C 214 -10.80 -2.71 -23.17
N PRO C 215 -9.78 -1.86 -23.41
CA PRO C 215 -9.79 -0.49 -22.88
C PRO C 215 -11.02 0.34 -23.24
N THR C 216 -11.58 0.13 -24.45
CA THR C 216 -12.71 0.96 -24.85
C THR C 216 -14.02 0.61 -24.12
N ARG C 217 -14.03 -0.56 -23.47
CA ARG C 217 -15.17 -1.00 -22.65
C ARG C 217 -14.98 -0.76 -21.16
N ALA C 218 -13.84 -0.17 -20.76
CA ALA C 218 -13.50 -0.04 -19.35
C ALA C 218 -14.42 0.94 -18.62
N SER C 219 -14.62 2.12 -19.23
CA SER C 219 -15.45 3.16 -18.63
C SER C 219 -16.90 2.87 -18.96
N ARG C 220 -17.66 2.46 -17.94
CA ARG C 220 -19.01 1.95 -18.16
C ARG C 220 -19.93 2.42 -17.02
N PRO C 221 -20.21 3.74 -16.96
CA PRO C 221 -21.02 4.32 -15.89
C PRO C 221 -22.37 3.63 -15.74
N TRP C 222 -22.70 3.26 -14.49
CA TRP C 222 -23.95 2.63 -14.08
C TRP C 222 -24.09 1.17 -14.52
N ASP C 223 -23.09 0.62 -15.21
CA ASP C 223 -23.11 -0.77 -15.62
C ASP C 223 -22.69 -1.66 -14.45
N ARG C 224 -23.32 -2.83 -14.32
CA ARG C 224 -23.08 -3.63 -13.14
C ARG C 224 -21.67 -4.21 -13.07
N ASP C 225 -20.95 -4.23 -14.19
CA ASP C 225 -19.57 -4.74 -14.24
C ASP C 225 -18.51 -3.65 -14.27
N ARG C 226 -18.89 -2.41 -13.90
CA ARG C 226 -17.91 -1.34 -13.74
C ARG C 226 -16.93 -1.68 -12.62
N ASP C 227 -15.68 -1.21 -12.77
CA ASP C 227 -14.62 -1.54 -11.83
C ASP C 227 -13.64 -0.38 -11.62
N GLY C 228 -14.15 0.85 -11.73
CA GLY C 228 -13.36 2.04 -11.40
C GLY C 228 -13.22 2.95 -12.61
N PHE C 229 -12.62 4.12 -12.38
CA PHE C 229 -12.60 5.14 -13.40
C PHE C 229 -11.43 4.92 -14.37
N VAL C 230 -11.49 5.64 -15.49
CA VAL C 230 -10.45 5.64 -16.49
C VAL C 230 -9.78 7.01 -16.47
N LEU C 231 -8.45 7.02 -16.36
CA LEU C 231 -7.68 8.25 -16.25
C LEU C 231 -7.48 8.90 -17.62
N SER C 232 -7.90 10.17 -17.73
CA SER C 232 -7.81 10.87 -19.00
C SER C 232 -7.22 12.26 -18.83
N ASP C 233 -6.75 12.81 -19.95
CA ASP C 233 -5.97 14.02 -20.01
C ASP C 233 -6.67 15.02 -20.93
N GLY C 234 -6.42 16.30 -20.66
CA GLY C 234 -6.83 17.34 -21.58
C GLY C 234 -7.29 18.61 -20.89
N SER C 235 -8.20 19.34 -21.56
CA SER C 235 -8.54 20.69 -21.14
C SER C 235 -9.81 21.18 -21.82
N GLY C 236 -10.53 22.02 -21.07
CA GLY C 236 -11.68 22.73 -21.60
C GLY C 236 -11.63 24.16 -21.11
N ALA C 237 -11.99 25.09 -22.01
CA ALA C 237 -12.12 26.49 -21.67
C ALA C 237 -13.36 27.08 -22.33
N LEU C 238 -14.00 28.02 -21.61
CA LEU C 238 -15.14 28.76 -22.12
CA LEU C 238 -15.14 28.75 -22.12
C LEU C 238 -14.88 30.24 -21.95
N VAL C 239 -15.30 31.04 -22.94
CA VAL C 239 -15.41 32.48 -22.76
C VAL C 239 -16.82 32.77 -22.25
N LEU C 240 -16.88 33.20 -20.99
CA LEU C 240 -18.09 33.69 -20.36
CA LEU C 240 -18.09 33.70 -20.35
C LEU C 240 -18.12 35.21 -20.55
N GLU C 241 -19.32 35.76 -20.79
CA GLU C 241 -19.42 37.17 -21.16
C GLU C 241 -20.75 37.75 -20.68
N GLU C 242 -20.72 38.97 -20.14
CA GLU C 242 -21.94 39.64 -19.77
C GLU C 242 -22.80 39.85 -21.03
N LEU C 243 -24.11 39.66 -20.89
CA LEU C 243 -25.00 39.62 -22.04
C LEU C 243 -25.00 40.88 -22.91
N GLU C 244 -25.16 42.06 -22.30
CA GLU C 244 -25.16 43.30 -23.07
C GLU C 244 -23.83 43.54 -23.79
N HIS C 245 -22.72 43.18 -23.13
CA HIS C 245 -21.39 43.27 -23.71
C HIS C 245 -21.33 42.43 -24.98
N ALA C 246 -21.83 41.19 -24.91
CA ALA C 246 -21.85 40.27 -26.04
C ALA C 246 -22.72 40.82 -27.18
N ARG C 247 -23.93 41.25 -26.82
CA ARG C 247 -24.85 41.83 -27.79
C ARG C 247 -24.29 43.06 -28.48
N ALA C 248 -23.57 43.91 -27.74
CA ALA C 248 -23.07 45.17 -28.28
C ALA C 248 -22.03 44.95 -29.37
N ARG C 249 -21.24 43.87 -29.26
CA ARG C 249 -20.21 43.59 -30.25
C ARG C 249 -20.64 42.56 -31.28
N GLY C 250 -21.91 42.11 -31.24
CA GLY C 250 -22.43 41.13 -32.18
C GLY C 250 -21.84 39.73 -32.01
N ALA C 251 -21.59 39.36 -30.75
CA ALA C 251 -21.07 38.04 -30.47
C ALA C 251 -22.07 36.94 -30.82
N ARG C 252 -21.54 35.80 -31.26
CA ARG C 252 -22.33 34.59 -31.40
CA ARG C 252 -22.32 34.58 -31.40
C ARG C 252 -22.48 33.97 -30.01
N ILE C 253 -23.73 33.80 -29.58
CA ILE C 253 -24.01 33.27 -28.25
C ILE C 253 -24.40 31.80 -28.38
N TYR C 254 -23.69 30.92 -27.65
CA TYR C 254 -24.00 29.50 -27.68
C TYR C 254 -25.15 29.12 -26.75
N ALA C 255 -25.16 29.71 -25.55
CA ALA C 255 -26.12 29.38 -24.50
C ALA C 255 -25.94 30.36 -23.35
N GLU C 256 -26.86 30.29 -22.37
CA GLU C 256 -26.79 31.15 -21.20
C GLU C 256 -26.44 30.28 -19.99
N LEU C 257 -25.54 30.81 -19.15
CA LEU C 257 -25.22 30.18 -17.87
CA LEU C 257 -25.22 30.18 -17.87
C LEU C 257 -26.10 30.82 -16.80
N VAL C 258 -27.09 30.06 -16.35
CA VAL C 258 -28.13 30.61 -15.47
C VAL C 258 -28.01 30.24 -13.99
N GLY C 259 -27.32 29.12 -13.69
CA GLY C 259 -27.19 28.69 -12.31
C GLY C 259 -25.85 28.04 -11.98
N PHE C 260 -25.42 28.25 -10.73
CA PHE C 260 -24.25 27.58 -10.18
C PHE C 260 -24.52 27.27 -8.72
N GLY C 261 -24.30 26.00 -8.37
CA GLY C 261 -24.48 25.57 -6.99
C GLY C 261 -23.28 24.83 -6.46
N MET C 262 -23.14 24.86 -5.14
CA MET C 262 -22.03 24.15 -4.49
C MET C 262 -22.52 23.51 -3.21
N SER C 263 -21.87 22.43 -2.80
CA SER C 263 -22.11 21.87 -1.49
C SER C 263 -20.90 21.03 -1.08
N GLY C 264 -20.88 20.64 0.20
CA GLY C 264 -19.97 19.64 0.70
C GLY C 264 -20.75 18.47 1.30
N ASP C 265 -20.28 17.25 1.02
CA ASP C 265 -20.85 16.06 1.63
C ASP C 265 -20.62 16.00 3.14
N ALA C 266 -19.44 16.44 3.58
CA ALA C 266 -18.99 16.26 4.96
C ALA C 266 -19.13 14.80 5.39
N PHE C 267 -18.65 13.88 4.53
CA PHE C 267 -18.82 12.46 4.75
C PHE C 267 -17.51 11.68 4.77
N HIS C 268 -16.79 11.68 3.63
CA HIS C 268 -15.56 10.88 3.50
C HIS C 268 -14.56 11.55 2.55
N MET C 269 -13.28 11.25 2.73
CA MET C 269 -12.20 11.91 1.93
C MET C 269 -12.29 11.57 0.43
N THR C 270 -12.83 10.39 0.08
CA THR C 270 -12.84 9.95 -1.35
C THR C 270 -14.19 9.36 -1.78
N ALA C 271 -14.94 8.77 -0.86
CA ALA C 271 -16.21 8.16 -1.20
C ALA C 271 -17.38 9.12 -0.98
N PRO C 272 -18.41 9.11 -1.85
CA PRO C 272 -19.63 9.89 -1.60
C PRO C 272 -20.52 9.10 -0.64
N PRO C 273 -21.47 9.76 0.04
CA PRO C 273 -22.51 9.03 0.78
C PRO C 273 -23.34 8.24 -0.22
N GLU C 274 -23.79 7.05 0.18
CA GLU C 274 -24.53 6.16 -0.71
C GLU C 274 -25.81 6.78 -1.27
N ASP C 275 -26.44 7.66 -0.51
CA ASP C 275 -27.65 8.34 -0.96
C ASP C 275 -27.41 9.63 -1.75
N GLY C 276 -26.14 10.02 -1.95
CA GLY C 276 -25.81 11.22 -2.69
C GLY C 276 -26.43 12.50 -2.14
N ALA C 277 -26.58 12.56 -0.80
CA ALA C 277 -27.26 13.70 -0.19
C ALA C 277 -26.60 15.04 -0.52
N GLY C 278 -25.26 15.06 -0.52
CA GLY C 278 -24.53 16.26 -0.86
C GLY C 278 -24.74 16.69 -2.30
N ALA C 279 -24.75 15.72 -3.21
CA ALA C 279 -25.01 15.98 -4.61
C ALA C 279 -26.43 16.53 -4.81
N ALA C 280 -27.40 15.99 -4.06
CA ALA C 280 -28.77 16.49 -4.12
C ALA C 280 -28.85 17.96 -3.71
N ARG C 281 -28.21 18.31 -2.58
CA ARG C 281 -28.22 19.68 -2.10
C ARG C 281 -27.60 20.61 -3.14
N CYS C 282 -26.52 20.13 -3.78
CA CYS C 282 -25.79 20.90 -4.76
C CYS C 282 -26.64 21.22 -5.99
N MET C 283 -27.31 20.19 -6.52
CA MET C 283 -28.18 20.37 -7.67
C MET C 283 -29.32 21.33 -7.32
N LYS C 284 -29.92 21.17 -6.14
CA LYS C 284 -30.98 22.08 -5.73
C LYS C 284 -30.48 23.51 -5.58
N ASN C 285 -29.27 23.69 -5.04
CA ASN C 285 -28.68 25.01 -4.92
C ASN C 285 -28.49 25.67 -6.30
N ALA C 286 -28.07 24.87 -7.30
CA ALA C 286 -27.89 25.35 -8.66
C ALA C 286 -29.22 25.77 -9.30
N LEU C 287 -30.24 24.94 -9.09
CA LEU C 287 -31.56 25.23 -9.64
C LEU C 287 -32.18 26.47 -8.99
N ARG C 288 -32.01 26.61 -7.66
CA ARG C 288 -32.47 27.78 -6.95
C ARG C 288 -31.76 29.03 -7.45
N ASP C 289 -30.45 28.90 -7.70
CA ASP C 289 -29.68 30.01 -8.25
C ASP C 289 -30.21 30.46 -9.61
N ALA C 290 -30.64 29.48 -10.42
CA ALA C 290 -31.18 29.72 -11.75
C ALA C 290 -32.65 30.14 -11.77
N GLY C 291 -33.33 30.08 -10.61
CA GLY C 291 -34.76 30.32 -10.56
C GLY C 291 -35.55 29.30 -11.36
N LEU C 292 -35.09 28.03 -11.34
CA LEU C 292 -35.76 26.95 -12.05
C LEU C 292 -36.30 25.88 -11.09
N ASP C 293 -37.43 25.30 -11.46
CA ASP C 293 -37.95 24.11 -10.81
C ASP C 293 -37.28 22.90 -11.43
N PRO C 294 -37.07 21.80 -10.65
CA PRO C 294 -36.52 20.56 -11.21
C PRO C 294 -37.19 20.10 -12.51
N ARG C 295 -38.51 20.29 -12.62
CA ARG C 295 -39.24 19.85 -13.80
C ARG C 295 -38.88 20.58 -15.09
N GLN C 296 -38.12 21.68 -15.00
CA GLN C 296 -37.67 22.39 -16.21
C GLN C 296 -36.36 21.85 -16.79
N VAL C 297 -35.74 20.89 -16.10
CA VAL C 297 -34.50 20.29 -16.58
C VAL C 297 -34.81 19.18 -17.59
N ASP C 298 -34.13 19.24 -18.74
CA ASP C 298 -34.30 18.26 -19.81
C ASP C 298 -33.14 17.27 -19.96
N TYR C 299 -31.92 17.75 -19.70
CA TYR C 299 -30.70 16.95 -19.86
C TYR C 299 -29.75 17.18 -18.68
N ILE C 300 -29.22 16.08 -18.15
CA ILE C 300 -28.15 16.11 -17.17
C ILE C 300 -26.91 15.42 -17.75
N ASN C 301 -25.82 16.17 -17.85
CA ASN C 301 -24.51 15.58 -18.05
C ASN C 301 -23.98 15.18 -16.68
N ALA C 302 -24.10 13.89 -16.37
CA ALA C 302 -23.72 13.36 -15.07
C ALA C 302 -22.22 13.42 -14.86
N HIS C 303 -21.83 13.35 -13.59
CA HIS C 303 -20.38 13.17 -13.29
C HIS C 303 -20.07 11.74 -13.74
N GLY C 304 -20.82 10.73 -13.29
CA GLY C 304 -20.74 9.38 -13.89
C GLY C 304 -19.36 8.80 -14.13
N THR C 305 -18.54 8.63 -13.10
CA THR C 305 -17.12 8.19 -13.24
C THR C 305 -16.90 6.68 -13.52
N SER C 306 -17.91 5.83 -13.37
CA SER C 306 -17.74 4.35 -13.52
C SER C 306 -17.13 3.75 -12.25
N THR C 307 -17.28 4.43 -11.11
CA THR C 307 -16.88 3.84 -9.84
C THR C 307 -18.11 3.17 -9.22
N PRO C 308 -17.93 2.09 -8.42
CA PRO C 308 -19.06 1.45 -7.75
C PRO C 308 -19.95 2.41 -6.94
N ALA C 309 -19.37 3.10 -5.96
CA ALA C 309 -20.15 3.95 -5.06
C ALA C 309 -20.66 5.23 -5.73
N GLY C 310 -19.81 5.85 -6.54
CA GLY C 310 -20.11 7.15 -7.11
C GLY C 310 -21.35 7.12 -8.01
N ASP C 311 -21.39 6.15 -8.93
CA ASP C 311 -22.43 6.12 -9.93
C ASP C 311 -23.82 5.97 -9.32
N ILE C 312 -23.94 5.09 -8.33
CA ILE C 312 -25.24 4.86 -7.72
C ILE C 312 -25.66 6.03 -6.83
N ALA C 313 -24.71 6.67 -6.13
CA ALA C 313 -25.00 7.88 -5.36
C ALA C 313 -25.62 8.97 -6.23
N GLU C 314 -25.13 9.14 -7.47
CA GLU C 314 -25.64 10.18 -8.34
C GLU C 314 -27.06 9.90 -8.81
N ILE C 315 -27.37 8.61 -9.07
CA ILE C 315 -28.73 8.20 -9.36
C ILE C 315 -29.64 8.54 -8.19
N ALA C 316 -29.23 8.19 -6.97
CA ALA C 316 -30.04 8.45 -5.80
C ALA C 316 -30.32 9.95 -5.67
N ALA C 317 -29.28 10.77 -5.87
CA ALA C 317 -29.40 12.22 -5.75
C ALA C 317 -30.38 12.77 -6.78
N VAL C 318 -30.29 12.29 -8.03
CA VAL C 318 -31.19 12.73 -9.08
C VAL C 318 -32.64 12.34 -8.77
N LYS C 319 -32.87 11.12 -8.28
CA LYS C 319 -34.20 10.69 -7.91
C LYS C 319 -34.77 11.53 -6.77
N SER C 320 -33.91 11.89 -5.81
CA SER C 320 -34.31 12.74 -4.70
CA SER C 320 -34.31 12.75 -4.70
C SER C 320 -34.73 14.14 -5.16
N VAL C 321 -33.91 14.77 -6.01
CA VAL C 321 -34.19 16.12 -6.45
C VAL C 321 -35.36 16.20 -7.43
N PHE C 322 -35.42 15.25 -8.38
CA PHE C 322 -36.31 15.38 -9.52
C PHE C 322 -37.60 14.60 -9.36
N GLY C 323 -37.66 13.65 -8.42
CA GLY C 323 -38.87 12.88 -8.18
C GLY C 323 -39.31 12.13 -9.44
N GLU C 324 -40.61 12.19 -9.76
CA GLU C 324 -41.12 11.53 -10.94
C GLU C 324 -40.47 12.05 -12.24
N HIS C 325 -40.09 13.33 -12.23
CA HIS C 325 -39.48 13.95 -13.39
C HIS C 325 -38.11 13.33 -13.71
N ALA C 326 -37.50 12.61 -12.75
CA ALA C 326 -36.26 11.90 -12.98
C ALA C 326 -36.39 10.93 -14.14
N HIS C 327 -37.63 10.47 -14.41
CA HIS C 327 -37.93 9.51 -15.46
C HIS C 327 -38.31 10.21 -16.78
N ALA C 328 -38.39 11.54 -16.80
CA ALA C 328 -38.69 12.30 -18.02
C ALA C 328 -37.46 12.95 -18.67
N LEU C 329 -36.54 13.43 -17.82
CA LEU C 329 -35.28 13.97 -18.30
C LEU C 329 -34.42 12.86 -18.88
N SER C 330 -33.39 13.28 -19.62
CA SER C 330 -32.38 12.32 -20.12
C SER C 330 -31.08 12.66 -19.38
N MET C 331 -30.37 11.63 -18.91
CA MET C 331 -29.09 11.84 -18.18
C MET C 331 -28.02 10.92 -18.80
N SER C 332 -26.85 11.48 -19.11
CA SER C 332 -25.81 10.63 -19.65
C SER C 332 -24.44 11.03 -19.11
N SER C 333 -23.52 10.06 -19.10
CA SER C 333 -22.13 10.32 -18.76
C SER C 333 -21.27 10.18 -20.01
N THR C 334 -20.70 11.31 -20.44
CA THR C 334 -19.75 11.32 -21.54
C THR C 334 -18.38 10.78 -21.14
N LYS C 335 -18.17 10.52 -19.84
CA LYS C 335 -16.97 9.82 -19.40
C LYS C 335 -16.94 8.39 -19.91
N SER C 336 -18.09 7.85 -20.30
CA SER C 336 -18.14 6.55 -20.96
C SER C 336 -17.24 6.52 -22.20
N MET C 337 -17.10 7.68 -22.86
CA MET C 337 -16.27 7.85 -24.05
C MET C 337 -14.92 8.51 -23.82
N THR C 338 -14.90 9.56 -22.98
CA THR C 338 -13.71 10.37 -22.74
C THR C 338 -12.82 9.87 -21.59
N GLY C 339 -13.38 9.00 -20.75
CA GLY C 339 -12.85 8.77 -19.41
C GLY C 339 -12.92 10.01 -18.52
N HIS C 340 -12.21 9.95 -17.40
CA HIS C 340 -12.27 10.96 -16.35
C HIS C 340 -11.10 11.93 -16.49
N LEU C 341 -11.39 13.16 -16.97
CA LEU C 341 -10.35 14.16 -17.18
C LEU C 341 -10.02 14.96 -15.91
N LEU C 342 -10.49 14.47 -14.76
CA LEU C 342 -10.10 14.98 -13.45
C LEU C 342 -10.46 16.48 -13.39
N GLY C 343 -9.47 17.35 -13.15
CA GLY C 343 -9.74 18.77 -13.03
C GLY C 343 -10.32 19.43 -14.29
N ALA C 344 -10.13 18.78 -15.46
CA ALA C 344 -10.72 19.24 -16.70
C ALA C 344 -12.11 18.67 -16.99
N ALA C 345 -12.55 17.67 -16.21
CA ALA C 345 -13.79 16.97 -16.52
C ALA C 345 -14.96 17.94 -16.58
N GLY C 346 -15.07 18.81 -15.57
CA GLY C 346 -16.20 19.73 -15.52
C GLY C 346 -16.20 20.77 -16.64
N ALA C 347 -15.00 21.08 -17.15
CA ALA C 347 -14.86 22.05 -18.23
C ALA C 347 -15.29 21.46 -19.56
N VAL C 348 -14.79 20.26 -19.90
CA VAL C 348 -15.19 19.64 -21.17
C VAL C 348 -16.66 19.26 -21.12
N GLU C 349 -17.16 18.86 -19.94
CA GLU C 349 -18.56 18.47 -19.81
C GLU C 349 -19.52 19.66 -19.82
N ALA C 350 -19.06 20.83 -19.38
CA ALA C 350 -19.82 22.05 -19.57
C ALA C 350 -19.96 22.37 -21.06
N ILE C 351 -18.86 22.21 -21.81
CA ILE C 351 -18.91 22.36 -23.26
C ILE C 351 -19.88 21.39 -23.92
N PHE C 352 -19.83 20.11 -23.53
CA PHE C 352 -20.78 19.13 -24.04
C PHE C 352 -22.24 19.47 -23.71
N SER C 353 -22.47 20.04 -22.52
CA SER C 353 -23.81 20.48 -22.13
C SER C 353 -24.32 21.63 -23.00
N VAL C 354 -23.45 22.60 -23.29
CA VAL C 354 -23.76 23.70 -24.19
C VAL C 354 -24.09 23.20 -25.60
N LEU C 355 -23.29 22.25 -26.10
CA LEU C 355 -23.53 21.72 -27.43
C LEU C 355 -24.78 20.84 -27.51
N ALA C 356 -25.13 20.18 -26.40
CA ALA C 356 -26.40 19.46 -26.35
C ALA C 356 -27.57 20.43 -26.56
N LEU C 357 -27.43 21.64 -26.04
CA LEU C 357 -28.48 22.68 -26.22
C LEU C 357 -28.46 23.16 -27.68
N ARG C 358 -27.27 23.40 -28.22
CA ARG C 358 -27.17 23.92 -29.61
C ARG C 358 -27.74 22.93 -30.60
N ASP C 359 -27.41 21.64 -30.44
CA ASP C 359 -27.78 20.63 -31.46
C ASP C 359 -29.05 19.85 -31.07
N GLN C 360 -29.61 20.12 -29.90
CA GLN C 360 -30.82 19.41 -29.41
C GLN C 360 -30.58 17.90 -29.47
N VAL C 361 -29.50 17.45 -28.82
CA VAL C 361 -29.17 16.01 -28.80
C VAL C 361 -28.57 15.63 -27.44
N ALA C 362 -29.06 14.54 -26.86
CA ALA C 362 -28.45 14.03 -25.62
C ALA C 362 -27.35 13.05 -26.01
N PRO C 363 -26.09 13.34 -25.64
CA PRO C 363 -24.99 12.43 -25.93
C PRO C 363 -25.22 11.10 -25.22
N PRO C 364 -24.65 10.00 -25.74
CA PRO C 364 -24.87 8.71 -25.15
C PRO C 364 -24.02 8.29 -23.94
N THR C 365 -24.53 7.33 -23.19
CA THR C 365 -23.71 6.67 -22.16
C THR C 365 -23.36 5.34 -22.83
N ILE C 366 -22.21 5.28 -23.47
CA ILE C 366 -21.77 4.00 -24.10
C ILE C 366 -21.42 2.97 -23.02
N ASN C 367 -21.34 1.69 -23.42
CA ASN C 367 -20.94 0.57 -22.52
C ASN C 367 -21.99 0.21 -21.46
N LEU C 368 -23.18 0.79 -21.54
CA LEU C 368 -24.24 0.55 -20.52
C LEU C 368 -25.01 -0.71 -20.93
N ASP C 369 -24.31 -1.84 -20.90
CA ASP C 369 -24.89 -3.12 -21.35
C ASP C 369 -25.91 -3.63 -20.34
N ASN C 370 -25.55 -3.60 -19.06
CA ASN C 370 -26.42 -4.12 -17.99
C ASN C 370 -26.53 -3.08 -16.87
N PRO C 371 -27.48 -2.12 -16.96
CA PRO C 371 -27.70 -1.15 -15.89
C PRO C 371 -27.79 -1.82 -14.52
N ASP C 372 -27.12 -1.25 -13.52
CA ASP C 372 -27.10 -1.84 -12.17
C ASP C 372 -28.44 -1.60 -11.46
N GLU C 373 -28.57 -2.15 -10.26
CA GLU C 373 -29.82 -2.03 -9.47
C GLU C 373 -30.19 -0.57 -9.25
N GLY C 374 -31.41 -0.18 -9.61
CA GLY C 374 -31.88 1.20 -9.38
C GLY C 374 -31.46 2.17 -10.46
N CYS C 375 -30.62 1.73 -11.40
CA CYS C 375 -30.12 2.61 -12.48
C CYS C 375 -31.15 2.51 -13.62
N ASP C 376 -32.39 2.92 -13.35
CA ASP C 376 -33.51 2.67 -14.31
C ASP C 376 -34.02 3.97 -14.95
N LEU C 377 -33.20 5.01 -14.95
CA LEU C 377 -33.60 6.26 -15.63
C LEU C 377 -33.23 6.19 -17.11
N ASP C 378 -33.55 7.25 -17.86
CA ASP C 378 -33.12 7.33 -19.26
C ASP C 378 -31.66 7.76 -19.23
N LEU C 379 -30.78 6.76 -19.30
CA LEU C 379 -29.32 7.05 -19.22
C LEU C 379 -28.74 7.10 -20.64
N VAL C 380 -29.58 7.30 -21.66
CA VAL C 380 -29.14 7.46 -23.08
C VAL C 380 -28.11 6.37 -23.42
N ALA C 381 -28.47 5.13 -23.11
CA ALA C 381 -27.52 4.03 -23.34
C ALA C 381 -27.18 3.82 -24.81
N HIS C 382 -25.89 3.64 -25.09
CA HIS C 382 -25.42 3.22 -26.44
C HIS C 382 -25.42 4.31 -27.50
N GLU C 383 -26.55 4.97 -27.74
CA GLU C 383 -26.63 5.91 -28.88
C GLU C 383 -27.18 7.29 -28.52
N ALA C 384 -26.71 8.30 -29.25
CA ALA C 384 -27.17 9.68 -29.02
C ALA C 384 -28.67 9.77 -29.28
N LYS C 385 -29.35 10.57 -28.46
CA LYS C 385 -30.82 10.71 -28.60
C LYS C 385 -31.20 12.17 -28.90
N PRO C 386 -31.53 12.50 -30.17
CA PRO C 386 -32.05 13.83 -30.47
C PRO C 386 -33.32 14.03 -29.63
N ARG C 387 -33.43 15.17 -28.97
CA ARG C 387 -34.62 15.47 -28.14
C ARG C 387 -34.68 16.96 -27.80
N LYS C 388 -35.82 17.36 -27.23
CA LYS C 388 -36.00 18.76 -26.81
C LYS C 388 -35.15 19.02 -25.56
N ILE C 389 -34.23 19.98 -25.66
CA ILE C 389 -33.41 20.36 -24.48
C ILE C 389 -33.40 21.88 -24.35
N ASP C 390 -34.13 22.39 -23.36
CA ASP C 390 -34.12 23.85 -23.08
C ASP C 390 -33.18 24.13 -21.91
N VAL C 391 -33.06 23.17 -21.00
CA VAL C 391 -32.19 23.32 -19.80
C VAL C 391 -31.26 22.10 -19.66
N ALA C 392 -29.96 22.35 -19.50
CA ALA C 392 -28.97 21.28 -19.29
C ALA C 392 -28.21 21.53 -17.99
N LEU C 393 -28.09 20.48 -17.18
CA LEU C 393 -27.38 20.58 -15.89
C LEU C 393 -26.11 19.72 -15.98
N SER C 394 -24.99 20.22 -15.48
CA SER C 394 -23.73 19.44 -15.46
C SER C 394 -23.21 19.32 -14.03
N ASN C 395 -22.95 18.08 -13.59
CA ASN C 395 -22.48 17.82 -12.22
C ASN C 395 -21.01 17.43 -12.15
N SER C 396 -20.33 17.89 -11.12
CA SER C 396 -18.93 17.45 -10.84
C SER C 396 -18.80 17.24 -9.34
N PHE C 397 -18.26 16.08 -8.95
CA PHE C 397 -18.06 15.74 -7.53
C PHE C 397 -16.59 15.36 -7.34
N GLY C 398 -16.04 15.67 -6.18
CA GLY C 398 -14.59 15.42 -6.00
C GLY C 398 -14.17 15.01 -4.61
N PHE C 399 -12.92 14.57 -4.49
CA PHE C 399 -12.35 14.21 -3.18
C PHE C 399 -12.59 15.34 -2.19
N GLY C 400 -12.85 14.96 -0.94
CA GLY C 400 -13.18 15.94 0.11
C GLY C 400 -14.69 16.16 0.21
N GLY C 401 -15.45 15.47 -0.64
CA GLY C 401 -16.91 15.66 -0.69
C GLY C 401 -17.29 16.95 -1.38
N THR C 402 -16.40 17.49 -2.22
CA THR C 402 -16.70 18.82 -2.81
C THR C 402 -17.57 18.69 -4.06
N ASN C 403 -18.69 19.41 -4.06
CA ASN C 403 -19.68 19.25 -5.15
C ASN C 403 -19.92 20.56 -5.92
N GLY C 404 -20.14 20.42 -7.22
CA GLY C 404 -20.46 21.58 -8.06
C GLY C 404 -21.46 21.23 -9.14
N THR C 405 -22.37 22.14 -9.41
CA THR C 405 -23.38 21.93 -10.46
C THR C 405 -23.57 23.22 -11.26
N LEU C 406 -23.55 23.08 -12.58
CA LEU C 406 -23.81 24.23 -13.47
C LEU C 406 -25.14 24.01 -14.21
N VAL C 407 -25.88 25.09 -14.39
CA VAL C 407 -27.15 25.01 -15.16
C VAL C 407 -27.03 25.94 -16.37
N PHE C 408 -27.20 25.38 -17.55
CA PHE C 408 -27.19 26.18 -18.79
C PHE C 408 -28.58 26.11 -19.42
N ARG C 409 -28.93 27.18 -20.14
CA ARG C 409 -30.23 27.20 -20.83
C ARG C 409 -30.11 27.76 -22.25
N ARG C 410 -31.01 27.34 -23.12
CA ARG C 410 -31.03 27.87 -24.50
C ARG C 410 -31.20 29.39 -24.42
N PHE C 411 -30.49 30.12 -25.27
CA PHE C 411 -30.58 31.57 -25.24
C PHE C 411 -31.52 32.13 -26.32
N ALA C 412 -32.55 32.88 -25.88
CA ALA C 412 -33.32 33.75 -26.74
C ALA C 412 -33.30 35.22 -26.24
N SER D 1 -27.89 45.95 -1.71
CA SER D 1 -27.60 44.75 -2.48
C SER D 1 -27.23 43.58 -1.57
N ARG D 2 -26.06 43.71 -0.92
CA ARG D 2 -25.44 42.57 -0.22
C ARG D 2 -25.28 42.69 1.28
N ARG D 3 -24.86 41.59 1.89
CA ARG D 3 -24.79 41.51 3.33
C ARG D 3 -23.38 41.84 3.83
N ARG D 4 -23.28 42.26 5.09
CA ARG D 4 -22.00 42.67 5.65
C ARG D 4 -21.28 41.44 6.23
N VAL D 5 -19.94 41.47 6.15
CA VAL D 5 -19.13 40.34 6.57
C VAL D 5 -18.16 40.77 7.67
N VAL D 6 -18.18 40.02 8.78
CA VAL D 6 -17.31 40.33 9.92
C VAL D 6 -16.43 39.13 10.24
N ILE D 7 -15.35 39.39 11.01
CA ILE D 7 -14.42 38.37 11.45
C ILE D 7 -14.71 38.01 12.90
N THR D 8 -15.05 36.74 13.16
CA THR D 8 -15.42 36.35 14.51
C THR D 8 -14.48 35.32 15.14
N GLY D 9 -13.48 34.86 14.38
CA GLY D 9 -12.54 33.87 14.88
C GLY D 9 -11.28 33.85 14.03
N MET D 10 -10.12 33.63 14.65
CA MET D 10 -8.86 33.59 13.92
C MET D 10 -7.99 32.47 14.48
N GLY D 11 -7.14 31.90 13.62
CA GLY D 11 -6.21 30.85 14.01
C GLY D 11 -4.95 30.87 13.14
N MET D 12 -3.84 30.37 13.69
CA MET D 12 -2.56 30.55 13.04
C MET D 12 -1.50 29.56 13.54
N LEU D 13 -0.65 29.12 12.59
CA LEU D 13 0.67 28.59 12.90
C LEU D 13 1.64 29.47 12.12
N SER D 14 2.69 29.95 12.80
CA SER D 14 3.67 30.77 12.12
C SER D 14 5.07 30.52 12.68
N PRO D 15 6.12 31.08 12.03
CA PRO D 15 7.46 31.05 12.61
C PRO D 15 7.63 31.77 13.96
N LEU D 16 6.62 32.57 14.34
CA LEU D 16 6.62 33.31 15.60
C LEU D 16 5.80 32.67 16.72
N GLY D 17 4.98 31.66 16.39
CA GLY D 17 4.17 31.03 17.42
C GLY D 17 3.18 30.00 16.89
N LEU D 18 2.68 29.17 17.81
CA LEU D 18 1.77 28.08 17.47
C LEU D 18 0.29 28.49 17.56
N ASP D 19 0.03 29.80 17.74
CA ASP D 19 -1.33 30.33 17.74
C ASP D 19 -1.26 31.83 17.45
N VAL D 20 -2.42 32.48 17.42
CA VAL D 20 -2.49 33.89 17.10
C VAL D 20 -1.85 34.78 18.18
N PRO D 21 -2.24 34.68 19.48
N PRO D 21 -2.25 34.70 19.47
CA PRO D 21 -1.68 35.57 20.51
CA PRO D 21 -1.69 35.58 20.48
C PRO D 21 -0.16 35.50 20.59
C PRO D 21 -0.16 35.51 20.58
N SER D 22 0.41 34.29 20.51
CA SER D 22 1.86 34.12 20.60
C SER D 22 2.58 34.74 19.40
N SER D 23 2.01 34.57 18.20
CA SER D 23 2.54 35.19 16.99
C SER D 23 2.48 36.71 17.04
N TRP D 24 1.33 37.24 17.45
CA TRP D 24 1.13 38.68 17.55
C TRP D 24 2.04 39.34 18.58
N GLU D 25 2.29 38.67 19.71
CA GLU D 25 3.24 39.17 20.69
C GLU D 25 4.61 39.35 20.05
N GLY D 26 5.04 38.34 19.29
CA GLY D 26 6.29 38.41 18.54
C GLY D 26 6.32 39.55 17.55
N ILE D 27 5.21 39.72 16.81
CA ILE D 27 5.07 40.81 15.86
C ILE D 27 5.28 42.16 16.53
N LEU D 28 4.56 42.42 17.62
CA LEU D 28 4.66 43.72 18.27
C LEU D 28 6.01 43.95 18.93
N ALA D 29 6.73 42.86 19.28
CA ALA D 29 8.06 42.97 19.86
C ALA D 29 9.19 43.06 18.83
N GLY D 30 8.86 42.96 17.54
CA GLY D 30 9.87 43.00 16.50
C GLY D 30 10.76 41.76 16.45
N ARG D 31 10.23 40.64 16.93
CA ARG D 31 10.99 39.40 17.01
C ARG D 31 11.05 38.75 15.64
N SER D 32 12.18 38.11 15.32
CA SER D 32 12.33 37.33 14.10
C SER D 32 12.00 35.87 14.38
N GLY D 33 11.31 35.25 13.42
CA GLY D 33 11.03 33.83 13.47
C GLY D 33 11.92 33.02 12.52
N ILE D 34 12.99 33.66 12.02
CA ILE D 34 13.86 33.05 11.04
C ILE D 34 15.10 32.46 11.70
N ALA D 35 15.43 31.23 11.31
CA ALA D 35 16.54 30.50 11.91
C ALA D 35 17.05 29.45 10.95
N PRO D 36 18.29 28.93 11.14
CA PRO D 36 18.76 27.78 10.38
C PRO D 36 17.73 26.66 10.43
N ILE D 37 17.49 26.04 9.27
CA ILE D 37 16.53 24.95 9.16
C ILE D 37 17.14 23.72 9.81
N GLU D 38 16.32 23.04 10.63
CA GLU D 38 16.81 21.90 11.41
C GLU D 38 16.36 20.54 10.88
N HIS D 39 15.22 20.51 10.18
CA HIS D 39 14.60 19.23 9.76
C HIS D 39 15.22 18.63 8.51
N MET D 40 16.16 19.34 7.88
CA MET D 40 16.89 18.71 6.77
C MET D 40 18.32 19.25 6.69
N ASP D 41 19.20 18.47 6.07
CA ASP D 41 20.62 18.86 5.94
C ASP D 41 20.77 19.73 4.71
N LEU D 42 20.92 21.03 4.92
CA LEU D 42 21.07 21.96 3.82
C LEU D 42 22.52 22.40 3.58
N SER D 43 23.49 21.59 4.05
CA SER D 43 24.90 21.87 3.83
C SER D 43 25.27 22.15 2.37
N ALA D 44 24.57 21.49 1.44
CA ALA D 44 24.85 21.63 0.01
C ALA D 44 24.06 22.74 -0.68
N TYR D 45 23.24 23.49 0.07
CA TYR D 45 22.36 24.49 -0.51
C TYR D 45 22.96 25.88 -0.27
N SER D 46 22.50 26.84 -1.07
CA SER D 46 22.95 28.23 -0.95
C SER D 46 22.14 29.02 0.06
N THR D 47 20.94 28.52 0.41
CA THR D 47 20.10 29.07 1.44
C THR D 47 19.79 27.94 2.44
N ARG D 48 20.12 28.19 3.72
CA ARG D 48 20.10 27.16 4.75
C ARG D 48 19.25 27.52 5.96
N PHE D 49 18.47 28.60 5.81
CA PHE D 49 17.60 29.11 6.86
C PHE D 49 16.22 29.42 6.29
N GLY D 50 15.27 29.62 7.20
CA GLY D 50 13.91 29.95 6.84
C GLY D 50 13.04 30.09 8.09
N GLY D 51 11.74 30.28 7.88
CA GLY D 51 10.80 30.42 8.97
C GLY D 51 10.04 29.10 9.14
N SER D 52 10.48 28.31 10.13
CA SER D 52 9.86 27.04 10.43
C SER D 52 8.81 27.19 11.52
N VAL D 53 7.79 26.31 11.50
CA VAL D 53 6.91 26.17 12.65
C VAL D 53 7.63 25.30 13.68
N LYS D 54 7.82 25.83 14.89
CA LYS D 54 8.64 25.17 15.90
C LYS D 54 7.77 24.52 16.97
N GLY D 55 7.95 23.21 17.18
CA GLY D 55 7.25 22.48 18.22
C GLY D 55 5.78 22.16 17.95
N PHE D 56 5.37 22.17 16.67
CA PHE D 56 4.03 21.77 16.29
C PHE D 56 3.73 20.33 16.71
N ASN D 57 2.59 20.14 17.39
CA ASN D 57 2.12 18.83 17.76
C ASN D 57 0.75 18.60 17.13
N VAL D 58 0.74 17.85 16.02
CA VAL D 58 -0.48 17.61 15.27
C VAL D 58 -1.49 16.85 16.14
N GLU D 59 -1.01 16.11 17.15
CA GLU D 59 -1.88 15.31 17.99
C GLU D 59 -2.74 16.16 18.93
N GLU D 60 -2.47 17.47 19.03
CA GLU D 60 -3.41 18.39 19.65
C GLU D 60 -4.70 18.55 18.84
N TYR D 61 -4.64 18.21 17.54
CA TYR D 61 -5.77 18.40 16.63
C TYR D 61 -6.35 17.10 16.09
N LEU D 62 -5.48 16.11 15.84
CA LEU D 62 -5.81 14.91 15.09
C LEU D 62 -5.20 13.70 15.80
N SER D 63 -5.83 12.53 15.63
CA SER D 63 -5.19 11.28 16.01
C SER D 63 -3.95 11.06 15.15
N ALA D 64 -2.99 10.29 15.67
CA ALA D 64 -1.80 9.91 14.91
C ALA D 64 -2.18 9.20 13.61
N LYS D 65 -3.23 8.37 13.68
CA LYS D 65 -3.74 7.60 12.56
C LYS D 65 -4.17 8.50 11.40
N GLU D 66 -5.00 9.51 11.71
CA GLU D 66 -5.44 10.46 10.70
C GLU D 66 -4.29 11.30 10.18
N ALA D 67 -3.40 11.75 11.08
CA ALA D 67 -2.34 12.67 10.70
C ALA D 67 -1.32 12.05 9.73
N ARG D 68 -1.04 10.76 9.87
CA ARG D 68 -0.03 10.11 9.04
C ARG D 68 -0.45 10.00 7.56
N LYS D 69 -1.73 10.20 7.29
CA LYS D 69 -2.25 10.23 5.93
C LYS D 69 -2.07 11.59 5.24
N LEU D 70 -1.65 12.62 5.99
CA LEU D 70 -1.77 13.99 5.51
C LEU D 70 -0.42 14.71 5.45
N ASP D 71 -0.20 15.39 4.32
CA ASP D 71 0.96 16.26 4.19
C ASP D 71 0.95 17.32 5.28
N LEU D 72 2.15 17.78 5.67
CA LEU D 72 2.27 18.84 6.64
C LEU D 72 1.45 20.09 6.29
N PHE D 73 1.31 20.46 5.00
CA PHE D 73 0.58 21.68 4.71
C PHE D 73 -0.91 21.50 5.08
N ILE D 74 -1.42 20.27 4.98
CA ILE D 74 -2.79 19.99 5.38
C ILE D 74 -2.89 20.01 6.91
N GLN D 75 -1.95 19.36 7.59
CA GLN D 75 -1.91 19.42 9.04
C GLN D 75 -1.92 20.86 9.55
N TYR D 76 -1.08 21.71 8.94
CA TYR D 76 -1.02 23.11 9.34
C TYR D 76 -2.34 23.84 9.07
N GLY D 77 -2.93 23.62 7.89
CA GLY D 77 -4.18 24.29 7.56
C GLY D 77 -5.30 23.88 8.51
N LEU D 78 -5.36 22.59 8.84
CA LEU D 78 -6.35 22.11 9.79
C LEU D 78 -6.15 22.71 11.18
N ALA D 79 -4.88 22.80 11.63
CA ALA D 79 -4.61 23.39 12.93
C ALA D 79 -5.14 24.82 13.01
N ALA D 80 -4.82 25.64 12.00
CA ALA D 80 -5.29 27.03 12.00
C ALA D 80 -6.81 27.10 11.93
N SER D 81 -7.43 26.25 11.09
CA SER D 81 -8.88 26.20 10.94
C SER D 81 -9.60 25.82 12.23
N PHE D 82 -9.11 24.75 12.88
CA PHE D 82 -9.68 24.35 14.14
C PHE D 82 -9.58 25.46 15.20
N GLN D 83 -8.42 26.13 15.25
CA GLN D 83 -8.24 27.25 16.17
C GLN D 83 -9.27 28.34 15.89
N ALA D 84 -9.42 28.71 14.61
CA ALA D 84 -10.35 29.78 14.22
C ALA D 84 -11.79 29.44 14.60
N VAL D 85 -12.24 28.20 14.33
CA VAL D 85 -13.60 27.80 14.68
C VAL D 85 -13.84 27.82 16.20
N ARG D 86 -12.88 27.30 16.96
CA ARG D 86 -12.95 27.32 18.42
C ARG D 86 -12.98 28.76 18.92
N ASP D 87 -12.12 29.62 18.35
CA ASP D 87 -12.09 31.03 18.71
C ASP D 87 -13.41 31.75 18.46
N SER D 88 -14.13 31.35 17.41
CA SER D 88 -15.40 31.99 17.05
C SER D 88 -16.54 31.65 18.00
N GLY D 89 -16.44 30.49 18.68
CA GLY D 89 -17.50 30.01 19.55
C GLY D 89 -18.73 29.46 18.82
N LEU D 90 -18.67 29.35 17.49
CA LEU D 90 -19.77 28.85 16.68
C LEU D 90 -20.06 27.40 17.02
N GLU D 91 -21.35 27.09 17.17
CA GLU D 91 -21.82 25.72 17.34
C GLU D 91 -22.48 25.27 16.04
N VAL D 92 -21.95 24.19 15.44
CA VAL D 92 -22.46 23.65 14.20
C VAL D 92 -23.62 22.72 14.52
N THR D 93 -24.79 22.93 13.87
CA THR D 93 -25.99 22.15 14.10
C THR D 93 -26.61 21.75 12.75
N ASP D 94 -27.65 20.91 12.79
CA ASP D 94 -28.40 20.58 11.58
C ASP D 94 -29.07 21.82 10.98
N ALA D 95 -29.40 22.78 11.84
CA ALA D 95 -30.03 24.02 11.40
C ALA D 95 -29.09 24.95 10.65
N ASN D 96 -27.76 24.83 10.84
CA ASN D 96 -26.86 25.73 10.14
C ASN D 96 -25.72 25.10 9.33
N ARG D 97 -25.58 23.77 9.36
CA ARG D 97 -24.40 23.16 8.77
C ARG D 97 -24.32 23.36 7.24
N GLU D 98 -25.48 23.47 6.58
CA GLU D 98 -25.51 23.75 5.14
C GLU D 98 -25.11 25.19 4.81
N ARG D 99 -25.01 26.05 5.83
CA ARG D 99 -24.70 27.46 5.67
C ARG D 99 -23.29 27.82 6.08
N ILE D 100 -22.50 26.79 6.42
CA ILE D 100 -21.10 26.95 6.83
C ILE D 100 -20.20 26.22 5.84
N GLY D 101 -19.27 26.95 5.21
CA GLY D 101 -18.36 26.36 4.26
C GLY D 101 -16.90 26.66 4.57
N VAL D 102 -16.03 26.31 3.62
CA VAL D 102 -14.58 26.40 3.82
C VAL D 102 -13.89 26.70 2.49
N SER D 103 -12.95 27.64 2.58
CA SER D 103 -12.06 27.98 1.48
C SER D 103 -10.65 28.18 2.05
N MET D 104 -9.91 27.09 2.18
CA MET D 104 -8.51 27.11 2.59
C MET D 104 -7.69 26.71 1.38
N GLY D 105 -6.70 27.54 1.03
CA GLY D 105 -5.90 27.29 -0.14
C GLY D 105 -4.43 27.01 0.17
N SER D 106 -3.66 26.77 -0.89
CA SER D 106 -2.22 26.60 -0.80
C SER D 106 -1.63 26.92 -2.17
N GLY D 107 -0.39 27.43 -2.15
CA GLY D 107 0.33 27.77 -3.37
C GLY D 107 0.90 26.56 -4.09
N ILE D 108 1.61 25.69 -3.35
CA ILE D 108 2.21 24.53 -3.97
C ILE D 108 1.79 23.20 -3.35
N GLY D 109 1.09 23.23 -2.21
CA GLY D 109 0.52 22.02 -1.65
C GLY D 109 1.57 21.02 -1.17
N GLY D 110 1.30 19.72 -1.42
CA GLY D 110 1.95 18.64 -0.69
C GLY D 110 3.31 18.21 -1.22
N LEU D 111 4.22 19.17 -1.35
CA LEU D 111 5.53 18.91 -1.93
C LEU D 111 6.35 17.84 -1.20
N THR D 112 6.30 17.86 0.13
CA THR D 112 7.02 16.88 0.94
C THR D 112 6.50 15.48 0.62
N ASN D 113 5.17 15.31 0.64
CA ASN D 113 4.59 14.02 0.34
C ASN D 113 4.91 13.57 -1.08
N ILE D 114 4.87 14.51 -2.02
CA ILE D 114 5.20 14.20 -3.40
C ILE D 114 6.63 13.71 -3.51
N GLU D 115 7.56 14.42 -2.85
CA GLU D 115 8.97 14.06 -2.87
C GLU D 115 9.18 12.66 -2.29
N ASN D 116 8.54 12.35 -1.17
CA ASN D 116 8.68 11.03 -0.55
C ASN D 116 8.10 9.91 -1.41
N ASN D 117 6.94 10.14 -2.03
CA ASN D 117 6.33 9.12 -2.88
C ASN D 117 7.13 8.94 -4.18
N CYS D 118 7.72 10.02 -4.68
CA CYS D 118 8.60 9.91 -5.86
C CYS D 118 9.79 9.00 -5.52
N ARG D 119 10.40 9.20 -4.35
CA ARG D 119 11.54 8.40 -3.97
C ARG D 119 11.17 6.92 -3.99
N SER D 120 10.02 6.57 -3.38
CA SER D 120 9.54 5.19 -3.41
C SER D 120 9.33 4.70 -4.84
N LEU D 121 8.69 5.54 -5.67
CA LEU D 121 8.44 5.20 -7.07
C LEU D 121 9.73 4.90 -7.84
N PHE D 122 10.73 5.76 -7.71
CA PHE D 122 11.97 5.58 -8.46
C PHE D 122 12.81 4.41 -7.96
N GLU D 123 12.84 4.22 -6.64
CA GLU D 123 13.66 3.19 -6.03
C GLU D 123 13.01 1.81 -6.14
N GLN D 124 11.68 1.76 -6.03
CA GLN D 124 10.98 0.49 -5.86
C GLN D 124 9.80 0.26 -6.79
N GLY D 125 9.40 1.28 -7.57
CA GLY D 125 8.30 1.15 -8.50
C GLY D 125 6.96 1.64 -7.95
N PRO D 126 5.89 1.66 -8.77
CA PRO D 126 4.65 2.35 -8.41
C PRO D 126 3.85 1.71 -7.28
N ARG D 127 4.04 0.40 -7.06
CA ARG D 127 3.33 -0.27 -5.98
C ARG D 127 3.75 0.20 -4.59
N ARG D 128 4.83 0.96 -4.47
CA ARG D 128 5.25 1.52 -3.18
C ARG D 128 4.68 2.90 -2.89
N ILE D 129 3.94 3.47 -3.85
CA ILE D 129 3.21 4.70 -3.62
C ILE D 129 2.08 4.44 -2.63
N SER D 130 1.89 5.37 -1.69
CA SER D 130 0.86 5.21 -0.69
C SER D 130 -0.54 5.26 -1.29
N PRO D 131 -1.48 4.40 -0.82
CA PRO D 131 -2.90 4.56 -1.16
C PRO D 131 -3.51 5.90 -0.79
N PHE D 132 -2.89 6.57 0.20
CA PHE D 132 -3.33 7.86 0.67
C PHE D 132 -2.60 9.02 0.02
N PHE D 133 -1.73 8.73 -0.96
CA PHE D 133 -0.92 9.77 -1.58
C PHE D 133 -1.76 10.90 -2.16
N VAL D 134 -2.77 10.56 -2.98
CA VAL D 134 -3.53 11.60 -3.66
C VAL D 134 -4.36 12.40 -2.64
N PRO D 135 -5.27 11.79 -1.85
CA PRO D 135 -6.09 12.58 -0.94
C PRO D 135 -5.33 13.28 0.18
N GLY D 136 -4.12 12.78 0.51
CA GLY D 136 -3.28 13.37 1.54
C GLY D 136 -2.32 14.44 1.02
N SER D 137 -2.37 14.75 -0.27
CA SER D 137 -1.44 15.68 -0.87
C SER D 137 -2.07 16.82 -1.68
N ILE D 138 -3.31 16.65 -2.12
CA ILE D 138 -3.93 17.65 -2.99
C ILE D 138 -4.46 18.84 -2.18
N ILE D 139 -4.48 20.01 -2.83
CA ILE D 139 -4.63 21.27 -2.12
C ILE D 139 -6.00 21.44 -1.45
N ASN D 140 -7.05 20.86 -2.03
CA ASN D 140 -8.40 21.09 -1.52
C ASN D 140 -8.73 20.24 -0.30
N MET D 141 -7.76 19.49 0.20
CA MET D 141 -8.07 18.55 1.31
C MET D 141 -8.07 19.23 2.69
N VAL D 142 -7.54 20.45 2.81
CA VAL D 142 -7.78 21.20 4.05
C VAL D 142 -9.28 21.46 4.17
N SER D 143 -9.87 22.04 3.12
CA SER D 143 -11.31 22.23 3.04
C SER D 143 -12.07 20.92 3.20
N GLY D 144 -11.61 19.87 2.47
CA GLY D 144 -12.24 18.57 2.55
C GLY D 144 -12.25 17.99 3.97
N PHE D 145 -11.05 17.83 4.56
CA PHE D 145 -10.96 17.22 5.88
C PHE D 145 -11.64 18.06 6.96
N LEU D 146 -11.51 19.39 6.89
CA LEU D 146 -12.17 20.26 7.87
C LEU D 146 -13.67 20.04 7.82
N SER D 147 -14.22 19.99 6.61
CA SER D 147 -15.66 19.84 6.45
C SER D 147 -16.13 18.51 7.02
N ILE D 148 -15.32 17.46 6.80
CA ILE D 148 -15.66 16.15 7.33
C ILE D 148 -15.60 16.15 8.86
N HIS D 149 -14.55 16.75 9.43
CA HIS D 149 -14.35 16.70 10.88
C HIS D 149 -15.42 17.50 11.62
N LEU D 150 -15.86 18.63 11.05
CA LEU D 150 -16.81 19.52 11.72
C LEU D 150 -18.25 19.43 11.20
N GLY D 151 -18.48 18.62 10.15
CA GLY D 151 -19.80 18.49 9.56
C GLY D 151 -20.28 19.70 8.77
N LEU D 152 -19.35 20.37 8.07
CA LEU D 152 -19.66 21.56 7.29
C LEU D 152 -20.11 21.21 5.87
N GLN D 153 -21.33 21.62 5.50
CA GLN D 153 -21.90 21.23 4.22
C GLN D 153 -22.09 22.37 3.23
N GLY D 154 -21.59 23.56 3.58
CA GLY D 154 -21.65 24.73 2.73
C GLY D 154 -20.61 24.69 1.61
N PRO D 155 -20.44 25.81 0.86
CA PRO D 155 -19.48 25.88 -0.24
C PRO D 155 -18.11 25.41 0.22
N ASN D 156 -17.53 24.51 -0.58
CA ASN D 156 -16.32 23.79 -0.21
C ASN D 156 -15.33 23.85 -1.38
N TYR D 157 -14.27 24.65 -1.23
CA TYR D 157 -13.34 24.82 -2.33
C TYR D 157 -11.98 25.30 -1.87
N ALA D 158 -11.04 25.42 -2.83
CA ALA D 158 -9.69 25.84 -2.56
C ALA D 158 -9.13 26.64 -3.74
N LEU D 159 -8.48 27.75 -3.40
CA LEU D 159 -7.74 28.58 -4.33
C LEU D 159 -6.28 28.16 -4.34
N THR D 160 -5.62 28.36 -5.48
CA THR D 160 -4.17 28.23 -5.58
C THR D 160 -3.68 29.33 -6.52
N THR D 161 -3.22 30.44 -5.91
CA THR D 161 -2.75 31.59 -6.68
C THR D 161 -1.41 32.05 -6.14
N ALA D 162 -0.51 31.07 -5.92
CA ALA D 162 0.84 31.37 -5.49
C ALA D 162 0.81 32.23 -4.23
N ALA D 163 1.60 33.31 -4.17
CA ALA D 163 1.67 34.14 -2.97
C ALA D 163 0.40 34.94 -2.67
N THR D 164 -0.57 34.91 -3.60
CA THR D 164 -1.82 35.63 -3.41
C THR D 164 -2.92 34.74 -2.81
N THR D 165 -2.63 33.43 -2.67
CA THR D 165 -3.62 32.45 -2.29
C THR D 165 -4.44 32.84 -1.05
N GLY D 166 -3.77 33.23 0.02
CA GLY D 166 -4.47 33.48 1.27
C GLY D 166 -5.44 34.65 1.17
N THR D 167 -5.03 35.68 0.44
CA THR D 167 -5.85 36.86 0.21
C THR D 167 -7.07 36.52 -0.66
N HIS D 168 -6.87 35.83 -1.79
CA HIS D 168 -7.97 35.45 -2.65
C HIS D 168 -8.94 34.53 -1.91
N SER D 169 -8.39 33.63 -1.09
CA SER D 169 -9.24 32.67 -0.37
C SER D 169 -10.21 33.40 0.56
N ILE D 170 -9.70 34.38 1.30
CA ILE D 170 -10.52 35.17 2.20
C ILE D 170 -11.52 36.06 1.46
N GLY D 171 -11.06 36.77 0.43
CA GLY D 171 -11.93 37.63 -0.36
C GLY D 171 -13.10 36.89 -1.02
N MET D 172 -12.82 35.74 -1.63
CA MET D 172 -13.88 34.97 -2.33
C MET D 172 -14.84 34.34 -1.32
N ALA D 173 -14.33 33.93 -0.17
CA ALA D 173 -15.20 33.47 0.90
C ALA D 173 -16.16 34.57 1.36
N ALA D 174 -15.65 35.80 1.46
CA ALA D 174 -16.50 36.93 1.80
C ALA D 174 -17.61 37.15 0.78
N ARG D 175 -17.28 36.97 -0.50
CA ARG D 175 -18.27 37.04 -1.58
C ARG D 175 -19.38 36.00 -1.40
N ASN D 176 -19.02 34.78 -1.01
CA ASN D 176 -20.03 33.75 -0.79
C ASN D 176 -21.05 34.23 0.23
N ILE D 177 -20.56 34.87 1.31
CA ILE D 177 -21.43 35.28 2.39
C ILE D 177 -22.29 36.47 1.94
N ALA D 178 -21.65 37.46 1.33
CA ALA D 178 -22.33 38.63 0.82
C ALA D 178 -23.46 38.30 -0.15
N TYR D 179 -23.23 37.26 -0.97
CA TYR D 179 -24.18 36.83 -1.99
C TYR D 179 -25.26 35.91 -1.44
N GLY D 180 -25.11 35.43 -0.20
CA GLY D 180 -26.12 34.60 0.43
C GLY D 180 -25.94 33.09 0.24
N GLU D 181 -24.80 32.69 -0.34
CA GLU D 181 -24.45 31.28 -0.52
C GLU D 181 -24.01 30.60 0.76
N ALA D 182 -23.67 31.41 1.77
CA ALA D 182 -23.24 30.90 3.06
C ALA D 182 -23.45 32.01 4.10
N ASP D 183 -23.60 31.62 5.37
CA ASP D 183 -23.59 32.57 6.46
C ASP D 183 -22.24 32.64 7.17
N VAL D 184 -21.43 31.57 7.03
CA VAL D 184 -20.15 31.45 7.69
C VAL D 184 -19.20 30.74 6.72
N MET D 185 -17.95 31.22 6.64
CA MET D 185 -16.89 30.57 5.90
C MET D 185 -15.62 30.56 6.74
N VAL D 186 -14.93 29.43 6.75
CA VAL D 186 -13.57 29.34 7.27
C VAL D 186 -12.64 29.51 6.07
N ALA D 187 -11.78 30.53 6.12
CA ALA D 187 -10.99 30.89 4.95
C ALA D 187 -9.58 31.30 5.33
N GLY D 188 -8.66 31.06 4.38
CA GLY D 188 -7.26 31.36 4.57
C GLY D 188 -6.38 30.46 3.71
N GLY D 189 -5.20 30.13 4.24
CA GLY D 189 -4.25 29.31 3.50
C GLY D 189 -3.18 28.66 4.36
N SER D 190 -2.46 27.69 3.77
CA SER D 190 -1.36 27.02 4.47
C SER D 190 -0.31 26.60 3.45
N GLU D 191 0.93 26.45 3.95
CA GLU D 191 2.05 26.12 3.10
C GLU D 191 3.14 25.43 3.94
N MET D 192 3.72 24.39 3.33
CA MET D 192 4.93 23.79 3.85
CA MET D 192 4.95 23.80 3.85
C MET D 192 5.75 23.36 2.63
N ALA D 193 6.54 24.29 2.12
CA ALA D 193 7.38 24.02 0.95
C ALA D 193 8.84 23.82 1.31
N ALA D 194 9.16 23.72 2.61
CA ALA D 194 10.53 23.53 3.05
C ALA D 194 10.95 22.06 2.93
N CYS D 195 11.16 21.65 1.68
CA CYS D 195 11.76 20.36 1.35
C CYS D 195 12.78 20.63 0.25
N GLY D 196 13.51 19.59 -0.18
CA GLY D 196 14.50 19.76 -1.24
C GLY D 196 13.97 20.43 -2.51
N LEU D 197 12.80 19.97 -2.98
CA LEU D 197 12.18 20.55 -4.17
C LEU D 197 11.84 22.01 -4.02
N GLY D 198 11.36 22.39 -2.81
CA GLY D 198 10.98 23.76 -2.56
C GLY D 198 12.16 24.71 -2.46
N LEU D 199 13.10 24.41 -1.54
CA LEU D 199 14.31 25.20 -1.39
C LEU D 199 15.10 25.21 -2.69
N GLY D 200 15.20 24.04 -3.33
CA GLY D 200 15.89 23.91 -4.59
C GLY D 200 15.23 24.68 -5.74
N GLY D 201 13.89 24.60 -5.81
CA GLY D 201 13.12 25.30 -6.84
C GLY D 201 13.26 26.82 -6.77
N PHE D 202 13.04 27.41 -5.59
CA PHE D 202 13.26 28.84 -5.40
C PHE D 202 14.73 29.26 -5.52
N GLY D 203 15.62 28.41 -5.01
CA GLY D 203 17.05 28.64 -5.14
C GLY D 203 17.53 28.67 -6.59
N ALA D 204 17.01 27.73 -7.40
CA ALA D 204 17.42 27.61 -8.79
C ALA D 204 17.09 28.91 -9.54
N ALA D 205 16.00 29.57 -9.12
CA ALA D 205 15.58 30.85 -9.67
C ALA D 205 16.33 32.04 -9.07
N ARG D 206 17.22 31.77 -8.10
CA ARG D 206 18.01 32.78 -7.41
C ARG D 206 17.12 33.83 -6.72
N ALA D 207 15.97 33.37 -6.23
CA ALA D 207 14.97 34.25 -5.66
C ALA D 207 15.13 34.45 -4.14
N LEU D 208 15.88 33.56 -3.49
CA LEU D 208 15.96 33.52 -2.03
C LEU D 208 17.15 34.36 -1.55
N SER D 209 16.97 35.04 -0.40
CA SER D 209 18.12 35.54 0.33
C SER D 209 19.13 34.43 0.64
N THR D 210 20.42 34.77 0.57
CA THR D 210 21.52 33.87 0.88
C THR D 210 22.34 34.38 2.06
N ARG D 211 21.69 35.14 2.94
CA ARG D 211 22.37 35.74 4.09
C ARG D 211 22.42 34.73 5.23
N ASN D 212 23.15 33.64 5.02
CA ASN D 212 23.19 32.53 5.97
C ASN D 212 23.87 32.85 7.30
N ASP D 213 24.78 33.83 7.27
CA ASP D 213 25.53 34.27 8.44
C ASP D 213 24.67 35.03 9.46
N GLU D 214 23.59 35.67 9.00
CA GLU D 214 22.70 36.42 9.86
C GLU D 214 21.25 36.21 9.43
N PRO D 215 20.65 35.01 9.66
CA PRO D 215 19.30 34.72 9.18
C PRO D 215 18.24 35.72 9.62
N THR D 216 18.37 36.27 10.84
CA THR D 216 17.32 37.17 11.33
C THR D 216 17.34 38.54 10.65
N ARG D 217 18.45 38.85 9.96
CA ARG D 217 18.58 40.08 9.20
C ARG D 217 18.32 39.90 7.69
N ALA D 218 17.99 38.67 7.26
CA ALA D 218 17.87 38.36 5.84
C ALA D 218 16.68 39.06 5.19
N SER D 219 15.52 38.96 5.85
CA SER D 219 14.29 39.55 5.35
C SER D 219 14.25 41.03 5.72
N ARG D 220 14.46 41.89 4.71
CA ARG D 220 14.63 43.31 4.97
C ARG D 220 13.92 44.14 3.90
N PRO D 221 12.57 44.11 3.89
CA PRO D 221 11.77 44.80 2.89
C PRO D 221 12.12 46.29 2.77
N TRP D 222 12.36 46.73 1.53
CA TRP D 222 12.68 48.11 1.15
C TRP D 222 14.08 48.56 1.54
N ASP D 223 14.88 47.68 2.16
CA ASP D 223 16.24 48.01 2.54
C ASP D 223 17.15 47.84 1.33
N ARG D 224 18.13 48.74 1.17
CA ARG D 224 18.92 48.73 -0.04
C ARG D 224 19.81 47.49 -0.20
N ASP D 225 20.04 46.75 0.90
CA ASP D 225 20.84 45.53 0.87
C ASP D 225 20.02 44.25 0.88
N ARG D 226 18.73 44.34 0.57
CA ARG D 226 17.90 43.15 0.41
C ARG D 226 18.40 42.32 -0.77
N ASP D 227 18.23 40.99 -0.67
CA ASP D 227 18.74 40.06 -1.68
C ASP D 227 17.83 38.86 -1.89
N GLY D 228 16.52 39.06 -1.71
CA GLY D 228 15.53 38.04 -2.02
C GLY D 228 14.73 37.65 -0.79
N PHE D 229 13.72 36.80 -1.01
CA PHE D 229 12.77 36.51 0.05
C PHE D 229 13.29 35.39 0.95
N VAL D 230 12.63 35.25 2.10
CA VAL D 230 12.92 34.19 3.06
C VAL D 230 11.72 33.25 3.06
N LEU D 231 12.01 31.95 2.89
CA LEU D 231 10.98 30.93 2.77
C LEU D 231 10.46 30.52 4.15
N SER D 232 9.14 30.63 4.34
CA SER D 232 8.54 30.33 5.62
C SER D 232 7.30 29.45 5.46
N ASP D 233 6.94 28.83 6.57
CA ASP D 233 5.94 27.79 6.64
C ASP D 233 4.85 28.22 7.63
N GLY D 234 3.64 27.69 7.40
CA GLY D 234 2.58 27.80 8.39
C GLY D 234 1.21 28.01 7.77
N SER D 235 0.32 28.69 8.52
CA SER D 235 -1.08 28.74 8.15
C SER D 235 -1.82 29.84 8.90
N GLY D 236 -2.83 30.37 8.22
CA GLY D 236 -3.75 31.31 8.83
C GLY D 236 -5.16 30.94 8.39
N ALA D 237 -6.11 31.06 9.34
CA ALA D 237 -7.52 30.87 9.05
C ALA D 237 -8.35 31.91 9.78
N LEU D 238 -9.43 32.35 9.13
CA LEU D 238 -10.39 33.28 9.73
C LEU D 238 -11.79 32.69 9.59
N VAL D 239 -12.62 32.89 10.62
CA VAL D 239 -14.05 32.68 10.52
C VAL D 239 -14.67 34.01 10.07
N LEU D 240 -15.16 34.00 8.83
CA LEU D 240 -15.95 35.10 8.26
C LEU D 240 -17.41 34.77 8.51
N GLU D 241 -18.21 35.80 8.82
CA GLU D 241 -19.58 35.56 9.26
C GLU D 241 -20.46 36.73 8.86
N GLU D 242 -21.66 36.45 8.38
CA GLU D 242 -22.61 37.51 8.08
C GLU D 242 -22.95 38.24 9.37
N LEU D 243 -23.07 39.58 9.30
CA LEU D 243 -23.17 40.40 10.50
C LEU D 243 -24.37 40.08 11.39
N GLU D 244 -25.57 40.00 10.82
CA GLU D 244 -26.74 39.68 11.64
C GLU D 244 -26.66 38.31 12.30
N HIS D 245 -26.09 37.33 11.58
CA HIS D 245 -25.86 36.00 12.11
C HIS D 245 -24.95 36.07 13.35
N ALA D 246 -23.87 36.85 13.25
CA ALA D 246 -22.93 37.04 14.34
C ALA D 246 -23.60 37.72 15.54
N ARG D 247 -24.31 38.82 15.26
CA ARG D 247 -25.04 39.55 16.29
C ARG D 247 -26.09 38.69 17.00
N ALA D 248 -26.78 37.83 16.25
CA ALA D 248 -27.87 37.04 16.81
C ALA D 248 -27.36 36.03 17.85
N ARG D 249 -26.14 35.52 17.66
CA ARG D 249 -25.59 34.54 18.59
C ARG D 249 -24.63 35.15 19.62
N GLY D 250 -24.51 36.48 19.61
CA GLY D 250 -23.62 37.18 20.54
C GLY D 250 -22.14 36.94 20.29
N ALA D 251 -21.77 36.82 19.01
CA ALA D 251 -20.37 36.62 18.66
C ALA D 251 -19.52 37.85 19.03
N ARG D 252 -18.27 37.59 19.41
CA ARG D 252 -17.27 38.63 19.54
C ARG D 252 -16.77 38.95 18.13
N ILE D 253 -16.90 40.22 17.74
CA ILE D 253 -16.50 40.65 16.41
C ILE D 253 -15.16 41.36 16.51
N TYR D 254 -14.17 40.91 15.71
CA TYR D 254 -12.86 41.53 15.70
C TYR D 254 -12.81 42.77 14.80
N ALA D 255 -13.44 42.69 13.63
CA ALA D 255 -13.38 43.75 12.63
C ALA D 255 -14.34 43.38 11.49
N GLU D 256 -14.53 44.32 10.56
CA GLU D 256 -15.38 44.11 9.41
C GLU D 256 -14.51 44.00 8.14
N LEU D 257 -14.86 43.04 7.28
CA LEU D 257 -14.24 42.91 5.98
CA LEU D 257 -14.23 42.90 5.98
C LEU D 257 -15.10 43.66 4.98
N VAL D 258 -14.62 44.83 4.54
CA VAL D 258 -15.43 45.73 3.74
C VAL D 258 -15.11 45.76 2.24
N GLY D 259 -13.88 45.35 1.87
CA GLY D 259 -13.49 45.38 0.47
C GLY D 259 -12.58 44.23 0.06
N PHE D 260 -12.76 43.79 -1.20
CA PHE D 260 -11.86 42.84 -1.82
C PHE D 260 -11.66 43.23 -3.28
N GLY D 261 -10.39 43.32 -3.69
CA GLY D 261 -10.05 43.65 -5.07
C GLY D 261 -9.07 42.66 -5.67
N MET D 262 -9.16 42.53 -6.99
CA MET D 262 -8.25 41.64 -7.72
C MET D 262 -7.80 42.32 -9.01
N SER D 263 -6.62 41.98 -9.50
CA SER D 263 -6.19 42.38 -10.82
C SER D 263 -5.11 41.40 -11.30
N GLY D 264 -4.80 41.50 -12.59
CA GLY D 264 -3.63 40.88 -13.18
C GLY D 264 -2.70 41.92 -13.78
N ASP D 265 -1.39 41.73 -13.56
CA ASP D 265 -0.38 42.57 -14.19
C ASP D 265 -0.35 42.41 -15.71
N ALA D 266 -0.56 41.19 -16.20
CA ALA D 266 -0.31 40.85 -17.60
C ALA D 266 1.06 41.34 -18.07
N PHE D 267 2.09 41.03 -17.27
CA PHE D 267 3.43 41.54 -17.52
C PHE D 267 4.48 40.44 -17.65
N HIS D 268 4.69 39.67 -16.56
CA HIS D 268 5.76 38.67 -16.51
C HIS D 268 5.36 37.54 -15.57
N MET D 269 5.94 36.36 -15.80
CA MET D 269 5.57 35.14 -15.03
C MET D 269 5.96 35.25 -13.55
N THR D 270 7.02 36.00 -13.24
CA THR D 270 7.47 36.11 -11.86
C THR D 270 7.78 37.50 -11.35
N ALA D 271 8.17 38.42 -12.24
CA ALA D 271 8.50 39.77 -11.87
C ALA D 271 7.29 40.70 -12.00
N PRO D 272 7.11 41.68 -11.09
CA PRO D 272 6.07 42.69 -11.26
C PRO D 272 6.57 43.77 -12.20
N PRO D 273 5.67 44.57 -12.81
CA PRO D 273 6.11 45.77 -13.54
C PRO D 273 6.73 46.72 -12.52
N GLU D 274 7.77 47.44 -12.93
CA GLU D 274 8.50 48.32 -12.03
C GLU D 274 7.65 49.41 -11.40
N ASP D 275 6.61 49.86 -12.11
CA ASP D 275 5.68 50.86 -11.60
C ASP D 275 4.53 50.30 -10.76
N GLY D 276 4.45 48.98 -10.60
CA GLY D 276 3.39 48.35 -9.82
C GLY D 276 1.98 48.70 -10.30
N ALA D 277 1.80 48.87 -11.62
CA ALA D 277 0.53 49.31 -12.17
C ALA D 277 -0.60 48.34 -11.82
N GLY D 278 -0.32 47.03 -11.88
CA GLY D 278 -1.31 46.02 -11.54
C GLY D 278 -1.71 46.09 -10.07
N ALA D 279 -0.71 46.28 -9.19
CA ALA D 279 -0.97 46.44 -7.77
C ALA D 279 -1.83 47.67 -7.49
N ALA D 280 -1.56 48.77 -8.22
CA ALA D 280 -2.36 49.98 -8.08
C ALA D 280 -3.82 49.75 -8.43
N ARG D 281 -4.07 49.09 -9.58
CA ARG D 281 -5.43 48.80 -10.02
C ARG D 281 -6.13 47.94 -8.97
N CYS D 282 -5.39 46.98 -8.39
CA CYS D 282 -5.95 46.05 -7.42
C CYS D 282 -6.39 46.77 -6.14
N MET D 283 -5.53 47.64 -5.62
CA MET D 283 -5.84 48.41 -4.43
C MET D 283 -7.05 49.31 -4.68
N LYS D 284 -7.08 49.97 -5.85
CA LYS D 284 -8.22 50.81 -6.18
C LYS D 284 -9.51 49.99 -6.29
N ASN D 285 -9.43 48.80 -6.87
CA ASN D 285 -10.58 47.91 -6.96
C ASN D 285 -11.11 47.54 -5.58
N ALA D 286 -10.20 47.28 -4.63
CA ALA D 286 -10.58 46.94 -3.27
C ALA D 286 -11.24 48.11 -2.55
N LEU D 287 -10.68 49.30 -2.73
CA LEU D 287 -11.24 50.51 -2.13
C LEU D 287 -12.61 50.85 -2.70
N ARG D 288 -12.76 50.71 -4.02
CA ARG D 288 -14.04 50.93 -4.68
C ARG D 288 -15.07 49.93 -4.18
N ASP D 289 -14.65 48.67 -3.99
CA ASP D 289 -15.53 47.64 -3.44
C ASP D 289 -16.02 48.01 -2.04
N ALA D 290 -15.12 48.63 -1.24
CA ALA D 290 -15.43 49.04 0.12
C ALA D 290 -16.16 50.38 0.22
N GLY D 291 -16.31 51.09 -0.91
CA GLY D 291 -16.88 52.43 -0.89
C GLY D 291 -16.03 53.41 -0.09
N LEU D 292 -14.69 53.25 -0.18
CA LEU D 292 -13.75 54.12 0.53
C LEU D 292 -12.87 54.91 -0.44
N ASP D 293 -12.54 56.13 -0.02
CA ASP D 293 -11.55 56.94 -0.70
C ASP D 293 -10.18 56.55 -0.15
N PRO D 294 -9.10 56.62 -0.97
CA PRO D 294 -7.75 56.35 -0.47
C PRO D 294 -7.40 57.07 0.83
N ARG D 295 -7.89 58.29 1.01
CA ARG D 295 -7.57 59.07 2.21
C ARG D 295 -8.14 58.49 3.52
N GLN D 296 -9.03 57.50 3.42
CA GLN D 296 -9.57 56.86 4.61
C GLN D 296 -8.72 55.69 5.12
N VAL D 297 -7.68 55.31 4.36
CA VAL D 297 -6.79 54.24 4.76
C VAL D 297 -5.73 54.76 5.73
N ASP D 298 -5.58 54.05 6.86
CA ASP D 298 -4.60 54.40 7.90
C ASP D 298 -3.38 53.49 7.98
N TYR D 299 -3.59 52.20 7.68
CA TYR D 299 -2.53 51.20 7.76
C TYR D 299 -2.58 50.26 6.55
N ILE D 300 -1.42 50.03 5.94
CA ILE D 300 -1.23 49.01 4.93
C ILE D 300 -0.27 47.93 5.43
N ASN D 301 -0.76 46.69 5.49
CA ASN D 301 0.13 45.55 5.61
C ASN D 301 0.58 45.17 4.20
N ALA D 302 1.80 45.60 3.85
CA ALA D 302 2.34 45.40 2.52
C ALA D 302 2.59 43.93 2.23
N HIS D 303 2.70 43.60 0.95
CA HIS D 303 3.17 42.25 0.57
C HIS D 303 4.66 42.24 0.97
N GLY D 304 5.44 43.22 0.52
CA GLY D 304 6.80 43.42 1.07
C GLY D 304 7.69 42.21 1.23
N THR D 305 8.03 41.51 0.14
CA THR D 305 8.77 40.22 0.21
C THR D 305 10.29 40.32 0.43
N SER D 306 10.91 41.50 0.28
CA SER D 306 12.38 41.66 0.39
C SER D 306 13.05 41.25 -0.93
N THR D 307 12.29 41.32 -2.03
CA THR D 307 12.85 41.09 -3.37
C THR D 307 13.23 42.46 -3.97
N PRO D 308 14.30 42.57 -4.78
CA PRO D 308 14.64 43.83 -5.42
C PRO D 308 13.47 44.51 -6.15
N ALA D 309 12.88 43.82 -7.14
CA ALA D 309 11.84 44.43 -7.97
C ALA D 309 10.51 44.60 -7.24
N GLY D 310 10.13 43.61 -6.45
CA GLY D 310 8.83 43.59 -5.80
C GLY D 310 8.61 44.75 -4.85
N ASP D 311 9.60 44.98 -3.97
CA ASP D 311 9.42 45.97 -2.92
C ASP D 311 9.24 47.37 -3.48
N ILE D 312 10.03 47.73 -4.50
CA ILE D 312 9.94 49.05 -5.08
C ILE D 312 8.65 49.25 -5.89
N ALA D 313 8.21 48.21 -6.61
CA ALA D 313 6.93 48.23 -7.32
C ALA D 313 5.77 48.58 -6.39
N GLU D 314 5.78 48.00 -5.17
CA GLU D 314 4.68 48.23 -4.24
C GLU D 314 4.66 49.66 -3.71
N ILE D 315 5.85 50.24 -3.49
CA ILE D 315 5.96 51.67 -3.16
C ILE D 315 5.37 52.52 -4.27
N ALA D 316 5.75 52.23 -5.52
CA ALA D 316 5.25 52.99 -6.65
C ALA D 316 3.72 52.93 -6.70
N ALA D 317 3.17 51.73 -6.52
CA ALA D 317 1.73 51.52 -6.57
C ALA D 317 1.02 52.30 -5.47
N VAL D 318 1.57 52.29 -4.25
CA VAL D 318 0.99 53.04 -3.15
C VAL D 318 1.02 54.55 -3.40
N LYS D 319 2.13 55.06 -3.93
CA LYS D 319 2.22 56.47 -4.25
C LYS D 319 1.22 56.86 -5.34
N SER D 320 1.02 55.97 -6.32
CA SER D 320 0.04 56.21 -7.38
CA SER D 320 0.05 56.21 -7.39
C SER D 320 -1.37 56.28 -6.85
N VAL D 321 -1.77 55.30 -6.02
CA VAL D 321 -3.12 55.25 -5.50
C VAL D 321 -3.42 56.34 -4.47
N PHE D 322 -2.47 56.58 -3.57
CA PHE D 322 -2.73 57.36 -2.37
C PHE D 322 -2.28 58.82 -2.50
N GLY D 323 -1.42 59.13 -3.48
CA GLY D 323 -0.96 60.50 -3.69
C GLY D 323 -0.28 61.06 -2.44
N GLU D 324 -0.63 62.28 -2.06
CA GLU D 324 -0.04 62.89 -0.86
C GLU D 324 -0.33 62.09 0.41
N HIS D 325 -1.48 61.43 0.43
CA HIS D 325 -1.89 60.64 1.59
C HIS D 325 -0.96 59.45 1.81
N ALA D 326 -0.17 59.06 0.80
CA ALA D 326 0.81 58.00 0.96
C ALA D 326 1.79 58.31 2.09
N HIS D 327 1.95 59.60 2.39
CA HIS D 327 2.86 60.08 3.42
C HIS D 327 2.17 60.25 4.77
N ALA D 328 0.85 60.00 4.85
CA ALA D 328 0.09 60.11 6.10
C ALA D 328 -0.22 58.74 6.71
N LEU D 329 -0.53 57.76 5.86
CA LEU D 329 -0.74 56.40 6.30
C LEU D 329 0.57 55.78 6.80
N SER D 330 0.45 54.67 7.51
CA SER D 330 1.58 53.85 7.87
C SER D 330 1.51 52.56 7.08
N MET D 331 2.66 52.11 6.58
CA MET D 331 2.74 50.86 5.79
C MET D 331 3.89 50.00 6.32
N SER D 332 3.64 48.74 6.62
CA SER D 332 4.72 47.89 7.07
C SER D 332 4.62 46.48 6.49
N SER D 333 5.76 45.81 6.39
CA SER D 333 5.82 44.41 6.02
C SER D 333 6.20 43.55 7.22
N THR D 334 5.25 42.74 7.67
CA THR D 334 5.50 41.78 8.73
C THR D 334 6.32 40.58 8.25
N LYS D 335 6.56 40.48 6.93
CA LYS D 335 7.49 39.48 6.41
C LYS D 335 8.92 39.76 6.87
N SER D 336 9.21 41.01 7.28
CA SER D 336 10.49 41.32 7.90
C SER D 336 10.78 40.40 9.09
N MET D 337 9.71 39.98 9.78
CA MET D 337 9.78 39.08 10.94
C MET D 337 9.42 37.62 10.67
N THR D 338 8.38 37.38 9.87
CA THR D 338 7.85 36.05 9.61
C THR D 338 8.48 35.36 8.41
N GLY D 339 9.16 36.13 7.55
CA GLY D 339 9.44 35.71 6.19
C GLY D 339 8.18 35.53 5.36
N HIS D 340 8.35 34.89 4.20
CA HIS D 340 7.31 34.77 3.19
C HIS D 340 6.64 33.39 3.32
N LEU D 341 5.40 33.38 3.84
CA LEU D 341 4.67 32.13 4.04
C LEU D 341 3.91 31.67 2.79
N LEU D 342 4.25 32.28 1.64
CA LEU D 342 3.76 31.83 0.34
C LEU D 342 2.23 31.83 0.34
N GLY D 343 1.60 30.68 0.10
CA GLY D 343 0.15 30.63 0.04
C GLY D 343 -0.57 30.98 1.35
N ALA D 344 0.16 30.92 2.47
CA ALA D 344 -0.36 31.34 3.77
C ALA D 344 -0.11 32.81 4.10
N ALA D 345 0.71 33.50 3.29
CA ALA D 345 1.13 34.85 3.64
C ALA D 345 -0.08 35.77 3.79
N GLY D 346 -0.99 35.73 2.82
CA GLY D 346 -2.14 36.62 2.86
C GLY D 346 -3.10 36.33 4.01
N ALA D 347 -3.11 35.08 4.47
CA ALA D 347 -3.99 34.68 5.57
C ALA D 347 -3.44 35.19 6.91
N VAL D 348 -2.15 34.95 7.19
CA VAL D 348 -1.58 35.44 8.44
C VAL D 348 -1.52 36.96 8.45
N GLU D 349 -1.31 37.58 7.28
CA GLU D 349 -1.25 39.03 7.20
C GLU D 349 -2.62 39.69 7.31
N ALA D 350 -3.68 38.99 6.89
CA ALA D 350 -5.03 39.46 7.14
C ALA D 350 -5.29 39.46 8.65
N ILE D 351 -4.87 38.39 9.34
CA ILE D 351 -4.97 38.35 10.80
C ILE D 351 -4.21 39.51 11.47
N PHE D 352 -2.98 39.76 11.02
CA PHE D 352 -2.22 40.88 11.56
C PHE D 352 -2.89 42.23 11.29
N SER D 353 -3.55 42.37 10.14
CA SER D 353 -4.29 43.59 9.82
C SER D 353 -5.48 43.80 10.75
N VAL D 354 -6.22 42.72 11.03
CA VAL D 354 -7.32 42.75 11.99
C VAL D 354 -6.85 43.13 13.40
N LEU D 355 -5.72 42.56 13.83
CA LEU D 355 -5.20 42.85 15.15
C LEU D 355 -4.63 44.27 15.25
N ALA D 356 -4.11 44.80 14.14
CA ALA D 356 -3.71 46.20 14.12
C ALA D 356 -4.90 47.12 14.42
N LEU D 357 -6.07 46.76 13.89
CA LEU D 357 -7.31 47.47 14.17
C LEU D 357 -7.73 47.29 15.63
N ARG D 358 -7.66 46.06 16.14
CA ARG D 358 -8.05 45.77 17.51
C ARG D 358 -7.18 46.56 18.49
N ASP D 359 -5.87 46.57 18.26
CA ASP D 359 -4.93 47.10 19.23
C ASP D 359 -4.45 48.52 18.91
N GLN D 360 -4.88 49.08 17.78
CA GLN D 360 -4.49 50.42 17.36
C GLN D 360 -2.96 50.56 17.36
N VAL D 361 -2.30 49.66 16.64
CA VAL D 361 -0.86 49.65 16.54
C VAL D 361 -0.46 49.14 15.16
N ALA D 362 0.46 49.86 14.52
CA ALA D 362 1.05 49.44 13.26
C ALA D 362 2.27 48.58 13.57
N PRO D 363 2.29 47.29 13.17
CA PRO D 363 3.48 46.45 13.34
C PRO D 363 4.70 47.04 12.62
N PRO D 364 5.93 46.73 13.09
CA PRO D 364 7.14 47.26 12.45
C PRO D 364 7.53 46.55 11.16
N THR D 365 8.28 47.26 10.31
CA THR D 365 9.18 46.63 9.36
C THR D 365 10.55 46.58 10.03
N ILE D 366 10.93 45.43 10.60
CA ILE D 366 12.27 45.30 11.14
C ILE D 366 13.29 45.23 9.98
N ASN D 367 14.55 45.42 10.33
CA ASN D 367 15.70 45.35 9.43
C ASN D 367 15.77 46.47 8.39
N LEU D 368 14.94 47.50 8.53
CA LEU D 368 14.91 48.58 7.55
C LEU D 368 15.96 49.64 7.91
N ASP D 369 17.22 49.23 7.77
CA ASP D 369 18.35 50.02 8.21
C ASP D 369 18.62 51.19 7.29
N ASN D 370 18.55 50.93 5.97
CA ASN D 370 18.85 51.91 4.95
C ASN D 370 17.79 51.80 3.84
N PRO D 371 16.64 52.53 3.96
CA PRO D 371 15.61 52.54 2.91
C PRO D 371 16.20 52.85 1.54
N ASP D 372 15.75 52.11 0.53
CA ASP D 372 16.27 52.25 -0.82
C ASP D 372 15.70 53.51 -1.46
N GLU D 373 16.19 53.83 -2.67
CA GLU D 373 15.75 55.02 -3.41
C GLU D 373 14.22 55.05 -3.53
N GLY D 374 13.64 56.18 -3.12
CA GLY D 374 12.20 56.38 -3.22
C GLY D 374 11.34 55.69 -2.16
N CYS D 375 11.97 54.96 -1.22
CA CYS D 375 11.24 54.25 -0.17
C CYS D 375 11.12 55.14 1.07
N ASP D 376 10.42 56.27 0.90
CA ASP D 376 10.46 57.37 1.83
C ASP D 376 9.13 57.60 2.54
N LEU D 377 8.29 56.57 2.54
CA LEU D 377 7.04 56.57 3.27
C LEU D 377 7.29 56.22 4.74
N ASP D 378 6.25 56.33 5.56
CA ASP D 378 6.27 55.80 6.90
C ASP D 378 6.14 54.27 6.81
N LEU D 379 7.29 53.60 6.82
CA LEU D 379 7.36 52.16 6.70
C LEU D 379 7.51 51.50 8.08
N VAL D 380 7.22 52.27 9.13
CA VAL D 380 7.22 51.79 10.50
C VAL D 380 8.53 51.04 10.79
N ALA D 381 9.64 51.65 10.43
CA ALA D 381 10.93 50.96 10.59
C ALA D 381 11.28 50.60 12.03
N HIS D 382 11.69 49.36 12.28
CA HIS D 382 12.30 48.93 13.57
C HIS D 382 11.32 48.65 14.71
N GLU D 383 10.43 49.58 15.00
CA GLU D 383 9.59 49.47 16.19
C GLU D 383 8.11 49.70 15.90
N ALA D 384 7.25 48.93 16.58
CA ALA D 384 5.81 49.09 16.45
C ALA D 384 5.40 50.54 16.78
N LYS D 385 4.38 51.02 16.07
CA LYS D 385 3.90 52.39 16.24
C LYS D 385 2.41 52.41 16.62
N PRO D 386 2.08 52.63 17.91
CA PRO D 386 0.71 52.97 18.30
C PRO D 386 0.20 54.17 17.49
N ARG D 387 -1.00 54.05 16.93
CA ARG D 387 -1.59 55.13 16.16
C ARG D 387 -3.05 54.79 15.88
N LYS D 388 -3.80 55.81 15.45
CA LYS D 388 -5.19 55.64 15.07
C LYS D 388 -5.27 54.86 13.76
N ILE D 389 -6.02 53.75 13.79
CA ILE D 389 -6.25 52.93 12.61
C ILE D 389 -7.73 52.57 12.54
N ASP D 390 -8.44 53.18 11.58
CA ASP D 390 -9.83 52.85 11.31
C ASP D 390 -9.98 51.88 10.14
N VAL D 391 -9.04 51.95 9.21
CA VAL D 391 -9.06 51.16 7.99
C VAL D 391 -7.67 50.60 7.75
N ALA D 392 -7.60 49.28 7.53
CA ALA D 392 -6.36 48.58 7.27
C ALA D 392 -6.51 47.80 5.97
N LEU D 393 -5.49 47.90 5.11
CA LEU D 393 -5.48 47.27 3.80
C LEU D 393 -4.34 46.24 3.79
N SER D 394 -4.58 45.06 3.20
CA SER D 394 -3.57 44.03 3.10
C SER D 394 -3.40 43.57 1.65
N ASN D 395 -2.15 43.63 1.15
CA ASN D 395 -1.83 43.28 -0.23
C ASN D 395 -1.15 41.92 -0.35
N SER D 396 -1.48 41.18 -1.41
CA SER D 396 -0.70 40.02 -1.82
C SER D 396 -0.57 40.01 -3.34
N PHE D 397 0.65 39.70 -3.82
CA PHE D 397 0.95 39.64 -5.23
C PHE D 397 1.65 38.31 -5.46
N GLY D 398 1.46 37.71 -6.63
CA GLY D 398 1.96 36.36 -6.84
C GLY D 398 2.43 36.10 -8.26
N PHE D 399 3.15 34.98 -8.44
CA PHE D 399 3.53 34.55 -9.77
C PHE D 399 2.34 34.52 -10.72
N GLY D 400 2.59 34.89 -11.97
CA GLY D 400 1.56 35.06 -12.98
C GLY D 400 0.98 36.47 -13.01
N GLY D 401 1.51 37.35 -12.17
CA GLY D 401 1.04 38.72 -12.03
C GLY D 401 -0.31 38.83 -11.32
N THR D 402 -0.64 37.84 -10.50
CA THR D 402 -1.95 37.78 -9.87
C THR D 402 -1.95 38.54 -8.55
N ASN D 403 -2.89 39.50 -8.44
CA ASN D 403 -2.92 40.44 -7.34
C ASN D 403 -4.25 40.37 -6.58
N GLY D 404 -4.15 40.54 -5.26
CA GLY D 404 -5.30 40.60 -4.38
C GLY D 404 -5.09 41.63 -3.26
N THR D 405 -6.16 42.34 -2.91
CA THR D 405 -6.15 43.25 -1.79
C THR D 405 -7.41 43.07 -0.95
N LEU D 406 -7.24 43.05 0.38
CA LEU D 406 -8.34 43.06 1.33
C LEU D 406 -8.36 44.37 2.10
N VAL D 407 -9.57 44.86 2.40
CA VAL D 407 -9.76 46.05 3.21
C VAL D 407 -10.62 45.67 4.42
N PHE D 408 -10.05 45.89 5.60
CA PHE D 408 -10.75 45.72 6.87
C PHE D 408 -10.99 47.08 7.52
N ARG D 409 -12.05 47.13 8.32
CA ARG D 409 -12.42 48.37 9.02
C ARG D 409 -12.81 48.07 10.47
N ARG D 410 -12.54 49.01 11.37
CA ARG D 410 -12.97 48.86 12.78
C ARG D 410 -14.48 48.70 12.80
N PHE D 411 -14.97 47.85 13.69
CA PHE D 411 -16.43 47.60 13.67
C PHE D 411 -17.19 48.29 14.80
N ALA D 412 -18.14 49.14 14.45
CA ALA D 412 -19.11 49.66 15.40
C ALA D 412 -20.57 49.32 14.95
S DMS E . 20.82 -25.05 20.34
O DMS E . 19.90 -23.87 20.30
C1 DMS E . 21.64 -25.02 21.93
C2 DMS E . 22.24 -24.58 19.36
C FMT F . 11.51 -47.39 22.46
O1 FMT F . 11.01 -46.88 23.44
O2 FMT F . 10.81 -48.13 21.58
S DMS G . 4.14 -46.78 -3.43
O DMS G . 5.19 -46.56 -2.39
C1 DMS G . 4.70 -45.94 -4.90
C2 DMS G . 2.80 -45.71 -3.01
S DMS H . 12.93 -47.63 -6.99
O DMS H . 13.21 -46.34 -6.28
C1 DMS H . 11.55 -48.38 -6.14
C2 DMS H . 14.20 -48.77 -6.47
S DMS I . 35.80 -33.50 -18.13
O DMS I . 36.95 -32.95 -17.33
C1 DMS I . 36.49 -34.76 -19.17
C2 DMS I . 35.44 -32.29 -19.38
S DMS J . 14.52 -32.53 -20.10
O DMS J . 15.20 -33.71 -19.49
C1 DMS J . 14.45 -32.83 -21.84
C2 DMS J . 15.71 -31.21 -20.12
S DMS K . 27.56 -46.64 -8.27
O DMS K . 26.78 -46.96 -7.00
C1 DMS K . 27.30 -48.02 -9.37
C2 DMS K . 29.28 -46.94 -7.94
S DMS L . 36.21 -16.51 -4.92
O DMS L . 37.62 -16.42 -4.38
C1 DMS L . 36.07 -18.10 -5.72
C2 DMS L . 36.15 -15.50 -6.38
C1 ZHX M . 19.98 -26.84 -6.85
C2 ZHX M . 18.90 -26.71 -5.85
C3 ZHX M . 18.76 -25.82 -4.83
C4 ZHX M . 20.83 -25.06 -3.86
C5 ZHX M . 21.63 -23.84 -3.45
C6 ZHX M . 22.42 -23.16 -4.57
N1 ZHX M . 19.66 -24.79 -4.47
O1 ZHX M . 21.19 -26.22 -3.66
C7 ZHX M . 23.00 -21.83 -4.11
C8 ZHX M . 23.51 -24.06 -5.11
C9 ZHX M . 17.56 -26.10 -4.10
O2 ZHX M . 17.07 -25.53 -3.13
N2 ZHX M . 16.96 -27.14 -4.77
C10 ZHX M . 15.70 -27.75 -4.40
C11 ZHX M . 14.53 -27.27 -4.95
C12 ZHX M . 13.31 -27.81 -4.55
C13 ZHX M . 13.26 -28.83 -3.62
C14 ZHX M . 14.44 -29.25 -3.02
C15 ZHX M . 15.66 -28.71 -3.39
N3 ZHX M . 17.80 -27.54 -5.83
C16 ZHX M . 17.50 -28.65 -6.73
S DMS N . 31.44 -14.07 15.02
O DMS N . 30.95 -12.72 14.57
C1 DMS N . 33.04 -13.79 15.74
C2 DMS N . 31.95 -14.90 13.54
S DMS O . 14.84 -56.28 -1.53
O DMS O . 13.55 -55.73 -1.00
C1 DMS O . 15.95 -56.38 -0.14
C2 DMS O . 15.62 -54.93 -2.38
S DMS P . 2.80 -31.71 -1.48
O DMS P . 3.62 -30.64 -0.87
C1 DMS P . 3.75 -33.24 -1.29
C2 DMS P . 2.95 -31.52 -3.24
S DMS Q . -0.51 -19.65 -12.94
O DMS Q . 0.35 -20.88 -13.12
C1 DMS Q . -1.62 -19.63 -14.33
C2 DMS Q . 0.51 -18.29 -13.42
S DMS R . 5.32 -22.49 -13.70
O DMS R . 4.72 -23.83 -14.04
C1 DMS R . 4.08 -21.56 -12.84
C2 DMS R . 5.26 -21.56 -15.22
S DMS S . -14.59 -38.43 -5.83
O DMS S . -14.71 -37.05 -6.40
C1 DMS S . -12.86 -38.85 -5.85
C2 DMS S . -15.11 -39.52 -7.11
S DMS T . 5.88 -15.71 21.96
O DMS T . 6.92 -16.79 22.11
C1 DMS T . 6.05 -14.64 23.38
C2 DMS T . 4.35 -16.46 22.42
S DMS U . 9.22 -1.02 2.42
O DMS U . 8.48 -0.47 1.23
C1 DMS U . 10.24 -2.33 1.78
C2 DMS U . 8.04 -2.02 3.31
C1 ZHX V . -9.53 -32.57 7.09
C2 ZHX V . -8.08 -32.26 7.05
C3 ZHX V . -7.18 -32.23 8.07
C4 ZHX V . -8.04 -31.66 10.27
C5 ZHX V . -8.07 -32.07 11.72
C6 ZHX V . -9.41 -32.46 12.36
N1 ZHX V . -7.42 -32.52 9.42
O1 ZHX V . -8.46 -30.59 9.83
C7 ZHX V . -10.44 -33.00 11.38
C8 ZHX V . -9.17 -33.46 13.48
C9 ZHX V . -5.88 -31.89 7.54
O2 ZHX V . -4.79 -31.76 8.12
N2 ZHX V . -6.06 -31.74 6.19
C10 ZHX V . -5.03 -31.38 5.26
C11 ZHX V . -4.31 -32.38 4.61
C12 ZHX V . -3.28 -32.03 3.74
C13 ZHX V . -2.97 -30.71 3.53
C14 ZHX V . -3.65 -29.72 4.21
C15 ZHX V . -4.68 -30.05 5.08
N3 ZHX V . -7.43 -31.95 5.89
C16 ZHX V . -7.98 -31.83 4.54
S DMS W . -18.57 -34.58 24.00
O DMS W . -18.93 -33.82 25.26
C1 DMS W . -19.91 -35.69 23.68
C2 DMS W . -17.36 -35.81 24.47
S DMS X . -2.51 -24.37 32.81
O DMS X . -2.24 -25.81 33.12
C1 DMS X . -3.34 -23.71 34.23
C2 DMS X . -3.88 -24.37 31.69
S DMS Y . -10.04 -18.77 -9.79
O DMS Y . -9.21 -20.05 -9.90
C1 DMS Y . -11.31 -19.09 -8.59
C2 DMS Y . -11.05 -18.69 -11.24
S DMS Z . -24.23 33.69 -12.78
O DMS Z . -24.04 34.09 -11.37
C1 DMS Z . -25.72 34.47 -13.36
C2 DMS Z . -24.87 32.02 -12.70
C FMT AA . -7.44 39.35 -29.47
O1 FMT AA . -7.20 40.46 -29.05
O2 FMT AA . -7.98 38.36 -28.73
S DMS BA . 14.55 18.90 -15.47
O DMS BA . 15.12 19.08 -14.08
C1 DMS BA . 14.70 20.47 -16.30
C2 DMS BA . 12.80 18.84 -15.30
S DMS CA . 1.77 21.81 -7.16
O DMS CA . 0.50 22.24 -6.56
C1 DMS CA . 1.50 21.66 -8.95
C2 DMS CA . 1.89 20.07 -6.76
S DMS DA . 7.49 19.77 -20.63
O DMS DA . 8.14 21.01 -21.14
C1 DMS DA . 8.82 18.70 -20.12
C2 DMS DA . 6.99 18.86 -22.07
S DMS EA . -18.16 -7.58 -19.23
O DMS EA . -17.70 -8.33 -20.46
C1 DMS EA . -18.52 -8.82 -18.02
C2 DMS EA . -19.82 -7.05 -19.59
S DMS FA . -0.05 0.25 -9.96
O DMS FA . -0.66 0.59 -11.30
C1 DMS FA . 0.46 -1.45 -10.05
C2 DMS FA . -1.39 0.02 -8.81
S DMS GA . -24.93 7.74 3.76
O DMS GA . -26.03 7.47 2.75
C1 DMS GA . -23.80 6.37 3.64
C2 DMS GA . -25.61 7.38 5.36
S DMS HA . -9.41 5.01 -29.69
O DMS HA . -8.68 6.30 -29.37
C1 DMS HA . -8.24 3.93 -30.47
C2 DMS HA . -10.42 5.34 -31.13
S DMS IA . -37.08 5.06 -18.44
O DMS IA . -37.15 6.41 -17.77
C1 DMS IA . -38.41 5.02 -19.62
C2 DMS IA . -37.75 3.89 -17.27
S DMS JA . -30.46 4.33 -6.13
O DMS JA . -31.83 4.34 -6.76
C1 DMS JA . -29.50 3.15 -7.04
C2 DMS JA . -30.61 3.41 -4.61
C1 ZHX KA . -12.27 9.56 -8.81
C2 ZHX KA . -11.81 10.92 -8.45
C3 ZHX KA . -12.47 11.88 -7.76
C4 ZHX KA . -14.83 11.80 -8.08
C5 ZHX KA . -16.18 11.84 -7.34
C6 ZHX KA . -17.15 10.69 -7.52
N1 ZHX KA . -13.78 11.83 -7.26
O1 ZHX KA . -14.72 11.80 -9.29
C7 ZHX KA . -16.51 9.34 -7.86
C8 ZHX KA . -17.99 10.58 -6.26
C9 ZHX KA . -11.68 13.06 -7.66
O2 ZHX KA . -11.91 14.13 -7.11
N2 ZHX KA . -10.48 12.75 -8.28
C10 ZHX KA . -9.37 13.64 -8.39
C11 ZHX KA . -8.38 13.64 -7.41
C12 ZHX KA . -7.30 14.51 -7.51
C13 ZHX KA . -7.22 15.40 -8.55
C14 ZHX KA . -8.23 15.45 -9.49
C15 ZHX KA . -9.30 14.57 -9.42
N3 ZHX KA . -10.57 11.41 -8.78
C16 ZHX KA . -9.50 10.76 -9.52
S DMS LA . -9.65 52.10 -19.15
O DMS LA . -9.66 53.13 -20.24
C1 DMS LA . -10.93 52.58 -18.01
C2 DMS LA . -8.24 52.53 -18.13
S DMS MA . 10.81 22.48 -16.02
O DMS MA . 9.84 23.65 -16.05
C1 DMS MA . 12.01 22.86 -17.27
C2 DMS MA . 10.01 21.16 -16.88
S DMS NA . -35.95 24.36 -5.68
O DMS NA . -35.60 23.38 -4.60
C1 DMS NA . -37.50 23.78 -6.35
C2 DMS NA . -34.93 23.94 -7.05
S DMS OA . -32.36 34.37 -8.02
O DMS OA . -33.57 33.58 -8.44
C1 DMS OA . -31.85 33.70 -6.45
C2 DMS OA . -32.96 35.93 -7.43
S DMS PA . 4.51 -4.34 -2.58
O DMS PA . 3.75 -4.65 -1.33
C1 DMS PA . 4.28 -2.60 -2.82
C2 DMS PA . 3.52 -4.92 -3.94
S DMS QA . -27.02 18.25 15.45
O DMS QA . -28.05 19.37 15.42
C1 DMS QA . -27.73 16.93 16.41
C2 DMS QA . -25.76 18.77 16.59
S DMS RA . 3.50 13.48 7.12
O DMS RA . 2.46 12.40 7.21
C1 DMS RA . 4.96 12.69 6.47
C2 DMS RA . 4.09 13.73 8.78
S DMS SA . 1.35 9.83 2.45
O DMS SA . 1.77 9.60 1.04
C1 DMS SA . 1.00 8.25 3.18
C2 DMS SA . -0.30 10.44 2.37
S DMS TA . 20.26 26.17 -4.59
O DMS TA . 20.20 25.44 -3.27
C1 DMS TA . 19.67 25.02 -5.82
C2 DMS TA . 21.97 26.23 -5.08
S DMS UA . -17.63 41.38 1.02
O DMS UA . -18.11 41.09 -0.38
C1 DMS UA . -18.77 42.55 1.75
C2 DMS UA . -16.26 42.50 0.83
S DMS VA . -18.38 22.74 17.02
O DMS VA . -19.76 22.54 16.46
C1 DMS VA . -18.59 23.64 18.54
C2 DMS VA . -17.61 24.02 16.05
S DMS WA . 23.99 38.25 1.26
O DMS WA . 23.45 39.50 1.88
C1 DMS WA . 25.74 38.29 1.56
C2 DMS WA . 24.02 38.57 -0.49
C1 ZHX XA . 8.27 35.38 -4.38
C2 ZHX XA . 7.05 34.61 -4.70
C3 ZHX XA . 5.93 35.05 -5.32
C4 ZHX XA . 5.52 37.35 -4.84
C5 ZHX XA . 5.20 38.70 -5.46
C6 ZHX XA . 6.39 39.48 -6.00
N1 ZHX XA . 5.65 36.36 -5.73
O1 ZHX XA . 5.62 37.16 -3.64
C7 ZHX XA . 5.89 40.77 -6.64
C8 ZHX XA . 7.43 39.78 -4.92
C9 ZHX XA . 4.98 34.00 -5.43
O2 ZHX XA . 3.86 33.98 -5.92
N2 ZHX XA . 5.62 32.88 -4.91
C10 ZHX XA . 5.02 31.57 -4.83
C11 ZHX XA . 5.22 30.64 -5.85
C12 ZHX XA . 4.62 29.40 -5.78
C13 ZHX XA . 3.81 29.07 -4.72
C14 ZHX XA . 3.59 29.99 -3.73
C15 ZHX XA . 4.19 31.25 -3.77
N3 ZHX XA . 6.91 33.26 -4.46
C16 ZHX XA . 7.85 32.35 -3.81
S DMS YA . -32.01 22.71 7.37
O DMS YA . -32.11 21.49 6.50
C1 DMS YA . -32.82 22.30 8.88
C2 DMS YA . -33.19 23.87 6.73
S DMS ZA . -10.72 55.21 -5.67
O DMS ZA . -11.58 54.88 -6.82
C1 DMS ZA . -11.27 54.18 -4.35
C2 DMS ZA . -11.35 56.76 -5.05
S DMS AB . 5.85 7.27 1.43
O DMS AB . 5.86 6.56 0.10
C1 DMS AB . 6.99 6.39 2.47
C2 DMS AB . 4.34 6.77 2.24
S DMS BB . 8.73 54.80 -6.18
O DMS BB . 9.12 55.89 -5.23
C1 DMS BB . 10.10 54.55 -7.28
C2 DMS BB . 7.60 55.55 -7.33
#